data_3Q6I
#
_entry.id   3Q6I
#
_cell.length_a   63.069
_cell.length_b   71.027
_cell.length_c   92.917
_cell.angle_alpha   105.020
_cell.angle_beta   97.060
_cell.angle_gamma   93.660
#
_symmetry.space_group_name_H-M   'P 1'
#
loop_
_entity.id
_entity.type
_entity.pdbx_description
1 polymer '3-oxoacyl-(Acyl-carrier-protein) reductase'
2 non-polymer NICOTINAMIDE-ADENINE-DINUCLEOTIDE
3 non-polymer (2S,5R,8R,11S,14S,17S,21R)-5,8,11,14,17-PENTAMETHYL-4,7,10,13,16,19-HEXAOXADOCOSANE-2,21-DIOL
4 water water
#
_entity_poly.entity_id   1
_entity_poly.type   'polypeptide(L)'
_entity_poly.pdbx_seq_one_letter_code
;HHHHHHGSGPGSFLARQLGVPQPETLRRYRAGEPPLTGSLLIGGAGRVVEPLRAALEKDYDLVGNNLGGRWADSFGGLVF
DATGITEPAGLKGLHEFFTPVLRNLGRCGRVVVVGGTPEAAASTNERIAQRALEGFTRSLGKELRRGATTALVYLSPDAK
PAATGLESTMRFLLSAKSAYVDGQVFSVGADDSTPPADWEKPLDGKVAIVTGAARGIGATIAEVFARDGAHVVAIDVESA
AENLAETASKVGGTALWLDVTADDAVDKISEHLRDHHGGKADILVNNAGITRDKLLANMDDARWDAVLAVNLLAPLRLTE
GLVGNGSIGEGGRVIGLSSIAGIAGNRGQTNYATTKAGMIGITQALAPGLAAKGITINAVAPGFIETQMTAAIPLATREV
GRRLNSLLQGGQPVDVAEAIAYFASPASNAVTGNVIRVCGQAMIGA
;
_entity_poly.pdbx_strand_id   A,B,C,D
#
loop_
_chem_comp.id
_chem_comp.type
_chem_comp.name
_chem_comp.formula
NAD non-polymer NICOTINAMIDE-ADENINE-DINUCLEOTIDE 'C21 H27 N7 O14 P2'
ZPG non-polymer (2S,5R,8R,11S,14S,17S,21R)-5,8,11,14,17-PENTAMETHYL-4,7,10,13,16,19-HEXAOXADOCOSANE-2,21-DIOL 'C21 H44 O8'
#
# COMPACT_ATOMS: atom_id res chain seq x y z
N SER A 12 9.81 -16.13 -14.27
CA SER A 12 10.55 -16.08 -15.58
C SER A 12 10.40 -17.36 -16.42
N PHE A 13 9.20 -17.56 -16.96
CA PHE A 13 8.83 -18.82 -17.58
C PHE A 13 9.39 -19.09 -18.97
N LEU A 14 10.09 -18.14 -19.55
CA LEU A 14 10.73 -18.38 -20.83
C LEU A 14 12.25 -18.34 -20.72
N ALA A 15 12.78 -18.72 -19.55
CA ALA A 15 14.21 -18.60 -19.32
C ALA A 15 15.02 -19.64 -20.09
N ARG A 16 14.42 -20.82 -20.28
CA ARG A 16 14.89 -21.80 -21.23
C ARG A 16 14.82 -21.24 -22.66
N GLN A 17 13.69 -20.69 -23.07
CA GLN A 17 13.58 -20.27 -24.46
C GLN A 17 14.54 -19.18 -24.86
N LEU A 18 14.69 -18.19 -23.99
CA LEU A 18 15.66 -17.10 -24.15
C LEU A 18 16.74 -17.45 -23.14
N GLY A 19 17.95 -17.76 -23.56
CA GLY A 19 18.89 -18.37 -22.60
C GLY A 19 19.23 -17.43 -21.47
N VAL A 20 18.38 -17.35 -20.45
CA VAL A 20 18.46 -16.24 -19.51
C VAL A 20 18.41 -16.67 -18.03
N PRO A 21 19.20 -16.02 -17.16
CA PRO A 21 19.22 -16.37 -15.72
C PRO A 21 17.91 -16.08 -15.00
N GLN A 22 17.68 -16.76 -13.87
CA GLN A 22 16.63 -16.33 -12.96
C GLN A 22 16.98 -14.91 -12.49
N PRO A 23 15.97 -14.05 -12.31
CA PRO A 23 16.22 -12.71 -11.81
C PRO A 23 16.62 -12.70 -10.34
N GLU A 24 17.29 -11.64 -9.90
CA GLU A 24 17.44 -11.32 -8.47
C GLU A 24 16.14 -10.71 -7.91
N THR A 25 15.74 -11.09 -6.70
CA THR A 25 14.75 -10.29 -5.99
C THR A 25 15.52 -9.04 -5.67
N LEU A 26 15.10 -7.96 -6.29
CA LEU A 26 15.70 -6.65 -6.07
C LEU A 26 15.29 -6.10 -4.72
N ARG A 27 16.30 -5.71 -3.98
CA ARG A 27 16.14 -5.09 -2.70
C ARG A 27 15.65 -3.69 -2.96
N ARG A 28 14.51 -3.36 -2.35
CA ARG A 28 13.94 -2.00 -2.42
C ARG A 28 13.93 -1.39 -1.03
N TYR A 29 13.49 -0.15 -0.91
CA TYR A 29 13.66 0.60 0.34
C TYR A 29 12.79 0.13 1.49
N ARG A 30 13.42 -0.02 2.66
CA ARG A 30 12.71 -0.20 3.92
C ARG A 30 13.23 0.73 5.00
N ALA A 31 12.33 1.45 5.65
CA ALA A 31 12.76 2.31 6.75
C ALA A 31 13.49 1.48 7.81
N GLY A 32 14.60 2.04 8.33
CA GLY A 32 15.38 1.37 9.36
C GLY A 32 16.55 0.56 8.84
N GLU A 33 16.34 -0.15 7.73
CA GLU A 33 17.41 -0.90 7.04
C GLU A 33 18.58 -0.01 6.57
N PRO A 34 19.84 -0.46 6.75
CA PRO A 34 20.98 0.28 6.19
C PRO A 34 20.81 0.45 4.67
N PRO A 35 21.43 1.49 4.07
CA PRO A 35 21.17 1.84 2.68
C PRO A 35 21.73 0.81 1.69
N LEU A 36 22.97 0.40 1.93
CA LEU A 36 23.61 -0.69 1.22
C LEU A 36 23.81 -1.84 2.17
N THR A 37 23.89 -3.03 1.59
CA THR A 37 24.03 -4.27 2.34
C THR A 37 25.45 -4.71 2.65
N GLY A 38 26.43 -3.93 2.18
CA GLY A 38 27.83 -4.14 2.53
C GLY A 38 28.58 -2.86 2.83
N SER A 39 29.90 -2.96 2.88
CA SER A 39 30.75 -1.79 3.08
C SER A 39 30.94 -0.98 1.78
N LEU A 40 31.33 0.29 1.94
CA LEU A 40 31.44 1.24 0.82
C LEU A 40 32.90 1.51 0.53
N LEU A 41 33.31 1.31 -0.73
CA LEU A 41 34.67 1.58 -1.16
C LEU A 41 34.73 2.82 -2.03
N ILE A 42 35.44 3.84 -1.57
CA ILE A 42 35.51 5.06 -2.38
C ILE A 42 36.92 5.33 -2.94
N GLY A 43 37.21 4.77 -4.10
CA GLY A 43 38.52 4.96 -4.70
C GLY A 43 38.66 6.06 -5.74
N GLY A 44 39.79 5.96 -6.46
CA GLY A 44 40.18 6.94 -7.44
C GLY A 44 40.94 8.12 -6.90
N ALA A 45 41.07 9.13 -7.74
CA ALA A 45 41.82 10.34 -7.46
C ALA A 45 41.11 11.50 -8.18
N GLY A 46 41.20 12.67 -7.57
CA GLY A 46 40.49 13.82 -8.03
C GLY A 46 39.84 14.52 -6.86
N ARG A 47 38.91 15.39 -7.20
CA ARG A 47 38.38 16.37 -6.30
C ARG A 47 37.09 15.89 -5.64
N VAL A 48 36.82 14.58 -5.75
CA VAL A 48 35.59 14.00 -5.20
C VAL A 48 35.83 12.94 -4.08
N VAL A 49 36.97 12.23 -4.15
CA VAL A 49 37.24 11.14 -3.23
C VAL A 49 37.12 11.57 -1.75
N GLU A 50 37.90 12.60 -1.34
CA GLU A 50 37.92 13.13 0.04
C GLU A 50 36.58 13.74 0.55
N PRO A 51 35.98 14.71 -0.19
CA PRO A 51 34.68 15.26 0.22
C PRO A 51 33.66 14.18 0.51
N LEU A 52 33.56 13.23 -0.42
CA LEU A 52 32.56 12.18 -0.39
C LEU A 52 32.80 11.18 0.75
N ARG A 53 34.04 10.68 0.82
CA ARG A 53 34.46 9.94 2.01
C ARG A 53 33.93 10.68 3.26
N ALA A 54 34.08 11.99 3.28
CA ALA A 54 33.68 12.76 4.43
C ALA A 54 32.16 12.82 4.63
N ALA A 55 31.42 13.09 3.57
CA ALA A 55 29.97 13.24 3.67
C ALA A 55 29.26 11.92 4.01
N LEU A 56 29.96 10.81 3.88
CA LEU A 56 29.32 9.50 4.01
C LEU A 56 29.82 8.68 5.18
N GLU A 57 30.86 9.16 5.85
CA GLU A 57 31.40 8.50 7.07
C GLU A 57 30.31 7.93 7.90
N LYS A 58 29.38 8.78 8.35
CA LYS A 58 28.41 8.37 9.38
C LYS A 58 27.22 7.53 8.84
N ASP A 59 26.67 7.86 7.69
CA ASP A 59 25.52 7.08 7.27
C ASP A 59 25.87 5.77 6.59
N TYR A 60 27.14 5.67 6.17
CA TYR A 60 27.64 4.50 5.50
C TYR A 60 28.86 3.90 6.21
N ASP A 61 29.41 2.88 5.57
CA ASP A 61 30.27 1.90 6.18
C ASP A 61 31.55 1.82 5.37
N LEU A 62 32.31 2.91 5.44
CA LEU A 62 33.52 3.12 4.65
C LEU A 62 34.71 2.19 4.96
N VAL A 63 35.09 1.35 3.97
CA VAL A 63 36.45 0.77 3.97
C VAL A 63 37.44 1.88 3.61
N GLY A 64 38.44 2.13 4.46
CA GLY A 64 38.60 1.44 5.73
C GLY A 64 39.06 2.40 6.80
N ASP A 73 34.19 -10.73 3.98
CA ASP A 73 33.34 -9.52 3.86
C ASP A 73 32.73 -9.34 2.45
N SER A 74 32.09 -8.21 2.20
CA SER A 74 31.37 -8.00 0.95
C SER A 74 31.13 -6.52 0.70
N PHE A 75 31.29 -6.06 -0.53
CA PHE A 75 31.11 -4.65 -0.83
C PHE A 75 29.65 -4.31 -1.17
N GLY A 76 29.10 -3.34 -0.45
CA GLY A 76 27.78 -2.80 -0.76
C GLY A 76 27.86 -1.87 -1.94
N GLY A 77 28.92 -1.06 -1.95
CA GLY A 77 29.09 0.00 -2.91
C GLY A 77 30.52 0.06 -3.42
N LEU A 78 30.67 0.58 -4.64
CA LEU A 78 31.97 0.85 -5.26
C LEU A 78 31.83 2.18 -5.97
N VAL A 79 32.40 3.24 -5.41
CA VAL A 79 32.39 4.57 -6.06
C VAL A 79 33.81 4.81 -6.59
N PHE A 80 33.93 5.15 -7.86
CA PHE A 80 35.23 5.53 -8.39
C PHE A 80 35.24 6.95 -8.90
N ASP A 81 36.25 7.67 -8.40
CA ASP A 81 36.52 9.04 -8.77
C ASP A 81 37.42 9.15 -10.01
N ALA A 82 36.77 9.49 -11.13
CA ALA A 82 37.43 9.67 -12.42
C ALA A 82 37.83 11.13 -12.72
N THR A 83 37.47 12.07 -11.85
CA THR A 83 37.70 13.48 -12.13
C THR A 83 39.19 13.77 -12.20
N GLY A 84 39.98 12.95 -11.51
CA GLY A 84 41.43 13.09 -11.58
C GLY A 84 42.02 12.75 -12.92
N ILE A 85 41.24 12.11 -13.79
CA ILE A 85 41.77 11.62 -15.06
C ILE A 85 41.64 12.71 -16.15
N THR A 86 42.76 13.36 -16.46
CA THR A 86 42.74 14.51 -17.33
C THR A 86 43.15 14.18 -18.76
N GLU A 87 43.63 12.96 -18.99
CA GLU A 87 43.96 12.49 -20.34
C GLU A 87 43.53 11.06 -20.54
N PRO A 88 43.36 10.62 -21.81
CA PRO A 88 42.94 9.24 -22.09
C PRO A 88 43.85 8.15 -21.52
N ALA A 89 45.13 8.45 -21.28
CA ALA A 89 46.09 7.50 -20.72
C ALA A 89 45.82 7.22 -19.25
N GLY A 90 45.03 8.06 -18.60
CA GLY A 90 44.71 7.90 -17.18
C GLY A 90 43.61 6.87 -17.00
N LEU A 91 42.76 6.74 -18.01
CA LEU A 91 41.67 5.77 -18.03
C LEU A 91 42.07 4.40 -17.49
N LYS A 92 43.36 4.05 -17.64
CA LYS A 92 43.89 2.82 -17.05
C LYS A 92 43.38 2.60 -15.60
N GLY A 93 43.17 3.68 -14.86
CA GLY A 93 42.68 3.57 -13.49
C GLY A 93 41.39 2.80 -13.23
N LEU A 94 40.39 2.97 -14.12
CA LEU A 94 39.12 2.25 -14.04
C LEU A 94 39.47 0.78 -13.90
N HIS A 95 40.26 0.31 -14.85
CA HIS A 95 40.86 -0.99 -14.79
C HIS A 95 41.51 -1.27 -13.40
N GLU A 96 42.49 -0.45 -13.03
CA GLU A 96 43.26 -0.69 -11.81
C GLU A 96 42.42 -0.81 -10.54
N PHE A 97 41.41 0.03 -10.41
CA PHE A 97 40.51 0.03 -9.26
C PHE A 97 39.45 -1.06 -9.35
N PHE A 98 38.81 -1.21 -10.50
CA PHE A 98 37.66 -2.11 -10.59
C PHE A 98 37.95 -3.59 -10.61
N THR A 99 39.04 -3.95 -11.27
CA THR A 99 39.33 -5.36 -11.54
C THR A 99 39.55 -6.21 -10.27
N PRO A 100 40.27 -5.69 -9.26
CA PRO A 100 40.41 -6.53 -8.10
C PRO A 100 39.25 -6.40 -7.11
N VAL A 101 38.15 -5.77 -7.48
CA VAL A 101 37.05 -5.65 -6.50
C VAL A 101 35.68 -6.24 -6.92
N LEU A 102 35.39 -6.25 -8.23
CA LEU A 102 34.18 -6.83 -8.77
C LEU A 102 33.97 -8.26 -8.24
N ARG A 103 35.05 -9.01 -8.11
CA ARG A 103 34.99 -10.31 -7.48
C ARG A 103 34.15 -10.24 -6.17
N ASN A 104 34.16 -9.10 -5.49
CA ASN A 104 33.61 -9.04 -4.15
C ASN A 104 32.34 -8.20 -3.99
N LEU A 105 31.74 -7.82 -5.11
CA LEU A 105 30.59 -6.95 -5.05
C LEU A 105 29.38 -7.77 -4.63
N GLY A 106 28.78 -7.40 -3.51
CA GLY A 106 27.60 -8.08 -2.99
C GLY A 106 26.33 -7.95 -3.81
N ARG A 107 25.28 -8.57 -3.28
CA ARG A 107 23.94 -8.64 -3.84
C ARG A 107 23.38 -7.23 -3.97
N CYS A 108 22.91 -6.87 -5.16
CA CYS A 108 22.38 -5.52 -5.36
C CYS A 108 23.37 -4.41 -5.01
N GLY A 109 24.64 -4.63 -5.35
CA GLY A 109 25.67 -3.64 -5.12
C GLY A 109 25.56 -2.44 -6.04
N ARG A 110 26.34 -1.41 -5.73
CA ARG A 110 26.20 -0.13 -6.41
C ARG A 110 27.56 0.40 -6.80
N VAL A 111 27.73 0.58 -8.10
CA VAL A 111 28.97 1.08 -8.66
C VAL A 111 28.64 2.41 -9.32
N VAL A 112 29.32 3.46 -8.90
CA VAL A 112 29.09 4.75 -9.48
C VAL A 112 30.45 5.28 -9.83
N VAL A 113 30.64 5.66 -11.09
CA VAL A 113 31.82 6.42 -11.48
C VAL A 113 31.44 7.91 -11.42
N VAL A 114 32.31 8.76 -10.91
CA VAL A 114 32.01 10.17 -10.87
C VAL A 114 33.08 10.83 -11.71
N GLY A 115 32.63 11.61 -12.70
CA GLY A 115 33.54 12.40 -13.54
C GLY A 115 33.12 13.87 -13.63
N GLY A 116 33.98 14.68 -14.23
CA GLY A 116 33.65 16.09 -14.47
C GLY A 116 33.05 16.29 -15.85
N THR A 117 31.90 16.96 -15.88
CA THR A 117 31.19 17.40 -17.08
C THR A 117 32.10 17.63 -18.30
N PRO A 118 32.04 16.70 -19.27
CA PRO A 118 32.95 16.72 -20.44
C PRO A 118 32.93 18.02 -21.26
N GLU A 119 31.76 18.59 -21.53
CA GLU A 119 31.70 19.93 -22.19
C GLU A 119 32.38 21.08 -21.40
N ALA A 120 32.71 20.83 -20.14
CA ALA A 120 33.13 21.88 -19.27
C ALA A 120 34.59 21.72 -18.97
N ALA A 121 35.17 20.61 -19.44
CA ALA A 121 36.53 20.21 -19.08
C ALA A 121 37.60 21.27 -19.35
N ALA A 122 38.69 21.22 -18.59
CA ALA A 122 39.77 22.19 -18.73
C ALA A 122 40.65 21.96 -19.96
N SER A 123 40.51 20.80 -20.61
CA SER A 123 41.21 20.55 -21.91
C SER A 123 40.38 19.69 -22.84
N THR A 124 40.75 19.62 -24.11
CA THR A 124 40.05 18.65 -24.98
C THR A 124 40.48 17.25 -24.53
N ASN A 125 41.79 17.07 -24.30
CA ASN A 125 42.32 15.86 -23.68
C ASN A 125 41.47 15.35 -22.49
N GLU A 126 41.28 16.20 -21.47
CA GLU A 126 40.36 15.87 -20.35
C GLU A 126 39.00 15.46 -20.87
N ARG A 127 38.45 16.25 -21.81
CA ARG A 127 37.07 16.04 -22.24
C ARG A 127 36.87 14.67 -22.88
N ILE A 128 37.86 14.21 -23.66
CA ILE A 128 37.83 12.91 -24.32
C ILE A 128 37.78 11.77 -23.30
N ALA A 129 38.72 11.77 -22.35
CA ALA A 129 38.68 10.84 -21.20
C ALA A 129 37.33 10.83 -20.40
N GLN A 130 36.75 12.00 -20.15
CA GLN A 130 35.53 11.99 -19.33
C GLN A 130 34.35 11.54 -20.16
N ARG A 131 34.35 11.85 -21.45
CA ARG A 131 33.24 11.44 -22.31
C ARG A 131 33.25 9.94 -22.44
N ALA A 132 34.46 9.39 -22.55
CA ALA A 132 34.67 8.01 -22.82
C ALA A 132 34.11 7.18 -21.70
N LEU A 133 33.91 7.81 -20.55
CA LEU A 133 33.45 7.08 -19.36
C LEU A 133 32.13 6.38 -19.58
N GLU A 134 31.24 6.93 -20.41
CA GLU A 134 29.96 6.29 -20.51
C GLU A 134 30.08 4.84 -21.03
N GLY A 135 31.06 4.63 -21.89
CA GLY A 135 31.20 3.38 -22.58
C GLY A 135 31.56 2.40 -21.54
N PHE A 136 32.33 2.86 -20.56
CA PHE A 136 32.82 2.02 -19.49
C PHE A 136 31.68 1.67 -18.57
N THR A 137 31.00 2.68 -18.07
CA THR A 137 29.91 2.42 -17.16
C THR A 137 28.80 1.53 -17.76
N ARG A 138 28.30 1.89 -18.95
CA ARG A 138 27.22 1.05 -19.56
C ARG A 138 27.66 -0.38 -19.90
N SER A 139 28.92 -0.56 -20.28
CA SER A 139 29.45 -1.89 -20.47
C SER A 139 29.50 -2.60 -19.11
N LEU A 140 30.01 -1.92 -18.06
CA LEU A 140 30.09 -2.59 -16.75
C LEU A 140 28.68 -3.00 -16.26
N GLY A 141 27.72 -2.10 -16.45
CA GLY A 141 26.30 -2.39 -16.19
C GLY A 141 25.94 -3.77 -16.73
N LYS A 142 26.47 -4.13 -17.90
CA LYS A 142 26.17 -5.42 -18.53
C LYS A 142 26.97 -6.65 -18.04
N GLU A 143 27.86 -6.45 -17.07
CA GLU A 143 28.70 -7.56 -16.58
C GLU A 143 28.36 -7.93 -15.15
N LEU A 144 27.67 -7.02 -14.43
CA LEU A 144 27.47 -7.17 -12.98
C LEU A 144 26.48 -8.31 -12.71
N ARG A 145 26.43 -8.83 -11.49
CA ARG A 145 25.61 -10.01 -11.23
C ARG A 145 24.60 -9.74 -10.10
N ARG A 146 23.78 -10.73 -9.79
CA ARG A 146 22.95 -10.75 -8.58
C ARG A 146 22.34 -9.40 -8.15
N GLY A 147 21.79 -8.67 -9.12
CA GLY A 147 21.03 -7.47 -8.83
C GLY A 147 21.79 -6.16 -8.85
N ALA A 148 23.12 -6.23 -8.92
CA ALA A 148 23.98 -5.04 -8.82
C ALA A 148 23.84 -4.18 -10.06
N THR A 149 24.12 -2.87 -9.92
CA THR A 149 23.87 -1.91 -11.01
C THR A 149 25.01 -0.90 -11.13
N THR A 150 25.13 -0.26 -12.29
CA THR A 150 26.10 0.80 -12.45
C THR A 150 25.42 2.13 -12.78
N ALA A 151 26.14 3.22 -12.46
CA ALA A 151 25.74 4.58 -12.77
C ALA A 151 27.00 5.40 -13.02
N LEU A 152 26.87 6.42 -13.87
CA LEU A 152 27.89 7.45 -14.08
C LEU A 152 27.33 8.80 -13.69
N VAL A 153 28.10 9.57 -12.92
CA VAL A 153 27.63 10.90 -12.53
C VAL A 153 28.65 11.91 -12.86
N TYR A 154 28.25 12.91 -13.65
CA TYR A 154 29.14 14.05 -13.95
C TYR A 154 28.83 15.22 -13.02
N LEU A 155 29.91 15.84 -12.53
CA LEU A 155 29.82 17.01 -11.67
C LEU A 155 30.55 18.16 -12.32
N SER A 156 29.94 19.34 -12.20
CA SER A 156 30.50 20.55 -12.74
C SER A 156 31.87 20.87 -12.14
N PRO A 157 32.83 21.26 -12.99
CA PRO A 157 34.12 21.67 -12.41
C PRO A 157 34.00 22.95 -11.57
N ASP A 158 32.93 23.72 -11.75
CA ASP A 158 32.70 24.87 -10.87
C ASP A 158 32.04 24.52 -9.52
N ALA A 159 31.87 23.22 -9.22
CA ALA A 159 31.40 22.82 -7.90
C ALA A 159 32.52 23.00 -6.91
N LYS A 160 32.20 23.60 -5.76
CA LYS A 160 33.18 23.85 -4.69
C LYS A 160 33.76 22.52 -4.22
N PRO A 161 34.92 22.55 -3.56
CA PRO A 161 35.47 21.24 -3.22
C PRO A 161 34.63 20.39 -2.28
N ALA A 162 33.83 20.97 -1.39
CA ALA A 162 32.96 20.10 -0.57
C ALA A 162 31.92 19.30 -1.39
N ALA A 163 31.47 19.88 -2.50
CA ALA A 163 30.51 19.19 -3.40
C ALA A 163 29.24 18.72 -2.70
N THR A 164 28.62 19.61 -1.97
CA THR A 164 27.34 19.34 -1.37
C THR A 164 26.28 19.02 -2.41
N GLY A 165 26.40 19.62 -3.61
CA GLY A 165 25.42 19.46 -4.69
C GLY A 165 25.32 18.04 -5.27
N LEU A 166 26.35 17.25 -4.99
CA LEU A 166 26.44 15.87 -5.41
C LEU A 166 25.75 14.95 -4.42
N GLU A 167 25.40 15.43 -3.23
CA GLU A 167 24.96 14.46 -2.20
C GLU A 167 23.64 13.67 -2.43
N SER A 168 22.59 14.36 -2.89
CA SER A 168 21.29 13.74 -3.03
C SER A 168 21.46 12.65 -4.05
N THR A 169 22.30 12.90 -5.05
CA THR A 169 22.49 11.92 -6.15
C THR A 169 23.24 10.69 -5.69
N MET A 170 24.37 10.88 -5.03
CA MET A 170 25.09 9.74 -4.47
C MET A 170 24.21 8.93 -3.54
N ARG A 171 23.43 9.60 -2.69
CA ARG A 171 22.53 8.91 -1.71
C ARG A 171 21.36 8.18 -2.34
N PHE A 172 20.87 8.69 -3.45
CA PHE A 172 19.89 7.91 -4.22
C PHE A 172 20.47 6.63 -4.84
N LEU A 173 21.61 6.72 -5.51
CA LEU A 173 22.24 5.54 -6.12
C LEU A 173 22.76 4.58 -5.09
N LEU A 174 23.42 5.10 -4.05
CA LEU A 174 23.99 4.27 -3.02
C LEU A 174 22.92 3.86 -2.04
N SER A 175 21.78 3.45 -2.59
CA SER A 175 20.71 2.88 -1.77
C SER A 175 19.81 1.94 -2.56
N ALA A 176 18.94 1.25 -1.84
CA ALA A 176 17.81 0.45 -2.36
C ALA A 176 16.82 1.20 -3.30
N LYS A 177 16.71 2.52 -3.19
CA LYS A 177 15.71 3.25 -3.94
C LYS A 177 15.96 3.20 -5.46
N SER A 178 17.23 3.21 -5.87
CA SER A 178 17.65 3.22 -7.28
C SER A 178 17.68 1.77 -7.84
N ALA A 179 16.79 0.93 -7.27
CA ALA A 179 16.83 -0.48 -7.48
C ALA A 179 16.68 -0.85 -8.94
N TYR A 180 15.90 -0.08 -9.68
CA TYR A 180 15.72 -0.27 -11.12
C TYR A 180 16.44 0.80 -11.96
N VAL A 181 17.25 1.68 -11.35
CA VAL A 181 17.98 2.65 -12.18
C VAL A 181 19.29 2.01 -12.52
N ASP A 182 19.57 1.86 -13.81
CA ASP A 182 20.78 1.11 -14.21
C ASP A 182 21.40 1.61 -15.51
N GLY A 183 22.73 1.69 -15.53
CA GLY A 183 23.50 2.18 -16.67
C GLY A 183 23.25 3.64 -17.08
N GLN A 184 22.67 4.45 -16.18
CA GLN A 184 22.28 5.80 -16.55
C GLN A 184 23.39 6.81 -16.27
N VAL A 185 23.13 8.08 -16.63
CA VAL A 185 24.10 9.17 -16.57
C VAL A 185 23.40 10.36 -15.91
N PHE A 186 23.91 10.81 -14.77
CA PHE A 186 23.38 11.93 -14.03
C PHE A 186 24.27 13.14 -14.21
N SER A 187 23.66 14.31 -14.31
CA SER A 187 24.44 15.51 -14.50
C SER A 187 24.20 16.53 -13.37
N VAL A 188 25.19 16.69 -12.53
CA VAL A 188 25.03 17.52 -11.36
C VAL A 188 25.80 18.81 -11.62
N GLY A 189 25.07 19.92 -11.59
CA GLY A 189 25.58 21.24 -11.92
C GLY A 189 26.54 21.77 -10.86
N ALA A 190 26.55 23.09 -10.70
CA ALA A 190 27.59 23.74 -9.90
C ALA A 190 27.15 24.28 -8.54
N ASP A 191 25.85 24.41 -8.31
CA ASP A 191 25.32 25.00 -7.08
C ASP A 191 25.60 24.13 -5.85
N ASP A 192 25.73 24.78 -4.70
CA ASP A 192 25.73 24.11 -3.42
C ASP A 192 24.39 23.53 -3.09
N SER A 193 24.34 22.67 -2.07
CA SER A 193 23.08 22.08 -1.58
C SER A 193 23.05 22.00 -0.06
N THR A 194 21.83 21.99 0.47
CA THR A 194 21.63 21.79 1.90
C THR A 194 20.81 20.53 2.10
N PRO A 195 21.37 19.56 2.87
CA PRO A 195 20.72 18.33 3.26
C PRO A 195 19.33 18.58 3.81
N PRO A 196 18.40 17.66 3.57
CA PRO A 196 17.13 17.87 4.20
C PRO A 196 17.34 17.65 5.68
N ALA A 197 16.40 18.05 6.52
CA ALA A 197 16.59 17.86 7.96
C ALA A 197 16.93 16.42 8.24
N ASP A 198 16.30 15.53 7.49
CA ASP A 198 16.33 14.11 7.74
C ASP A 198 16.34 13.43 6.38
N TRP A 199 17.45 12.79 6.02
CA TRP A 199 17.55 12.18 4.68
C TRP A 199 16.43 11.15 4.47
N GLU A 200 15.89 10.63 5.56
CA GLU A 200 14.87 9.62 5.44
C GLU A 200 13.48 10.22 5.48
N LYS A 201 13.36 11.52 5.72
CA LYS A 201 12.09 12.21 5.46
C LYS A 201 12.31 13.47 4.61
N PRO A 202 12.80 13.28 3.38
CA PRO A 202 13.34 14.43 2.66
C PRO A 202 12.29 15.40 2.20
N LEU A 203 11.04 15.00 2.13
CA LEU A 203 10.07 15.93 1.58
C LEU A 203 9.13 16.45 2.67
N ASP A 204 9.71 16.72 3.83
CA ASP A 204 8.98 17.13 5.03
C ASP A 204 8.34 18.50 4.83
N GLY A 205 7.03 18.58 5.06
CA GLY A 205 6.26 19.81 4.82
C GLY A 205 6.28 20.39 3.40
N LYS A 206 6.41 19.50 2.39
CA LYS A 206 6.30 19.90 0.98
C LYS A 206 4.92 19.62 0.38
N VAL A 207 4.55 20.42 -0.62
CA VAL A 207 3.25 20.29 -1.25
C VAL A 207 3.49 19.83 -2.66
N ALA A 208 2.97 18.65 -2.95
CA ALA A 208 3.24 17.97 -4.20
C ALA A 208 1.94 17.80 -5.00
N ILE A 209 1.90 18.34 -6.21
CA ILE A 209 0.77 18.03 -7.12
C ILE A 209 1.14 16.83 -8.01
N VAL A 210 0.28 15.80 -8.04
CA VAL A 210 0.58 14.59 -8.84
C VAL A 210 -0.59 14.30 -9.75
N THR A 211 -0.40 14.52 -11.05
CA THR A 211 -1.50 14.33 -11.97
C THR A 211 -1.53 12.87 -12.31
N GLY A 212 -2.72 12.39 -12.64
CA GLY A 212 -2.95 10.99 -12.89
C GLY A 212 -2.70 10.10 -11.70
N ALA A 213 -3.22 10.47 -10.54
CA ALA A 213 -2.87 9.80 -9.27
C ALA A 213 -3.84 8.74 -8.81
N ALA A 214 -4.86 8.44 -9.61
CA ALA A 214 -5.92 7.51 -9.21
C ALA A 214 -5.39 6.12 -8.97
N ARG A 215 -4.42 5.74 -9.80
CA ARG A 215 -3.89 4.38 -9.85
C ARG A 215 -2.51 4.34 -10.46
N GLY A 216 -1.83 3.21 -10.28
CA GLY A 216 -0.65 2.91 -11.05
C GLY A 216 0.53 3.72 -10.60
N ILE A 217 1.26 4.27 -11.56
CA ILE A 217 2.50 4.96 -11.25
C ILE A 217 2.18 6.20 -10.44
N GLY A 218 1.23 7.00 -10.95
CA GLY A 218 0.79 8.22 -10.26
C GLY A 218 0.39 7.99 -8.82
N ALA A 219 -0.23 6.87 -8.55
CA ALA A 219 -0.70 6.58 -7.25
C ALA A 219 0.51 6.31 -6.39
N THR A 220 1.40 5.47 -6.87
CA THR A 220 2.58 5.12 -6.13
C THR A 220 3.53 6.32 -5.96
N ILE A 221 3.54 7.25 -6.91
CA ILE A 221 4.26 8.49 -6.69
C ILE A 221 3.74 9.10 -5.41
N ALA A 222 2.45 9.37 -5.38
CA ALA A 222 1.81 9.89 -4.20
C ALA A 222 2.29 9.13 -2.95
N GLU A 223 2.23 7.81 -2.95
CA GLU A 223 2.56 7.06 -1.77
C GLU A 223 3.96 7.41 -1.31
N VAL A 224 4.92 7.28 -2.22
CA VAL A 224 6.32 7.56 -1.91
C VAL A 224 6.48 9.00 -1.44
N PHE A 225 5.90 9.94 -2.19
CA PHE A 225 5.91 11.35 -1.78
C PHE A 225 5.48 11.45 -0.34
N ALA A 226 4.32 10.87 -0.01
CA ALA A 226 3.76 10.93 1.34
C ALA A 226 4.62 10.19 2.33
N ARG A 227 5.39 9.20 1.87
CA ARG A 227 6.21 8.43 2.80
C ARG A 227 7.39 9.29 3.22
N ASP A 228 7.82 10.10 2.25
CA ASP A 228 8.92 11.03 2.38
C ASP A 228 8.55 12.33 3.14
N GLY A 229 7.27 12.50 3.46
CA GLY A 229 6.80 13.64 4.25
C GLY A 229 5.90 14.68 3.59
N ALA A 230 5.64 14.53 2.29
CA ALA A 230 4.88 15.54 1.57
C ALA A 230 3.36 15.48 1.78
N HIS A 231 2.72 16.64 1.67
CA HIS A 231 1.27 16.74 1.51
C HIS A 231 0.92 16.60 0.01
N VAL A 232 0.10 15.60 -0.34
CA VAL A 232 -0.18 15.34 -1.77
C VAL A 232 -1.56 15.80 -2.26
N VAL A 233 -1.57 16.36 -3.46
CA VAL A 233 -2.79 16.77 -4.16
C VAL A 233 -2.96 15.85 -5.37
N ALA A 234 -3.83 14.85 -5.21
CA ALA A 234 -3.95 13.74 -6.15
C ALA A 234 -4.94 14.08 -7.24
N ILE A 235 -4.45 14.36 -8.44
CA ILE A 235 -5.36 14.73 -9.51
C ILE A 235 -5.67 13.58 -10.45
N ASP A 236 -6.95 13.34 -10.65
CA ASP A 236 -7.39 12.55 -11.78
C ASP A 236 -8.73 13.10 -12.26
N VAL A 237 -9.34 12.43 -13.24
CA VAL A 237 -10.65 12.77 -13.81
C VAL A 237 -11.77 12.18 -12.93
N GLU A 238 -13.01 12.65 -13.10
CA GLU A 238 -14.18 12.09 -12.37
C GLU A 238 -14.46 10.62 -12.62
N SER A 239 -14.13 10.13 -13.82
CA SER A 239 -14.28 8.71 -14.20
C SER A 239 -13.59 7.78 -13.19
N ALA A 240 -12.49 8.24 -12.59
CA ALA A 240 -11.61 7.41 -11.75
C ALA A 240 -11.63 7.75 -10.27
N ALA A 241 -12.59 8.60 -9.88
CA ALA A 241 -12.74 9.01 -8.49
C ALA A 241 -13.32 7.83 -7.82
N GLU A 242 -12.53 7.22 -6.97
CA GLU A 242 -12.95 6.07 -6.19
C GLU A 242 -11.61 5.45 -5.93
N ASN A 243 -10.90 5.17 -7.01
CA ASN A 243 -9.52 4.82 -6.92
C ASN A 243 -8.73 6.05 -6.46
N LEU A 244 -9.19 7.22 -6.91
CA LEU A 244 -8.56 8.47 -6.52
C LEU A 244 -8.87 8.81 -5.07
N ALA A 245 -10.13 8.65 -4.64
CA ALA A 245 -10.44 8.75 -3.22
C ALA A 245 -9.54 7.83 -2.40
N GLU A 246 -9.37 6.60 -2.87
CA GLU A 246 -8.58 5.56 -2.20
C GLU A 246 -7.11 5.92 -2.05
N THR A 247 -6.54 6.56 -3.08
CA THR A 247 -5.20 7.14 -3.05
C THR A 247 -5.09 8.32 -2.08
N ALA A 248 -6.06 9.25 -2.14
CA ALA A 248 -6.01 10.44 -1.29
C ALA A 248 -5.94 9.99 0.14
N SER A 249 -6.88 9.13 0.52
CA SER A 249 -7.00 8.57 1.87
C SER A 249 -5.67 8.08 2.36
N LYS A 250 -5.07 7.21 1.55
CA LYS A 250 -3.94 6.41 1.93
C LYS A 250 -2.66 7.23 2.12
N VAL A 251 -2.52 8.32 1.36
CA VAL A 251 -1.40 9.22 1.56
C VAL A 251 -1.85 10.32 2.53
N GLY A 252 -3.14 10.32 2.81
CA GLY A 252 -3.71 11.33 3.69
C GLY A 252 -3.56 12.68 3.05
N GLY A 253 -3.77 12.73 1.74
CA GLY A 253 -3.73 13.96 1.00
C GLY A 253 -5.13 14.41 0.67
N THR A 254 -5.28 15.10 -0.45
CA THR A 254 -6.56 15.61 -0.92
C THR A 254 -6.80 15.26 -2.39
N ALA A 255 -8.02 14.87 -2.74
CA ALA A 255 -8.36 14.61 -4.15
C ALA A 255 -8.66 15.91 -4.87
N LEU A 256 -8.57 15.85 -6.20
CA LEU A 256 -9.05 16.92 -7.05
C LEU A 256 -9.51 16.31 -8.39
N TRP A 257 -10.78 16.48 -8.74
CA TRP A 257 -11.33 15.95 -9.99
C TRP A 257 -11.13 17.01 -11.06
N LEU A 258 -10.34 16.67 -12.08
CA LEU A 258 -9.90 17.63 -13.07
C LEU A 258 -9.38 17.01 -14.37
N ASP A 259 -9.89 17.48 -15.51
CA ASP A 259 -9.21 17.27 -16.80
C ASP A 259 -8.04 18.26 -16.94
N VAL A 260 -6.84 17.72 -17.15
CA VAL A 260 -5.66 18.57 -17.17
C VAL A 260 -5.56 19.37 -18.48
N THR A 261 -6.39 19.03 -19.47
CA THR A 261 -6.37 19.69 -20.79
C THR A 261 -7.38 20.83 -20.91
N ALA A 262 -8.22 20.98 -19.88
CA ALA A 262 -9.29 21.97 -19.87
C ALA A 262 -8.69 23.37 -19.77
N ASP A 263 -9.27 24.34 -20.49
CA ASP A 263 -8.85 25.74 -20.38
C ASP A 263 -8.59 26.12 -18.91
N ASP A 264 -9.60 25.92 -18.06
CA ASP A 264 -9.57 26.34 -16.66
C ASP A 264 -8.67 25.54 -15.71
N ALA A 265 -7.98 24.51 -16.19
CA ALA A 265 -7.22 23.59 -15.31
C ALA A 265 -6.23 24.29 -14.37
N VAL A 266 -5.36 25.12 -14.93
CA VAL A 266 -4.42 25.91 -14.14
C VAL A 266 -5.14 26.66 -13.00
N ASP A 267 -6.23 27.35 -13.34
CA ASP A 267 -7.13 27.96 -12.34
C ASP A 267 -7.76 26.95 -11.37
N LYS A 268 -8.10 25.75 -11.82
CA LYS A 268 -8.74 24.83 -10.88
C LYS A 268 -7.76 24.20 -9.90
N ILE A 269 -6.47 24.33 -10.19
CA ILE A 269 -5.42 23.90 -9.28
C ILE A 269 -5.00 24.98 -8.29
N SER A 270 -4.74 26.19 -8.78
CA SER A 270 -4.41 27.34 -7.91
C SER A 270 -5.46 27.59 -6.82
N GLU A 271 -6.72 27.36 -7.19
CA GLU A 271 -7.81 27.54 -6.27
C GLU A 271 -7.80 26.44 -5.18
N HIS A 272 -7.49 25.22 -5.58
CA HIS A 272 -7.36 24.14 -4.62
C HIS A 272 -6.21 24.45 -3.71
N LEU A 273 -5.16 25.05 -4.27
CA LEU A 273 -4.00 25.42 -3.48
C LEU A 273 -4.37 26.52 -2.52
N ARG A 274 -5.18 27.47 -2.98
CA ARG A 274 -5.68 28.57 -2.15
C ARG A 274 -6.55 28.10 -0.96
N ASP A 275 -7.36 27.06 -1.14
CA ASP A 275 -8.24 26.61 -0.06
C ASP A 275 -7.58 25.61 0.89
N HIS A 276 -6.41 25.12 0.51
CA HIS A 276 -5.78 23.99 1.22
C HIS A 276 -4.34 24.21 1.65
N HIS A 277 -3.60 25.04 0.92
CA HIS A 277 -2.13 25.06 1.04
C HIS A 277 -1.50 26.44 0.92
N GLY A 278 -2.17 27.47 1.42
CA GLY A 278 -1.68 28.82 1.33
C GLY A 278 -1.43 29.33 -0.06
N GLY A 279 -2.04 28.68 -1.05
CA GLY A 279 -1.82 29.00 -2.47
C GLY A 279 -0.51 28.56 -3.13
N LYS A 280 0.41 27.98 -2.35
CA LYS A 280 1.71 27.55 -2.89
C LYS A 280 1.87 26.04 -2.97
N ALA A 281 2.67 25.63 -3.95
CA ALA A 281 3.08 24.25 -4.14
C ALA A 281 4.61 24.16 -4.29
N ASP A 282 5.17 22.99 -4.07
CA ASP A 282 6.60 22.84 -4.14
C ASP A 282 6.96 21.95 -5.30
N ILE A 283 6.06 21.04 -5.63
CA ILE A 283 6.35 19.99 -6.58
C ILE A 283 5.12 19.76 -7.46
N LEU A 284 5.38 19.77 -8.77
CA LEU A 284 4.42 19.34 -9.78
C LEU A 284 4.95 18.10 -10.50
N VAL A 285 4.15 17.05 -10.55
CA VAL A 285 4.57 15.87 -11.29
C VAL A 285 3.60 15.60 -12.43
N ASN A 286 4.06 15.83 -13.65
CA ASN A 286 3.25 15.61 -14.83
C ASN A 286 3.27 14.15 -15.19
N ASN A 287 2.38 13.43 -14.54
CA ASN A 287 2.41 12.00 -14.62
C ASN A 287 1.29 11.50 -15.50
N ALA A 288 0.15 12.20 -15.48
CA ALA A 288 -0.98 11.79 -16.33
C ALA A 288 -0.55 11.55 -17.78
N GLY A 289 -1.25 10.62 -18.43
CA GLY A 289 -1.00 10.25 -19.84
C GLY A 289 -2.12 9.40 -20.44
N ILE A 290 -2.06 9.15 -21.76
CA ILE A 290 -2.93 8.19 -22.46
C ILE A 290 -2.16 7.65 -23.63
N THR A 291 -2.67 6.57 -24.25
CA THR A 291 -1.96 5.89 -25.36
C THR A 291 -2.95 5.40 -26.39
N ARG A 292 -3.39 6.26 -27.29
CA ARG A 292 -4.18 5.83 -28.43
C ARG A 292 -3.28 5.30 -29.57
N ASP A 293 -2.74 4.11 -29.40
CA ASP A 293 -1.84 3.51 -30.41
C ASP A 293 -2.47 3.16 -31.77
N LYS A 294 -1.68 3.34 -32.83
CA LYS A 294 -2.03 2.93 -34.17
C LYS A 294 -0.90 3.29 -35.08
N LEU A 295 -0.72 2.52 -36.14
CA LEU A 295 0.23 2.85 -37.16
C LEU A 295 -0.16 4.17 -37.84
N LEU A 296 0.84 4.96 -38.20
CA LEU A 296 0.58 6.30 -38.75
C LEU A 296 -0.18 6.27 -40.09
N ALA A 297 0.01 5.19 -40.84
CA ALA A 297 -0.72 4.95 -42.06
C ALA A 297 -2.20 4.84 -41.76
N ASN A 298 -2.53 4.53 -40.50
CA ASN A 298 -3.91 4.26 -40.12
C ASN A 298 -4.40 5.22 -39.03
N MET A 299 -3.62 6.27 -38.79
CA MET A 299 -3.89 7.24 -37.73
C MET A 299 -4.90 8.29 -38.20
N ASP A 300 -5.98 8.46 -37.43
CA ASP A 300 -6.97 9.55 -37.59
C ASP A 300 -6.55 10.75 -36.74
N ASP A 301 -7.16 11.91 -37.01
CA ASP A 301 -6.91 13.15 -36.29
C ASP A 301 -7.13 12.99 -34.79
N ALA A 302 -8.26 12.37 -34.44
CA ALA A 302 -8.67 12.23 -33.02
C ALA A 302 -7.72 11.40 -32.17
N ARG A 303 -7.16 10.34 -32.73
CA ARG A 303 -6.16 9.56 -32.00
C ARG A 303 -4.81 10.29 -31.91
N TRP A 304 -4.55 11.19 -32.85
CA TRP A 304 -3.40 12.04 -32.76
C TRP A 304 -3.58 13.09 -31.66
N ASP A 305 -4.64 13.88 -31.79
CA ASP A 305 -4.81 15.09 -30.99
C ASP A 305 -4.92 14.84 -29.49
N ALA A 306 -5.78 13.89 -29.13
CA ALA A 306 -5.97 13.52 -27.74
C ALA A 306 -4.62 13.34 -27.05
N VAL A 307 -3.73 12.57 -27.69
CA VAL A 307 -2.45 12.14 -27.10
C VAL A 307 -1.54 13.36 -26.91
N LEU A 308 -1.50 14.19 -27.93
CA LEU A 308 -0.82 15.44 -27.82
C LEU A 308 -1.37 16.27 -26.66
N ALA A 309 -2.69 16.49 -26.63
CA ALA A 309 -3.32 17.30 -25.58
C ALA A 309 -2.90 16.89 -24.15
N VAL A 310 -3.13 15.63 -23.84
CA VAL A 310 -2.85 15.09 -22.53
C VAL A 310 -1.36 15.04 -22.23
N ASN A 311 -0.58 14.67 -23.24
CA ASN A 311 0.70 14.08 -23.00
C ASN A 311 1.75 15.15 -23.10
N LEU A 312 1.53 16.10 -23.99
CA LEU A 312 2.49 17.20 -24.20
C LEU A 312 1.95 18.62 -23.98
N LEU A 313 0.75 18.91 -24.52
CA LEU A 313 0.15 20.25 -24.41
C LEU A 313 -0.18 20.62 -22.98
N ALA A 314 -0.73 19.67 -22.22
CA ALA A 314 -1.10 19.92 -20.82
C ALA A 314 0.08 20.15 -19.87
N PRO A 315 1.02 19.20 -19.82
CA PRO A 315 2.15 19.39 -18.93
C PRO A 315 2.87 20.71 -19.16
N LEU A 316 3.00 21.15 -20.42
CA LEU A 316 3.70 22.42 -20.72
C LEU A 316 2.88 23.56 -20.11
N ARG A 317 1.56 23.44 -20.24
CA ARG A 317 0.63 24.44 -19.76
C ARG A 317 0.56 24.43 -18.21
N LEU A 318 0.43 23.26 -17.60
CA LEU A 318 0.42 23.24 -16.14
C LEU A 318 1.75 23.79 -15.61
N THR A 319 2.87 23.45 -16.26
CA THR A 319 4.17 24.02 -15.85
C THR A 319 4.25 25.51 -16.05
N GLU A 320 3.81 26.02 -17.19
CA GLU A 320 3.96 27.45 -17.43
C GLU A 320 2.98 28.21 -16.59
N GLY A 321 1.75 27.70 -16.59
CA GLY A 321 0.69 28.19 -15.71
C GLY A 321 1.04 28.33 -14.25
N LEU A 322 1.30 27.21 -13.58
CA LEU A 322 1.56 27.24 -12.16
C LEU A 322 2.80 28.04 -11.76
N VAL A 323 3.86 27.99 -12.57
CA VAL A 323 5.02 28.80 -12.24
C VAL A 323 4.63 30.26 -12.43
N GLY A 324 4.22 30.61 -13.64
CA GLY A 324 3.91 31.98 -13.99
C GLY A 324 2.81 32.66 -13.18
N ASN A 325 1.89 31.89 -12.61
CA ASN A 325 0.94 32.47 -11.64
C ASN A 325 1.45 32.42 -10.20
N GLY A 326 2.67 31.95 -9.98
CA GLY A 326 3.30 32.06 -8.66
C GLY A 326 2.93 30.98 -7.66
N SER A 327 2.26 29.95 -8.16
CA SER A 327 1.89 28.79 -7.37
C SER A 327 3.12 27.98 -7.02
N ILE A 328 4.04 27.90 -7.97
CA ILE A 328 5.34 27.32 -7.72
C ILE A 328 6.34 28.42 -7.91
N GLY A 329 7.15 28.60 -6.87
CA GLY A 329 8.25 29.54 -6.86
C GLY A 329 9.56 28.90 -6.42
N GLU A 330 10.41 29.71 -5.81
CA GLU A 330 11.78 29.32 -5.47
C GLU A 330 11.81 27.97 -4.79
N GLY A 331 12.79 27.16 -5.14
CA GLY A 331 13.00 25.88 -4.49
C GLY A 331 12.05 24.83 -5.01
N GLY A 332 11.26 25.18 -6.04
CA GLY A 332 10.26 24.29 -6.60
C GLY A 332 10.87 23.20 -7.45
N ARG A 333 10.06 22.18 -7.75
CA ARG A 333 10.52 21.00 -8.51
C ARG A 333 9.47 20.57 -9.49
N VAL A 334 9.88 20.26 -10.71
CA VAL A 334 8.95 19.76 -11.72
C VAL A 334 9.54 18.54 -12.36
N ILE A 335 8.84 17.42 -12.21
CA ILE A 335 9.29 16.13 -12.82
C ILE A 335 8.21 15.70 -13.78
N GLY A 336 8.61 15.38 -15.00
CA GLY A 336 7.69 15.05 -16.09
C GLY A 336 7.82 13.58 -16.40
N LEU A 337 6.72 12.92 -16.76
CA LEU A 337 6.83 11.49 -17.13
C LEU A 337 7.08 11.23 -18.59
N SER A 338 8.35 10.95 -18.93
CA SER A 338 8.70 10.61 -20.29
C SER A 338 8.47 9.10 -20.49
N SER A 339 9.36 8.43 -21.22
CA SER A 339 9.10 7.07 -21.67
C SER A 339 10.22 6.62 -22.53
N ILE A 340 10.38 5.29 -22.62
CA ILE A 340 11.43 4.78 -23.50
C ILE A 340 11.13 4.94 -24.99
N ALA A 341 9.85 4.92 -25.31
CA ALA A 341 9.37 5.17 -26.63
C ALA A 341 9.80 6.58 -27.09
N GLY A 342 9.91 7.52 -26.16
CA GLY A 342 10.26 8.91 -26.49
C GLY A 342 11.71 9.04 -26.93
N ILE A 343 12.54 8.10 -26.53
CA ILE A 343 13.94 8.10 -26.88
C ILE A 343 14.26 7.23 -28.09
N ALA A 344 13.66 6.03 -28.13
CA ALA A 344 14.10 4.95 -29.04
C ALA A 344 13.11 4.77 -30.19
N GLY A 345 11.92 5.31 -29.93
CA GLY A 345 10.77 5.17 -30.79
C GLY A 345 10.08 3.84 -30.55
N ASN A 346 8.86 3.73 -31.06
CA ASN A 346 8.12 2.50 -30.95
C ASN A 346 7.04 2.34 -32.03
N ARG A 347 6.97 1.15 -32.62
CA ARG A 347 6.00 0.89 -33.70
C ARG A 347 4.56 1.16 -33.20
N GLY A 348 3.82 1.98 -33.94
CA GLY A 348 2.42 2.25 -33.61
C GLY A 348 2.26 3.31 -32.54
N GLN A 349 3.35 4.01 -32.27
CA GLN A 349 3.32 5.06 -31.24
C GLN A 349 3.99 6.36 -31.68
N THR A 350 3.71 6.80 -32.90
CA THR A 350 4.30 8.04 -33.41
C THR A 350 3.66 9.17 -32.69
N ASN A 351 2.43 8.97 -32.26
CA ASN A 351 1.81 10.02 -31.48
C ASN A 351 2.47 10.05 -30.10
N TYR A 352 2.38 8.94 -29.39
CA TYR A 352 2.85 8.81 -28.04
C TYR A 352 4.32 9.23 -27.94
N ALA A 353 5.16 8.69 -28.83
CA ALA A 353 6.61 8.95 -28.78
C ALA A 353 6.93 10.38 -29.14
N THR A 354 6.08 11.02 -29.92
CA THR A 354 6.30 12.44 -30.13
C THR A 354 6.08 13.17 -28.78
N THR A 355 4.94 12.90 -28.10
CA THR A 355 4.67 13.52 -26.82
C THR A 355 5.79 13.22 -25.85
N LYS A 356 6.17 11.96 -25.71
CA LYS A 356 7.18 11.65 -24.70
C LYS A 356 8.61 12.19 -25.03
N ALA A 357 8.91 12.37 -26.32
CA ALA A 357 10.08 13.13 -26.77
C ALA A 357 9.89 14.63 -26.45
N GLY A 358 8.67 15.12 -26.63
CA GLY A 358 8.39 16.50 -26.28
C GLY A 358 8.61 16.73 -24.81
N MET A 359 8.09 15.84 -23.99
CA MET A 359 8.38 15.87 -22.55
C MET A 359 9.89 16.15 -22.28
N ILE A 360 10.79 15.52 -23.07
CA ILE A 360 12.23 15.72 -22.85
C ILE A 360 12.58 17.11 -23.32
N GLY A 361 11.81 17.57 -24.31
CA GLY A 361 11.91 18.92 -24.82
C GLY A 361 11.64 19.94 -23.74
N ILE A 362 10.48 19.80 -23.10
CA ILE A 362 10.08 20.65 -21.98
C ILE A 362 11.17 20.70 -20.90
N THR A 363 11.66 19.53 -20.47
CA THR A 363 12.72 19.46 -19.46
C THR A 363 13.95 20.27 -19.89
N GLN A 364 14.34 20.09 -21.14
CA GLN A 364 15.57 20.72 -21.62
C GLN A 364 15.41 22.18 -21.89
N ALA A 365 14.24 22.53 -22.42
CA ALA A 365 13.97 23.87 -22.99
C ALA A 365 13.68 24.85 -21.89
N LEU A 366 13.05 24.35 -20.85
CA LEU A 366 12.59 25.19 -19.78
C LEU A 366 13.65 25.31 -18.70
N ALA A 367 14.60 24.39 -18.64
CA ALA A 367 15.52 24.31 -17.49
C ALA A 367 16.29 25.62 -17.17
N PRO A 368 16.82 26.29 -18.21
CA PRO A 368 17.57 27.52 -17.89
C PRO A 368 16.71 28.65 -17.29
N GLY A 369 15.58 28.93 -17.94
CA GLY A 369 14.66 29.95 -17.46
C GLY A 369 14.20 29.63 -16.04
N LEU A 370 13.81 28.38 -15.84
CA LEU A 370 13.38 27.98 -14.52
C LEU A 370 14.56 28.03 -13.51
N ALA A 371 15.78 27.76 -13.97
CA ALA A 371 16.98 27.80 -13.12
C ALA A 371 17.15 29.14 -12.48
N ALA A 372 16.98 30.18 -13.30
CA ALA A 372 17.02 31.53 -12.84
C ALA A 372 15.80 31.85 -11.96
N LYS A 373 14.94 30.89 -11.68
CA LYS A 373 13.84 31.14 -10.77
C LYS A 373 13.96 30.22 -9.54
N GLY A 374 15.11 29.59 -9.38
CA GLY A 374 15.36 28.65 -8.29
C GLY A 374 14.47 27.42 -8.37
N ILE A 375 14.07 27.06 -9.59
CA ILE A 375 13.18 25.92 -9.85
C ILE A 375 13.94 24.92 -10.71
N THR A 376 13.87 23.62 -10.37
CA THR A 376 14.42 22.60 -11.27
C THR A 376 13.35 21.85 -12.01
N ILE A 377 13.73 21.26 -13.13
CA ILE A 377 12.83 20.44 -13.92
C ILE A 377 13.60 19.29 -14.54
N ASN A 378 13.05 18.09 -14.43
CA ASN A 378 13.69 16.89 -14.90
C ASN A 378 12.57 15.95 -15.38
N ALA A 379 12.97 14.87 -16.03
CA ALA A 379 12.02 13.88 -16.50
C ALA A 379 12.50 12.49 -16.12
N VAL A 380 11.56 11.59 -15.88
CA VAL A 380 11.92 10.20 -15.73
C VAL A 380 11.37 9.45 -16.93
N ALA A 381 12.16 8.58 -17.54
CA ALA A 381 11.65 7.74 -18.65
C ALA A 381 11.57 6.31 -18.18
N PRO A 382 10.37 5.86 -17.74
CA PRO A 382 10.19 4.47 -17.29
C PRO A 382 10.43 3.50 -18.44
N GLY A 383 10.94 2.32 -18.12
CA GLY A 383 11.13 1.25 -19.10
C GLY A 383 9.96 0.30 -19.02
N PHE A 384 10.24 -0.99 -18.86
CA PHE A 384 9.16 -1.95 -18.59
C PHE A 384 8.77 -1.93 -17.13
N ILE A 385 7.52 -1.59 -16.89
CA ILE A 385 7.02 -1.51 -15.53
C ILE A 385 5.77 -2.32 -15.48
N GLU A 386 5.68 -3.18 -14.47
CA GLU A 386 4.46 -3.92 -14.23
C GLU A 386 3.33 -2.94 -13.91
N THR A 387 2.34 -2.91 -14.80
CA THR A 387 1.16 -2.08 -14.62
C THR A 387 0.04 -2.69 -15.41
N GLN A 388 -1.19 -2.25 -15.14
CA GLN A 388 -2.25 -2.51 -16.07
C GLN A 388 -1.84 -1.61 -17.22
N MET A 389 -1.54 -2.24 -18.35
CA MET A 389 -1.00 -1.61 -19.57
C MET A 389 0.14 -2.44 -20.12
N THR A 390 1.13 -2.76 -19.27
CA THR A 390 2.02 -3.87 -19.62
C THR A 390 1.25 -5.20 -19.53
N ALA A 391 0.51 -5.38 -18.45
CA ALA A 391 -0.44 -6.48 -18.36
C ALA A 391 -1.42 -6.57 -19.56
N ALA A 392 -1.54 -5.53 -20.37
CA ALA A 392 -2.44 -5.62 -21.51
C ALA A 392 -1.79 -6.07 -22.84
N ILE A 393 -0.49 -6.36 -22.79
CA ILE A 393 0.29 -6.80 -23.96
C ILE A 393 0.32 -8.35 -24.07
N PRO A 394 0.20 -8.89 -25.31
CA PRO A 394 0.26 -10.36 -25.47
C PRO A 394 1.46 -10.97 -24.74
N LEU A 395 1.21 -12.08 -24.05
CA LEU A 395 2.06 -12.54 -22.95
C LEU A 395 3.50 -12.82 -23.37
N ALA A 396 3.67 -13.53 -24.47
CA ALA A 396 4.99 -13.73 -25.01
C ALA A 396 5.65 -12.38 -25.26
N THR A 397 5.04 -11.51 -26.09
CA THR A 397 5.70 -10.23 -26.40
C THR A 397 6.05 -9.57 -25.09
N ARG A 398 5.12 -9.70 -24.14
CA ARG A 398 5.18 -9.08 -22.82
C ARG A 398 6.32 -9.66 -21.99
N GLU A 399 6.43 -10.98 -21.98
CA GLU A 399 7.46 -11.61 -21.21
C GLU A 399 8.85 -11.28 -21.72
N VAL A 400 9.03 -11.28 -23.04
CA VAL A 400 10.33 -10.96 -23.61
C VAL A 400 10.65 -9.56 -23.15
N GLY A 401 9.69 -8.65 -23.35
CA GLY A 401 9.93 -7.25 -23.02
C GLY A 401 10.38 -7.12 -21.57
N ARG A 402 9.75 -7.90 -20.71
CA ARG A 402 9.94 -7.82 -19.29
C ARG A 402 11.40 -8.21 -18.94
N ARG A 403 12.00 -9.03 -19.79
CA ARG A 403 13.26 -9.69 -19.52
C ARG A 403 14.46 -9.09 -20.28
N LEU A 404 14.19 -8.18 -21.21
CA LEU A 404 15.26 -7.67 -22.08
C LEU A 404 15.95 -6.47 -21.46
N ASN A 405 16.59 -6.72 -20.32
CA ASN A 405 17.37 -5.70 -19.62
C ASN A 405 18.38 -6.38 -18.76
N SER A 406 19.46 -5.67 -18.49
CA SER A 406 20.47 -6.10 -17.54
C SER A 406 19.94 -6.73 -16.27
N LEU A 407 18.80 -6.24 -15.76
CA LEU A 407 18.31 -6.75 -14.45
C LEU A 407 17.28 -7.88 -14.60
N LEU A 408 17.06 -8.30 -15.84
CA LEU A 408 16.36 -9.55 -16.12
C LEU A 408 14.96 -9.61 -15.58
N GLN A 409 14.33 -8.45 -15.40
CA GLN A 409 12.96 -8.36 -14.90
C GLN A 409 12.26 -7.05 -15.20
N GLY A 410 10.97 -6.98 -14.90
CA GLY A 410 10.20 -5.77 -15.09
C GLY A 410 10.31 -4.86 -13.89
N GLY A 411 10.16 -3.55 -14.09
CA GLY A 411 10.21 -2.62 -12.99
C GLY A 411 8.91 -2.63 -12.23
N GLN A 412 8.88 -1.86 -11.15
CA GLN A 412 7.69 -1.78 -10.32
C GLN A 412 7.40 -0.32 -10.22
N PRO A 413 6.12 0.05 -10.02
CA PRO A 413 5.82 1.45 -9.87
C PRO A 413 6.66 2.17 -8.77
N VAL A 414 6.98 1.52 -7.64
CA VAL A 414 7.82 2.16 -6.61
C VAL A 414 9.16 2.65 -7.21
N ASP A 415 9.75 1.84 -8.11
CA ASP A 415 11.05 2.15 -8.68
C ASP A 415 11.04 3.48 -9.46
N VAL A 416 9.90 3.79 -10.08
CA VAL A 416 9.77 5.02 -10.85
C VAL A 416 9.54 6.18 -9.87
N ALA A 417 8.55 6.04 -8.98
CA ALA A 417 8.34 7.02 -7.95
C ALA A 417 9.66 7.40 -7.23
N GLU A 418 10.50 6.41 -6.87
CA GLU A 418 11.78 6.73 -6.22
C GLU A 418 12.61 7.76 -7.00
N ALA A 419 12.79 7.49 -8.28
CA ALA A 419 13.57 8.35 -9.13
C ALA A 419 12.96 9.76 -9.07
N ILE A 420 11.62 9.81 -9.07
CA ILE A 420 10.90 11.07 -9.06
C ILE A 420 11.13 11.77 -7.74
N ALA A 421 11.15 11.00 -6.65
CA ALA A 421 11.36 11.55 -5.32
C ALA A 421 12.81 11.99 -5.09
N TYR A 422 13.77 11.35 -5.77
CA TYR A 422 15.14 11.87 -5.77
C TYR A 422 15.11 13.26 -6.43
N PHE A 423 14.44 13.39 -7.57
CA PHE A 423 14.36 14.74 -8.20
C PHE A 423 13.67 15.79 -7.33
N ALA A 424 12.72 15.37 -6.51
CA ALA A 424 11.89 16.33 -5.83
C ALA A 424 12.66 16.82 -4.64
N SER A 425 13.74 16.12 -4.32
CA SER A 425 14.49 16.41 -3.08
C SER A 425 14.94 17.84 -3.01
N PRO A 426 14.85 18.44 -1.81
CA PRO A 426 15.31 19.80 -1.62
C PRO A 426 16.79 19.87 -1.79
N ALA A 427 17.48 18.75 -1.66
CA ALA A 427 18.94 18.78 -1.76
C ALA A 427 19.39 18.48 -3.17
N SER A 428 18.41 18.23 -4.03
CA SER A 428 18.64 17.85 -5.40
C SER A 428 18.56 19.05 -6.30
N ASN A 429 18.87 20.22 -5.73
CA ASN A 429 18.69 21.49 -6.43
C ASN A 429 19.71 21.72 -7.55
N ALA A 430 20.83 21.00 -7.49
CA ALA A 430 21.89 21.15 -8.48
C ALA A 430 21.65 20.25 -9.68
N VAL A 431 20.53 19.57 -9.65
CA VAL A 431 20.22 18.60 -10.66
C VAL A 431 19.01 19.05 -11.45
N THR A 432 19.26 19.63 -12.61
CA THR A 432 18.15 20.06 -13.51
C THR A 432 18.41 19.69 -14.96
N GLY A 433 17.37 19.68 -15.77
CA GLY A 433 17.52 19.29 -17.17
C GLY A 433 17.87 17.82 -17.34
N ASN A 434 17.70 17.01 -16.31
CA ASN A 434 18.08 15.63 -16.41
C ASN A 434 16.95 14.75 -16.91
N VAL A 435 17.33 13.72 -17.69
CA VAL A 435 16.39 12.70 -18.13
C VAL A 435 17.01 11.39 -17.67
N ILE A 436 16.33 10.69 -16.78
CA ILE A 436 16.83 9.44 -16.26
C ILE A 436 15.92 8.29 -16.70
N ARG A 437 16.49 7.25 -17.29
CA ARG A 437 15.71 6.05 -17.53
C ARG A 437 15.53 5.19 -16.29
N VAL A 438 14.30 4.69 -16.08
CA VAL A 438 14.06 3.74 -15.00
C VAL A 438 13.70 2.43 -15.65
N CYS A 439 14.72 1.75 -16.16
CA CYS A 439 14.51 0.72 -17.17
C CYS A 439 15.27 -0.54 -16.82
N GLY A 440 16.05 -0.47 -15.77
CA GLY A 440 16.84 -1.64 -15.34
C GLY A 440 17.95 -1.97 -16.28
N GLN A 441 18.40 -0.95 -16.99
CA GLN A 441 19.31 -1.08 -18.12
C GLN A 441 18.72 -1.97 -19.19
N ALA A 442 17.62 -1.47 -19.76
CA ALA A 442 17.02 -2.11 -20.89
C ALA A 442 17.96 -1.95 -22.09
N MET A 443 18.07 -3.03 -22.84
CA MET A 443 18.80 -3.06 -24.08
C MET A 443 18.34 -2.06 -25.12
N ILE A 444 17.06 -1.69 -25.12
CA ILE A 444 16.59 -0.80 -26.18
C ILE A 444 17.01 0.70 -25.96
N GLY A 445 17.30 1.45 -27.02
CA GLY A 445 17.60 2.86 -26.86
C GLY A 445 18.10 3.51 -28.12
N ALA A 446 18.46 4.79 -28.05
CA ALA A 446 18.83 5.54 -29.28
C ALA A 446 20.27 5.28 -29.65
N SER B 12 12.87 -20.69 -32.09
CA SER B 12 12.10 -21.10 -33.31
C SER B 12 10.61 -20.93 -33.11
N PHE B 13 10.11 -21.34 -31.95
CA PHE B 13 8.75 -21.01 -31.56
C PHE B 13 8.62 -19.50 -31.34
N LEU B 14 9.53 -18.92 -30.53
CA LEU B 14 9.53 -17.47 -30.30
C LEU B 14 9.68 -16.72 -31.59
N ALA B 15 10.58 -17.18 -32.44
CA ALA B 15 10.65 -16.70 -33.80
C ALA B 15 9.23 -16.54 -34.40
N ARG B 16 8.50 -17.66 -34.43
CA ARG B 16 7.17 -17.78 -35.04
C ARG B 16 6.16 -16.89 -34.32
N GLN B 17 6.15 -17.01 -32.99
CA GLN B 17 5.24 -16.29 -32.13
C GLN B 17 5.29 -14.79 -32.31
N LEU B 18 6.51 -14.29 -32.50
CA LEU B 18 6.72 -12.86 -32.45
C LEU B 18 6.46 -12.13 -33.76
N GLY B 19 6.44 -12.88 -34.87
CA GLY B 19 6.21 -12.30 -36.20
C GLY B 19 7.48 -12.09 -37.01
N PRO B 21 9.60 -12.37 -39.82
CA PRO B 21 10.37 -11.18 -40.23
C PRO B 21 10.71 -11.27 -41.71
N GLN B 22 10.41 -10.24 -42.50
CA GLN B 22 10.76 -10.31 -43.93
C GLN B 22 11.78 -9.23 -44.37
N PRO B 23 13.10 -9.52 -44.26
CA PRO B 23 14.13 -8.57 -44.66
C PRO B 23 14.10 -8.26 -46.15
N GLU B 24 14.07 -6.98 -46.48
CA GLU B 24 14.09 -6.56 -47.87
C GLU B 24 15.53 -6.71 -48.37
N THR B 25 15.72 -7.16 -49.62
CA THR B 25 17.06 -7.05 -50.17
C THR B 25 17.27 -5.57 -50.36
N LEU B 26 18.28 -5.02 -49.71
CA LEU B 26 18.55 -3.58 -49.77
C LEU B 26 19.23 -3.17 -51.06
N ARG B 27 18.67 -2.11 -51.65
CA ARG B 27 19.24 -1.48 -52.80
C ARG B 27 20.47 -0.65 -52.39
N ARG B 28 21.61 -0.88 -53.04
CA ARG B 28 22.82 -0.10 -52.77
C ARG B 28 23.21 0.73 -53.97
N TYR B 29 24.26 1.54 -53.84
CA TYR B 29 24.68 2.40 -54.96
C TYR B 29 25.15 1.62 -56.16
N ARG B 30 24.85 2.16 -57.34
CA ARG B 30 25.35 1.65 -58.60
C ARG B 30 25.48 2.85 -59.55
N ALA B 31 26.69 3.05 -60.10
CA ALA B 31 26.89 4.15 -61.05
C ALA B 31 25.83 4.08 -62.13
N GLY B 32 25.04 5.13 -62.26
CA GLY B 32 24.07 5.20 -63.35
C GLY B 32 22.63 5.07 -62.93
N GLU B 33 22.34 4.24 -61.93
CA GLU B 33 20.97 4.01 -61.51
C GLU B 33 20.46 5.27 -60.82
N PRO B 34 19.14 5.59 -60.95
CA PRO B 34 18.59 6.79 -60.27
C PRO B 34 18.89 6.71 -58.78
N PRO B 35 18.86 7.86 -58.09
CA PRO B 35 19.15 7.76 -56.67
C PRO B 35 17.94 7.27 -55.85
N LEU B 36 16.75 7.29 -56.47
CA LEU B 36 15.52 6.77 -55.84
C LEU B 36 14.73 5.79 -56.71
N THR B 37 13.85 5.04 -56.05
CA THR B 37 12.97 4.08 -56.72
C THR B 37 11.74 4.78 -57.26
N GLY B 38 11.67 6.10 -57.14
CA GLY B 38 10.49 6.87 -57.55
C GLY B 38 10.60 8.37 -57.28
N SER B 39 9.46 9.04 -57.43
CA SER B 39 9.40 10.49 -57.30
C SER B 39 9.60 10.92 -55.88
N LEU B 40 10.23 12.06 -55.72
CA LEU B 40 10.44 12.69 -54.44
C LEU B 40 9.30 13.68 -54.22
N LEU B 41 8.67 13.59 -53.04
CA LEU B 41 7.63 14.53 -52.67
C LEU B 41 8.15 15.30 -51.49
N ILE B 42 8.31 16.60 -51.70
CA ILE B 42 8.80 17.50 -50.65
C ILE B 42 7.67 18.42 -50.19
N GLY B 43 7.22 18.27 -48.95
CA GLY B 43 6.14 19.11 -48.41
C GLY B 43 6.43 19.67 -47.01
N GLY B 44 5.35 20.04 -46.33
CA GLY B 44 5.46 20.82 -45.08
C GLY B 44 5.54 22.31 -45.34
N ALA B 45 6.13 23.05 -44.42
CA ALA B 45 6.21 24.50 -44.51
C ALA B 45 7.45 25.02 -43.75
N GLY B 46 8.10 26.04 -44.27
CA GLY B 46 9.16 26.70 -43.53
C GLY B 46 10.28 27.13 -44.45
N ARG B 47 11.51 27.12 -43.93
CA ARG B 47 12.60 27.75 -44.64
C ARG B 47 13.41 26.80 -45.55
N VAL B 48 12.93 25.55 -45.68
CA VAL B 48 13.66 24.47 -46.36
C VAL B 48 12.95 23.91 -47.63
N VAL B 49 11.63 24.03 -47.70
CA VAL B 49 10.88 23.41 -48.77
C VAL B 49 11.17 24.06 -50.10
N GLU B 50 11.23 25.38 -50.14
CA GLU B 50 11.39 26.08 -51.41
C GLU B 50 12.82 25.88 -51.95
N PRO B 51 13.84 26.19 -51.15
CA PRO B 51 15.23 25.92 -51.55
C PRO B 51 15.57 24.46 -51.92
N LEU B 52 14.92 23.50 -51.28
CA LEU B 52 15.17 22.08 -51.52
C LEU B 52 14.52 21.65 -52.83
N ARG B 53 13.26 22.05 -53.02
CA ARG B 53 12.63 21.88 -54.32
C ARG B 53 13.55 22.35 -55.45
N ALA B 54 14.18 23.50 -55.30
CA ALA B 54 15.01 24.07 -56.37
C ALA B 54 16.40 23.43 -56.48
N ALA B 55 17.02 23.11 -55.35
CA ALA B 55 18.31 22.43 -55.32
C ALA B 55 18.24 21.04 -55.99
N LEU B 56 17.13 20.34 -55.80
CA LEU B 56 16.96 18.95 -56.23
C LEU B 56 16.18 18.67 -57.57
N GLU B 57 15.65 19.71 -58.22
CA GLU B 57 14.82 19.52 -59.43
C GLU B 57 15.42 18.72 -60.59
N LYS B 58 16.72 18.91 -60.81
CA LYS B 58 17.44 18.26 -61.90
C LYS B 58 17.52 16.73 -61.69
N ASP B 59 18.11 16.29 -60.58
CA ASP B 59 18.45 14.89 -60.39
C ASP B 59 17.32 14.01 -59.86
N TYR B 60 16.23 14.64 -59.41
CA TYR B 60 15.09 13.95 -58.80
C TYR B 60 13.79 14.23 -59.52
N ASP B 61 12.91 13.25 -59.62
CA ASP B 61 11.56 13.54 -60.11
C ASP B 61 10.72 14.13 -59.00
N LEU B 62 10.59 15.45 -58.98
CA LEU B 62 9.65 16.03 -58.04
C LEU B 62 8.25 15.74 -58.45
N VAL B 63 7.40 15.45 -57.46
CA VAL B 63 5.95 15.39 -57.69
C VAL B 63 5.43 16.79 -58.00
N GLY B 64 4.98 16.99 -59.23
CA GLY B 64 4.68 18.33 -59.77
C GLY B 64 3.76 19.21 -58.95
N ASP B 73 2.29 6.19 -60.63
CA ASP B 73 3.46 5.55 -60.01
C ASP B 73 3.43 5.75 -58.48
N SER B 74 4.60 5.65 -57.82
CA SER B 74 4.68 5.58 -56.35
C SER B 74 5.87 6.37 -55.75
N PHE B 75 5.86 6.64 -54.43
CA PHE B 75 6.86 7.56 -53.80
C PHE B 75 8.24 6.99 -53.50
N GLY B 76 9.26 7.54 -54.15
CA GLY B 76 10.63 7.10 -53.93
C GLY B 76 11.11 7.66 -52.61
N GLY B 77 10.79 8.93 -52.36
CA GLY B 77 11.11 9.60 -51.13
C GLY B 77 10.02 10.55 -50.70
N LEU B 78 9.99 10.79 -49.38
CA LEU B 78 9.15 11.82 -48.77
C LEU B 78 10.00 12.69 -47.86
N VAL B 79 9.99 13.98 -48.12
CA VAL B 79 10.69 14.91 -47.27
C VAL B 79 9.69 15.91 -46.71
N PHE B 80 9.63 16.01 -45.39
CA PHE B 80 8.74 16.93 -44.68
C PHE B 80 9.53 18.01 -43.94
N ASP B 81 9.27 19.25 -44.34
CA ASP B 81 9.87 20.43 -43.76
C ASP B 81 9.13 20.68 -42.51
N ALA B 82 9.79 20.43 -41.38
CA ALA B 82 9.18 20.67 -40.10
C ALA B 82 9.66 21.99 -39.45
N THR B 83 10.57 22.70 -40.12
CA THR B 83 11.16 23.93 -39.52
C THR B 83 10.13 25.00 -39.25
N GLY B 84 8.99 24.89 -39.89
CA GLY B 84 7.94 25.87 -39.72
C GLY B 84 7.08 25.60 -38.52
N ILE B 85 7.27 24.48 -37.85
CA ILE B 85 6.46 24.19 -36.67
C ILE B 85 7.02 24.92 -35.45
N THR B 86 6.33 25.93 -34.93
CA THR B 86 6.92 26.65 -33.78
C THR B 86 6.33 26.38 -32.40
N GLU B 87 5.37 25.49 -32.30
CA GLU B 87 4.70 25.19 -31.03
C GLU B 87 4.20 23.75 -31.08
N PRO B 88 3.97 23.13 -29.90
CA PRO B 88 3.56 21.75 -29.95
C PRO B 88 2.24 21.51 -30.69
N ALA B 89 1.31 22.47 -30.66
CA ALA B 89 0.00 22.29 -31.34
C ALA B 89 0.21 22.05 -32.83
N GLY B 90 1.29 22.65 -33.37
CA GLY B 90 1.72 22.49 -34.77
C GLY B 90 2.29 21.13 -35.13
N LEU B 91 2.57 20.30 -34.12
CA LEU B 91 3.16 18.99 -34.40
C LEU B 91 2.28 18.20 -35.28
N LYS B 92 0.97 18.47 -35.19
CA LYS B 92 -0.06 17.71 -35.88
C LYS B 92 0.19 17.75 -37.39
N GLY B 93 0.99 18.73 -37.84
CA GLY B 93 1.44 18.83 -39.21
C GLY B 93 2.02 17.54 -39.76
N LEU B 94 2.71 16.81 -38.87
CA LEU B 94 3.48 15.64 -39.24
C LEU B 94 2.46 14.60 -39.67
N HIS B 95 1.39 14.53 -38.89
CA HIS B 95 0.35 13.56 -39.12
C HIS B 95 -0.45 13.88 -40.41
N GLU B 96 -0.61 15.15 -40.77
CA GLU B 96 -1.46 15.50 -41.91
C GLU B 96 -0.74 15.26 -43.24
N PHE B 97 0.58 15.47 -43.24
CA PHE B 97 1.40 15.18 -44.39
C PHE B 97 1.64 13.67 -44.58
N PHE B 98 2.11 12.97 -43.55
CA PHE B 98 2.50 11.56 -43.71
C PHE B 98 1.35 10.56 -43.85
N THR B 99 0.35 10.67 -42.98
CA THR B 99 -0.74 9.70 -42.97
C THR B 99 -1.25 9.39 -44.38
N PRO B 100 -1.62 10.42 -45.15
CA PRO B 100 -2.20 10.21 -46.46
C PRO B 100 -1.28 9.58 -47.50
N VAL B 101 0.03 9.76 -47.37
CA VAL B 101 0.94 9.35 -48.44
C VAL B 101 1.79 8.09 -48.14
N LEU B 102 2.00 7.79 -46.86
CA LEU B 102 2.76 6.61 -46.44
C LEU B 102 2.45 5.34 -47.22
N ARG B 103 1.16 5.07 -47.41
CA ARG B 103 0.74 3.85 -48.10
C ARG B 103 1.43 3.70 -49.46
N ASN B 104 1.86 4.81 -50.06
CA ASN B 104 2.41 4.83 -51.41
C ASN B 104 3.95 4.94 -51.46
N LEU B 105 4.59 4.61 -50.35
CA LEU B 105 6.05 4.69 -50.29
C LEU B 105 6.60 3.38 -50.82
N GLY B 106 7.60 3.45 -51.71
CA GLY B 106 8.17 2.29 -52.36
C GLY B 106 9.23 1.45 -51.66
N ARG B 107 9.75 0.46 -52.40
CA ARG B 107 10.82 -0.34 -51.84
C ARG B 107 12.07 0.51 -51.62
N CYS B 108 12.67 0.38 -50.44
CA CYS B 108 13.81 1.15 -49.98
C CYS B 108 13.56 2.63 -50.04
N GLY B 109 12.32 3.06 -49.87
CA GLY B 109 11.98 4.49 -49.96
C GLY B 109 12.70 5.33 -48.92
N ARG B 110 12.58 6.64 -48.98
CA ARG B 110 13.21 7.42 -47.92
C ARG B 110 12.28 8.44 -47.23
N VAL B 111 12.30 8.45 -45.90
CA VAL B 111 11.57 9.46 -45.20
C VAL B 111 12.55 10.35 -44.42
N VAL B 112 12.51 11.65 -44.70
CA VAL B 112 13.36 12.59 -44.03
C VAL B 112 12.51 13.76 -43.54
N VAL B 113 12.58 14.05 -42.23
CA VAL B 113 12.03 15.25 -41.63
C VAL B 113 13.20 16.22 -41.34
N VAL B 114 13.09 17.42 -41.88
CA VAL B 114 14.08 18.50 -41.66
C VAL B 114 13.54 19.51 -40.62
N GLY B 115 14.31 19.78 -39.58
CA GLY B 115 13.85 20.71 -38.55
C GLY B 115 14.92 21.72 -38.22
N GLY B 116 14.58 22.68 -37.35
CA GLY B 116 15.60 23.60 -36.84
C GLY B 116 16.26 23.08 -35.56
N THR B 117 17.56 23.28 -35.47
CA THR B 117 18.34 22.89 -34.31
C THR B 117 17.60 23.22 -33.03
N PRO B 118 17.26 22.21 -32.24
CA PRO B 118 16.40 22.67 -31.15
C PRO B 118 17.07 23.71 -30.20
N GLU B 119 18.32 23.45 -29.78
CA GLU B 119 19.02 24.40 -28.86
C GLU B 119 19.05 25.83 -29.37
N ALA B 120 18.95 26.02 -30.68
CA ALA B 120 19.05 27.36 -31.29
C ALA B 120 17.70 27.96 -31.70
N ALA B 121 16.61 27.33 -31.25
CA ALA B 121 15.24 27.80 -31.47
C ALA B 121 14.96 29.24 -30.97
N ALA B 122 14.12 29.99 -31.67
CA ALA B 122 13.78 31.35 -31.22
C ALA B 122 12.87 31.46 -29.98
N SER B 123 12.33 30.33 -29.51
CA SER B 123 11.43 30.30 -28.33
C SER B 123 11.55 28.93 -27.70
N THR B 124 11.07 28.77 -26.47
CA THR B 124 11.12 27.44 -25.84
C THR B 124 10.05 26.53 -26.45
N ASN B 125 8.86 27.07 -26.69
CA ASN B 125 7.89 26.37 -27.52
C ASN B 125 8.49 25.71 -28.75
N GLU B 126 9.16 26.48 -29.60
CA GLU B 126 9.82 25.92 -30.80
C GLU B 126 10.76 24.79 -30.40
N ARG B 127 11.63 25.06 -29.43
CA ARG B 127 12.55 24.03 -28.92
C ARG B 127 11.82 22.72 -28.55
N ILE B 128 10.79 22.81 -27.71
CA ILE B 128 9.97 21.66 -27.38
C ILE B 128 9.53 20.88 -28.62
N ALA B 129 8.85 21.60 -29.51
CA ALA B 129 8.30 20.97 -30.72
C ALA B 129 9.41 20.35 -31.55
N GLN B 130 10.51 21.07 -31.73
CA GLN B 130 11.56 20.57 -32.57
C GLN B 130 12.28 19.38 -31.97
N ARG B 131 12.54 19.43 -30.65
CA ARG B 131 13.14 18.28 -29.95
C ARG B 131 12.22 17.06 -30.10
N ALA B 132 10.92 17.32 -30.06
CA ALA B 132 9.92 16.29 -30.09
C ALA B 132 10.01 15.49 -31.36
N LEU B 133 10.48 16.10 -32.44
CA LEU B 133 10.51 15.37 -33.71
C LEU B 133 11.23 14.03 -33.68
N GLU B 134 12.25 13.85 -32.86
CA GLU B 134 12.99 12.59 -32.83
C GLU B 134 12.15 11.42 -32.35
N GLY B 135 11.20 11.69 -31.47
CA GLY B 135 10.23 10.70 -31.08
C GLY B 135 9.57 10.17 -32.33
N PHE B 136 9.12 11.10 -33.17
CA PHE B 136 8.41 10.77 -34.38
C PHE B 136 9.25 9.96 -35.35
N THR B 137 10.43 10.45 -35.68
CA THR B 137 11.21 9.82 -36.73
C THR B 137 11.67 8.45 -36.29
N ARG B 138 12.06 8.30 -35.02
CA ARG B 138 12.50 7.01 -34.53
C ARG B 138 11.38 5.98 -34.53
N SER B 139 10.19 6.44 -34.13
CA SER B 139 9.03 5.61 -34.15
C SER B 139 8.64 5.25 -35.57
N LEU B 140 8.56 6.26 -36.44
CA LEU B 140 8.12 5.99 -37.82
C LEU B 140 9.14 5.01 -38.39
N GLY B 141 10.41 5.26 -38.13
CA GLY B 141 11.45 4.34 -38.55
C GLY B 141 11.02 2.90 -38.36
N LYS B 142 10.40 2.64 -37.20
CA LYS B 142 9.94 1.32 -36.80
C LYS B 142 8.64 0.80 -37.42
N GLU B 143 8.04 1.58 -38.30
CA GLU B 143 6.73 1.21 -38.89
C GLU B 143 6.85 0.94 -40.39
N LEU B 144 7.93 1.44 -40.99
CA LEU B 144 8.07 1.44 -42.45
C LEU B 144 8.38 0.05 -42.96
N ARG B 145 7.85 -0.23 -44.16
CA ARG B 145 7.95 -1.53 -44.80
C ARG B 145 8.89 -1.47 -45.98
N ARG B 146 9.33 -2.65 -46.43
CA ARG B 146 10.02 -2.80 -47.70
C ARG B 146 11.42 -2.16 -47.66
N GLY B 147 12.02 -2.11 -46.48
CA GLY B 147 13.40 -1.65 -46.37
C GLY B 147 13.62 -0.15 -46.50
N ALA B 148 12.52 0.61 -46.49
CA ALA B 148 12.53 2.07 -46.42
C ALA B 148 13.00 2.46 -45.02
N THR B 149 13.55 3.67 -44.92
CA THR B 149 14.23 4.18 -43.74
C THR B 149 13.76 5.62 -43.46
N THR B 150 13.80 6.04 -42.18
CA THR B 150 13.52 7.42 -41.76
C THR B 150 14.79 8.12 -41.25
N ALA B 151 14.83 9.43 -41.44
CA ALA B 151 15.90 10.25 -40.85
C ALA B 151 15.45 11.65 -40.35
N LEU B 152 16.15 12.17 -39.35
CA LEU B 152 15.92 13.52 -38.90
C LEU B 152 17.20 14.29 -39.11
N VAL B 153 17.06 15.41 -39.83
CA VAL B 153 18.11 16.37 -40.07
C VAL B 153 17.71 17.70 -39.48
N TYR B 154 18.58 18.24 -38.61
CA TYR B 154 18.39 19.55 -37.96
C TYR B 154 19.27 20.56 -38.67
N LEU B 155 18.71 21.73 -39.01
CA LEU B 155 19.50 22.73 -39.68
C LEU B 155 19.56 23.97 -38.85
N SER B 156 20.77 24.50 -38.63
CA SER B 156 20.92 25.74 -37.87
C SER B 156 19.98 26.82 -38.42
N PRO B 157 19.22 27.46 -37.53
CA PRO B 157 18.32 28.53 -37.94
C PRO B 157 19.14 29.68 -38.51
N ASP B 158 20.48 29.60 -38.35
CA ASP B 158 21.42 30.61 -38.90
C ASP B 158 21.87 30.36 -40.33
N ALA B 159 21.58 29.19 -40.90
CA ALA B 159 21.81 28.93 -42.32
C ALA B 159 21.10 30.01 -43.14
N LYS B 160 21.73 30.49 -44.20
CA LYS B 160 21.08 31.39 -45.17
C LYS B 160 19.92 30.66 -45.85
N PRO B 161 18.90 31.40 -46.29
CA PRO B 161 17.75 30.77 -46.96
C PRO B 161 18.14 29.75 -48.05
N ALA B 162 19.18 30.03 -48.82
CA ALA B 162 19.64 29.11 -49.87
C ALA B 162 19.77 27.70 -49.35
N ALA B 163 20.13 27.57 -48.08
CA ALA B 163 20.35 26.26 -47.48
C ALA B 163 21.37 25.39 -48.22
N THR B 164 22.47 25.96 -48.72
CA THR B 164 23.51 25.19 -49.44
C THR B 164 24.19 24.14 -48.60
N GLY B 165 24.31 24.36 -47.30
CA GLY B 165 25.04 23.43 -46.44
C GLY B 165 24.27 22.17 -46.10
N LEU B 166 22.97 22.13 -46.47
CA LEU B 166 22.10 20.98 -46.21
C LEU B 166 22.17 19.95 -47.33
N GLU B 167 22.20 20.42 -48.58
CA GLU B 167 22.18 19.56 -49.75
C GLU B 167 22.97 18.23 -49.63
N SER B 168 24.25 18.27 -49.28
CA SER B 168 25.02 17.00 -49.25
C SER B 168 24.37 15.92 -48.34
N THR B 169 23.69 16.38 -47.28
CA THR B 169 23.00 15.49 -46.40
C THR B 169 21.72 14.98 -47.08
N MET B 170 21.03 15.87 -47.76
CA MET B 170 19.82 15.47 -48.47
C MET B 170 20.14 14.51 -49.61
N ARG B 171 21.27 14.70 -50.29
CA ARG B 171 21.63 13.78 -51.39
C ARG B 171 22.07 12.44 -50.84
N PHE B 172 22.80 12.41 -49.73
CA PHE B 172 23.20 11.15 -49.19
C PHE B 172 21.99 10.42 -48.62
N LEU B 173 21.06 11.13 -47.98
CA LEU B 173 19.93 10.42 -47.43
C LEU B 173 19.06 9.97 -48.59
N LEU B 174 18.77 10.91 -49.49
CA LEU B 174 17.85 10.62 -50.57
C LEU B 174 18.56 9.87 -51.66
N SER B 175 19.24 8.80 -51.28
CA SER B 175 19.93 7.98 -52.25
C SER B 175 19.97 6.57 -51.72
N ALA B 176 20.50 5.65 -52.50
CA ALA B 176 20.66 4.29 -52.08
C ALA B 176 21.95 4.14 -51.26
N LYS B 177 22.86 5.12 -51.37
CA LYS B 177 24.11 5.06 -50.61
C LYS B 177 23.84 4.83 -49.14
N SER B 178 22.82 5.52 -48.61
CA SER B 178 22.41 5.43 -47.19
C SER B 178 21.51 4.26 -46.83
N ALA B 179 21.69 3.13 -47.50
CA ALA B 179 20.77 1.99 -47.38
C ALA B 179 20.67 1.38 -45.96
N TYR B 180 21.75 1.49 -45.18
CA TYR B 180 21.77 0.96 -43.82
C TYR B 180 21.75 1.98 -42.70
N VAL B 181 21.43 3.23 -43.03
CA VAL B 181 21.36 4.28 -42.00
C VAL B 181 19.90 4.52 -41.80
N ASP B 182 19.42 4.20 -40.62
CA ASP B 182 18.01 4.31 -40.33
C ASP B 182 17.81 4.88 -38.95
N GLY B 183 16.85 5.78 -38.87
CA GLY B 183 16.30 6.20 -37.59
C GLY B 183 17.20 7.20 -36.95
N GLN B 184 18.14 7.73 -37.73
CA GLN B 184 19.22 8.59 -37.24
C GLN B 184 18.90 10.08 -37.22
N VAL B 185 19.75 10.83 -36.51
CA VAL B 185 19.62 12.31 -36.37
C VAL B 185 20.88 13.00 -36.91
N PHE B 186 20.72 13.78 -37.96
CA PHE B 186 21.80 14.51 -38.63
C PHE B 186 21.66 15.95 -38.20
N SER B 187 22.81 16.56 -37.90
CA SER B 187 22.84 17.92 -37.40
C SER B 187 23.78 18.84 -38.21
N VAL B 188 23.20 19.80 -38.92
CA VAL B 188 23.91 20.62 -39.92
C VAL B 188 24.00 22.08 -39.43
N GLY B 189 25.19 22.67 -39.50
CA GLY B 189 25.41 24.05 -39.07
C GLY B 189 24.94 25.11 -40.08
N ALA B 190 25.48 26.34 -39.92
CA ALA B 190 25.08 27.51 -40.65
C ALA B 190 25.85 27.72 -41.96
N ASP B 191 27.02 27.10 -42.07
CA ASP B 191 27.94 27.44 -43.15
C ASP B 191 27.41 27.12 -44.51
N ASP B 192 27.77 28.01 -45.42
CA ASP B 192 27.47 27.87 -46.84
C ASP B 192 28.29 26.75 -47.49
N SER B 193 27.70 26.15 -48.52
CA SER B 193 28.40 25.10 -49.27
C SER B 193 28.50 25.29 -50.77
N THR B 194 29.69 24.95 -51.25
CA THR B 194 29.96 24.74 -52.66
C THR B 194 29.83 23.23 -52.93
N PRO B 195 29.06 22.88 -53.97
CA PRO B 195 28.91 21.51 -54.46
C PRO B 195 30.15 21.07 -55.24
N PRO B 196 30.48 19.75 -55.19
CA PRO B 196 31.58 19.21 -56.00
C PRO B 196 31.37 19.46 -57.50
N ALA B 197 32.43 19.34 -58.30
CA ALA B 197 32.28 19.41 -59.73
C ALA B 197 31.26 18.38 -60.13
N ASP B 198 31.35 17.20 -59.54
CA ASP B 198 30.54 16.09 -60.00
C ASP B 198 30.03 15.33 -58.78
N TRP B 199 28.73 15.45 -58.53
CA TRP B 199 28.09 14.78 -57.39
C TRP B 199 28.35 13.26 -57.39
N GLU B 200 28.63 12.69 -58.56
CA GLU B 200 28.93 11.25 -58.71
C GLU B 200 30.43 10.95 -58.58
N LYS B 201 31.26 11.98 -58.69
CA LYS B 201 32.68 11.84 -58.41
C LYS B 201 33.08 12.88 -57.35
N PRO B 202 32.47 12.78 -56.14
CA PRO B 202 32.51 13.80 -55.12
C PRO B 202 33.91 14.07 -54.62
N LEU B 203 34.71 13.03 -54.49
CA LEU B 203 36.05 13.18 -53.91
C LEU B 203 37.16 13.35 -54.93
N ASP B 204 36.77 13.64 -56.16
CA ASP B 204 37.68 13.85 -57.24
C ASP B 204 38.81 14.80 -56.83
N GLY B 205 40.04 14.34 -56.93
CA GLY B 205 41.21 15.13 -56.57
C GLY B 205 41.51 15.17 -55.07
N LYS B 206 40.89 14.30 -54.29
CA LYS B 206 41.18 14.31 -52.87
C LYS B 206 42.14 13.17 -52.49
N VAL B 207 42.87 13.41 -51.41
CA VAL B 207 43.89 12.53 -50.92
C VAL B 207 43.38 12.14 -49.55
N ALA B 208 43.14 10.83 -49.37
CA ALA B 208 42.64 10.29 -48.11
C ALA B 208 43.61 9.30 -47.49
N ILE B 209 43.77 9.38 -46.18
CA ILE B 209 44.56 8.47 -45.41
C ILE B 209 43.51 7.60 -44.73
N VAL B 210 43.45 6.32 -45.14
CA VAL B 210 42.54 5.34 -44.51
C VAL B 210 43.37 4.34 -43.71
N THR B 211 43.28 4.42 -42.38
CA THR B 211 44.04 3.50 -41.53
C THR B 211 43.26 2.20 -41.27
N GLY B 212 43.99 1.10 -41.11
CA GLY B 212 43.38 -0.22 -41.00
C GLY B 212 42.65 -0.61 -42.28
N ALA B 213 43.34 -0.66 -43.41
CA ALA B 213 42.63 -0.84 -44.68
C ALA B 213 42.98 -2.12 -45.45
N ALA B 214 43.67 -3.06 -44.79
CA ALA B 214 44.02 -4.32 -45.44
C ALA B 214 42.75 -5.14 -45.71
N ARG B 215 41.92 -5.31 -44.67
CA ARG B 215 40.69 -6.11 -44.77
C ARG B 215 39.38 -5.39 -44.39
N GLY B 216 38.27 -6.00 -44.80
CA GLY B 216 36.94 -5.62 -44.42
C GLY B 216 36.66 -4.15 -44.61
N ILE B 217 36.12 -3.55 -43.54
CA ILE B 217 35.58 -2.19 -43.55
C ILE B 217 36.53 -1.16 -44.12
N GLY B 218 37.77 -1.14 -43.61
CA GLY B 218 38.79 -0.18 -44.03
C GLY B 218 39.12 -0.39 -45.50
N ALA B 219 39.33 -1.65 -45.85
CA ALA B 219 39.49 -2.05 -47.23
C ALA B 219 38.33 -1.47 -48.08
N THR B 220 37.09 -1.53 -47.57
CA THR B 220 35.94 -1.07 -48.36
C THR B 220 35.85 0.44 -48.41
N ILE B 221 36.04 1.11 -47.26
CA ILE B 221 36.27 2.56 -47.23
C ILE B 221 37.26 3.03 -48.33
N ALA B 222 38.30 2.24 -48.58
CA ALA B 222 39.26 2.56 -49.64
C ALA B 222 38.65 2.45 -51.04
N GLU B 223 37.82 1.43 -51.26
CA GLU B 223 37.14 1.25 -52.55
C GLU B 223 36.21 2.43 -52.83
N VAL B 224 35.28 2.67 -51.91
CA VAL B 224 34.27 3.73 -52.06
C VAL B 224 34.94 5.07 -52.37
N PHE B 225 36.04 5.35 -51.66
CA PHE B 225 36.82 6.56 -51.88
C PHE B 225 37.38 6.60 -53.29
N ALA B 226 37.92 5.48 -53.76
CA ALA B 226 38.38 5.39 -55.14
C ALA B 226 37.22 5.73 -56.09
N ARG B 227 36.11 5.03 -55.94
CA ARG B 227 34.91 5.26 -56.73
C ARG B 227 34.53 6.73 -56.78
N ASP B 228 34.93 7.48 -55.77
CA ASP B 228 34.50 8.86 -55.69
C ASP B 228 35.61 9.84 -56.09
N GLY B 229 36.78 9.34 -56.46
CA GLY B 229 37.81 10.22 -57.00
C GLY B 229 39.11 10.28 -56.23
N ALA B 230 39.10 9.77 -55.02
CA ALA B 230 40.22 9.94 -54.11
C ALA B 230 41.45 9.13 -54.50
N HIS B 231 42.61 9.74 -54.26
CA HIS B 231 43.88 9.01 -54.19
C HIS B 231 43.97 8.46 -52.75
N VAL B 232 43.94 7.13 -52.58
CA VAL B 232 43.95 6.56 -51.21
C VAL B 232 45.32 6.14 -50.67
N VAL B 233 45.70 6.67 -49.52
CA VAL B 233 46.85 6.15 -48.79
C VAL B 233 46.34 5.07 -47.85
N ALA B 234 46.37 3.81 -48.33
CA ALA B 234 45.91 2.64 -47.58
C ALA B 234 46.95 2.24 -46.53
N ILE B 235 46.58 2.30 -45.25
CA ILE B 235 47.53 2.02 -44.15
C ILE B 235 47.24 0.72 -43.39
N ASP B 236 48.32 0.06 -42.97
CA ASP B 236 48.25 -1.10 -42.06
C ASP B 236 49.59 -1.46 -41.44
N VAL B 237 49.54 -2.52 -40.64
CA VAL B 237 50.69 -3.06 -39.94
C VAL B 237 51.48 -4.03 -40.83
N GLU B 238 52.72 -4.31 -40.43
CA GLU B 238 53.62 -5.16 -41.23
C GLU B 238 53.01 -6.53 -41.61
N SER B 239 52.49 -7.24 -40.59
CA SER B 239 51.85 -8.54 -40.76
C SER B 239 50.82 -8.57 -41.90
N ALA B 240 50.21 -7.41 -42.20
CA ALA B 240 49.10 -7.34 -43.13
C ALA B 240 49.51 -7.07 -44.56
N ALA B 241 50.82 -6.97 -44.77
CA ALA B 241 51.45 -6.66 -46.06
C ALA B 241 50.67 -7.13 -47.30
N GLU B 242 50.42 -8.44 -47.38
CA GLU B 242 49.77 -9.10 -48.52
C GLU B 242 48.42 -8.46 -48.85
N ASN B 243 47.53 -8.41 -47.87
CA ASN B 243 46.20 -7.90 -48.10
C ASN B 243 46.15 -6.37 -48.32
N LEU B 244 47.12 -5.66 -47.74
CA LEU B 244 47.28 -4.23 -48.03
C LEU B 244 47.55 -4.01 -49.55
N ALA B 245 48.70 -4.50 -50.04
CA ALA B 245 49.02 -4.54 -51.48
C ALA B 245 47.82 -4.75 -52.41
N GLU B 246 46.94 -5.69 -52.08
CA GLU B 246 45.72 -5.96 -52.85
C GLU B 246 44.79 -4.77 -52.80
N THR B 247 44.57 -4.24 -51.60
CA THR B 247 43.75 -3.04 -51.46
C THR B 247 44.35 -1.93 -52.34
N ALA B 248 45.58 -1.54 -52.04
CA ALA B 248 46.22 -0.44 -52.70
C ALA B 248 46.21 -0.61 -54.22
N SER B 249 46.36 -1.85 -54.67
CA SER B 249 46.33 -2.18 -56.10
C SER B 249 44.93 -1.96 -56.64
N LYS B 250 43.95 -2.54 -55.96
CA LYS B 250 42.56 -2.50 -56.39
C LYS B 250 42.03 -1.06 -56.50
N VAL B 251 42.51 -0.19 -55.63
CA VAL B 251 41.96 1.16 -55.58
C VAL B 251 42.84 2.23 -56.24
N GLY B 252 43.92 1.80 -56.88
CA GLY B 252 44.84 2.72 -57.52
C GLY B 252 45.49 3.67 -56.52
N GLY B 253 45.54 3.24 -55.26
CA GLY B 253 46.20 3.98 -54.20
C GLY B 253 47.61 3.49 -53.96
N THR B 254 48.20 3.95 -52.88
CA THR B 254 49.57 3.63 -52.55
C THR B 254 49.57 3.13 -51.12
N ALA B 255 50.41 2.14 -50.83
CA ALA B 255 50.38 1.47 -49.52
C ALA B 255 51.42 1.97 -48.54
N LEU B 256 51.04 1.91 -47.26
CA LEU B 256 51.92 2.30 -46.17
C LEU B 256 51.84 1.31 -45.01
N TRP B 257 52.96 0.68 -44.68
CA TRP B 257 53.06 -0.09 -43.46
C TRP B 257 53.41 0.84 -42.31
N LEU B 258 52.60 0.81 -41.26
CA LEU B 258 52.98 1.26 -39.92
C LEU B 258 51.95 0.84 -38.90
N ASP B 259 52.42 0.61 -37.67
CA ASP B 259 51.54 0.47 -36.52
C ASP B 259 51.20 1.87 -36.01
N VAL B 260 49.90 2.19 -36.00
CA VAL B 260 49.39 3.55 -35.70
C VAL B 260 49.83 4.04 -34.32
N THR B 261 50.12 3.09 -33.44
CA THR B 261 50.58 3.36 -32.07
C THR B 261 52.10 3.62 -31.93
N ALA B 262 52.83 3.64 -33.05
CA ALA B 262 54.25 4.04 -33.04
C ALA B 262 54.43 5.56 -32.82
N ASP B 263 55.53 5.91 -32.16
CA ASP B 263 55.80 7.26 -31.69
C ASP B 263 56.10 8.10 -32.92
N ASP B 264 56.57 7.41 -33.95
CA ASP B 264 56.95 7.99 -35.22
C ASP B 264 55.77 7.96 -36.20
N ALA B 265 54.62 7.45 -35.75
CA ALA B 265 53.45 7.29 -36.61
C ALA B 265 53.18 8.53 -37.48
N VAL B 266 52.90 9.66 -36.81
CA VAL B 266 52.64 10.91 -37.52
C VAL B 266 53.79 11.23 -38.48
N ASP B 267 55.01 11.22 -37.98
CA ASP B 267 56.19 11.43 -38.82
C ASP B 267 56.23 10.55 -40.09
N LYS B 268 56.05 9.23 -39.95
CA LYS B 268 56.05 8.33 -41.12
C LYS B 268 54.96 8.61 -42.18
N ILE B 269 53.77 8.95 -41.74
CA ILE B 269 52.67 9.33 -42.64
C ILE B 269 53.07 10.60 -43.42
N SER B 270 53.57 11.59 -42.66
CA SER B 270 54.07 12.88 -43.17
C SER B 270 55.18 12.76 -44.19
N GLU B 271 56.13 11.86 -43.91
CA GLU B 271 57.19 11.55 -44.87
C GLU B 271 56.53 11.08 -46.18
N HIS B 272 55.55 10.19 -46.06
CA HIS B 272 54.87 9.64 -47.23
C HIS B 272 54.14 10.71 -48.04
N LEU B 273 53.46 11.62 -47.36
CA LEU B 273 52.67 12.68 -48.03
C LEU B 273 53.56 13.66 -48.80
N ARG B 274 54.79 13.85 -48.33
CA ARG B 274 55.76 14.68 -49.07
C ARG B 274 56.23 14.01 -50.36
N ASP B 275 56.77 12.79 -50.22
CA ASP B 275 57.19 11.94 -51.35
C ASP B 275 56.09 11.73 -52.39
N HIS B 276 54.82 11.72 -51.97
CA HIS B 276 53.74 11.26 -52.85
C HIS B 276 52.57 12.21 -53.13
N HIS B 277 52.30 13.18 -52.24
CA HIS B 277 51.12 14.07 -52.36
C HIS B 277 51.35 15.52 -51.94
N GLY B 278 52.55 16.04 -52.17
CA GLY B 278 52.88 17.44 -51.86
C GLY B 278 52.69 17.86 -50.40
N GLY B 279 52.89 16.92 -49.49
CA GLY B 279 52.75 17.18 -48.05
C GLY B 279 51.31 17.25 -47.56
N LYS B 280 50.37 17.32 -48.49
CA LYS B 280 48.95 17.47 -48.24
C LYS B 280 48.19 16.14 -48.26
N ALA B 281 47.29 15.99 -47.29
CA ALA B 281 46.18 15.03 -47.38
C ALA B 281 44.94 15.75 -46.92
N ASP B 282 43.80 15.41 -47.52
CA ASP B 282 42.57 16.10 -47.24
C ASP B 282 41.72 15.41 -46.14
N ILE B 283 41.75 14.07 -46.10
CA ILE B 283 40.88 13.29 -45.21
C ILE B 283 41.71 12.26 -44.43
N LEU B 284 41.40 12.11 -43.14
CA LEU B 284 42.01 11.10 -42.29
C LEU B 284 40.92 10.21 -41.75
N VAL B 285 41.13 8.90 -41.87
CA VAL B 285 40.15 7.94 -41.33
C VAL B 285 40.72 7.02 -40.24
N ASN B 286 40.35 7.26 -39.00
CA ASN B 286 40.80 6.38 -37.94
C ASN B 286 39.91 5.14 -37.88
N ASN B 287 40.16 4.26 -38.84
CA ASN B 287 39.41 3.00 -38.97
C ASN B 287 40.09 1.91 -38.16
N ALA B 288 41.42 1.87 -38.16
CA ALA B 288 42.15 0.86 -37.40
C ALA B 288 41.60 0.72 -35.99
N GLY B 289 41.18 -0.51 -35.69
CA GLY B 289 40.66 -0.89 -34.41
C GLY B 289 40.93 -2.36 -34.20
N ILE B 290 40.86 -2.78 -32.94
CA ILE B 290 41.07 -4.16 -32.55
C ILE B 290 40.22 -4.41 -31.29
N THR B 291 39.97 -5.68 -30.94
CA THR B 291 39.14 -5.99 -29.77
C THR B 291 39.98 -6.45 -28.58
N ARG B 292 39.96 -7.74 -28.21
CA ARG B 292 40.52 -8.18 -26.91
C ARG B 292 39.45 -8.27 -25.83
N ASP B 293 38.35 -8.95 -26.09
CA ASP B 293 37.24 -8.97 -25.16
C ASP B 293 37.53 -9.78 -23.92
N LYS B 294 37.32 -9.18 -22.75
CA LYS B 294 37.38 -9.93 -21.50
C LYS B 294 36.47 -9.29 -20.45
N LEU B 295 35.77 -10.11 -19.67
CA LEU B 295 35.02 -9.54 -18.55
C LEU B 295 35.99 -8.72 -17.72
N LEU B 296 35.52 -7.57 -17.24
CA LEU B 296 36.38 -6.65 -16.49
C LEU B 296 37.07 -7.26 -15.25
N ALA B 297 36.44 -8.28 -14.65
CA ALA B 297 36.95 -8.91 -13.42
C ALA B 297 38.04 -9.93 -13.71
N ASN B 298 38.36 -10.06 -15.00
CA ASN B 298 39.42 -10.92 -15.48
C ASN B 298 40.24 -10.15 -16.51
N MET B 299 40.26 -8.83 -16.41
CA MET B 299 40.94 -7.98 -17.38
C MET B 299 42.34 -7.76 -16.86
N ASP B 300 43.34 -7.85 -17.74
CA ASP B 300 44.75 -7.68 -17.40
C ASP B 300 45.26 -6.42 -18.07
N ASP B 301 46.48 -6.01 -17.77
CA ASP B 301 47.01 -4.75 -18.32
C ASP B 301 47.09 -4.76 -19.85
N ALA B 302 47.61 -5.85 -20.40
CA ALA B 302 47.80 -6.00 -21.86
C ALA B 302 46.51 -5.74 -22.63
N ARG B 303 45.46 -6.49 -22.30
CA ARG B 303 44.14 -6.39 -22.96
C ARG B 303 43.49 -5.02 -22.79
N TRP B 304 43.72 -4.37 -21.64
CA TRP B 304 43.26 -3.00 -21.44
C TRP B 304 44.03 -2.11 -22.40
N ASP B 305 45.35 -2.15 -22.23
CA ASP B 305 46.28 -1.18 -22.81
C ASP B 305 46.34 -1.27 -24.33
N ALA B 306 46.40 -2.49 -24.89
CA ALA B 306 46.46 -2.68 -26.33
C ALA B 306 45.35 -1.93 -27.05
N VAL B 307 44.13 -2.04 -26.51
CA VAL B 307 42.91 -1.52 -27.13
C VAL B 307 42.90 -0.03 -27.01
N LEU B 308 43.08 0.43 -25.78
CA LEU B 308 43.19 1.87 -25.50
C LEU B 308 44.18 2.55 -26.41
N ALA B 309 45.33 1.91 -26.58
CA ALA B 309 46.42 2.46 -27.39
C ALA B 309 46.08 2.51 -28.88
N VAL B 310 45.28 1.55 -29.35
CA VAL B 310 45.05 1.40 -30.78
C VAL B 310 43.79 2.15 -31.17
N ASN B 311 42.87 2.25 -30.23
CA ASN B 311 41.52 2.66 -30.59
C ASN B 311 41.19 4.07 -30.17
N LEU B 312 41.94 4.60 -29.21
CA LEU B 312 41.66 5.92 -28.70
C LEU B 312 42.92 6.76 -28.69
N LEU B 313 43.94 6.33 -27.96
CA LEU B 313 45.24 7.03 -28.00
C LEU B 313 45.72 7.30 -29.42
N ALA B 314 45.68 6.27 -30.27
CA ALA B 314 46.25 6.37 -31.61
C ALA B 314 45.49 7.35 -32.49
N PRO B 315 44.17 7.09 -32.72
CA PRO B 315 43.36 7.98 -33.54
C PRO B 315 43.54 9.44 -33.17
N LEU B 316 43.45 9.78 -31.89
CA LEU B 316 43.77 11.14 -31.47
C LEU B 316 45.18 11.51 -31.90
N ARG B 317 46.18 10.82 -31.38
CA ARG B 317 47.58 11.12 -31.76
C ARG B 317 47.72 11.45 -33.27
N LEU B 318 47.05 10.68 -34.14
CA LEU B 318 47.15 10.89 -35.57
C LEU B 318 46.50 12.20 -35.97
N THR B 319 45.26 12.38 -35.57
CA THR B 319 44.56 13.59 -35.93
C THR B 319 45.33 14.85 -35.44
N GLU B 320 45.51 15.02 -34.15
CA GLU B 320 46.21 16.20 -33.64
C GLU B 320 47.55 16.42 -34.32
N GLY B 321 48.28 15.33 -34.51
CA GLY B 321 49.60 15.38 -35.12
C GLY B 321 49.50 15.84 -36.54
N LEU B 322 48.57 15.24 -37.28
CA LEU B 322 48.46 15.52 -38.72
C LEU B 322 47.81 16.87 -39.08
N VAL B 323 47.02 17.42 -38.17
CA VAL B 323 46.57 18.78 -38.34
C VAL B 323 47.68 19.71 -37.91
N GLY B 324 48.33 19.38 -36.79
CA GLY B 324 49.34 20.24 -36.16
C GLY B 324 50.63 20.52 -36.93
N ASN B 325 51.04 19.60 -37.81
CA ASN B 325 52.20 19.87 -38.68
C ASN B 325 51.79 20.37 -40.07
N GLY B 326 50.48 20.53 -40.27
CA GLY B 326 49.96 21.16 -41.47
C GLY B 326 49.60 20.19 -42.58
N SER B 327 49.81 18.90 -42.35
CA SER B 327 49.48 17.88 -43.35
C SER B 327 48.01 17.92 -43.80
N ILE B 328 47.09 18.06 -42.86
CA ILE B 328 45.66 18.31 -43.12
C ILE B 328 45.31 19.70 -42.61
N GLY B 329 45.01 20.61 -43.55
CA GLY B 329 44.56 21.97 -43.26
C GLY B 329 43.20 22.26 -43.89
N GLU B 330 42.96 23.53 -44.20
CA GLU B 330 41.66 24.08 -44.59
C GLU B 330 40.96 23.21 -45.62
N GLY B 331 39.75 22.77 -45.27
CA GLY B 331 38.94 21.88 -46.15
C GLY B 331 38.99 20.45 -45.67
N GLY B 332 39.79 20.23 -44.64
CA GLY B 332 40.08 18.91 -44.12
C GLY B 332 38.86 18.19 -43.55
N ARG B 333 39.00 16.86 -43.41
CA ARG B 333 37.95 15.96 -42.96
C ARG B 333 38.58 14.83 -42.19
N VAL B 334 38.20 14.68 -40.93
CA VAL B 334 38.57 13.53 -40.14
C VAL B 334 37.29 12.80 -39.83
N ILE B 335 37.23 11.53 -40.23
CA ILE B 335 36.09 10.71 -39.89
C ILE B 335 36.66 9.59 -39.10
N GLY B 336 36.05 9.33 -37.95
CA GLY B 336 36.53 8.30 -37.02
C GLY B 336 35.48 7.23 -36.86
N LEU B 337 35.93 6.02 -36.52
CA LEU B 337 35.05 4.89 -36.39
C LEU B 337 34.69 4.62 -34.90
N SER B 338 33.48 5.02 -34.52
CA SER B 338 32.93 4.64 -33.22
C SER B 338 32.44 3.21 -33.32
N SER B 339 31.27 2.96 -32.78
CA SER B 339 30.67 1.65 -32.61
C SER B 339 29.48 1.83 -31.69
N ILE B 340 28.44 1.08 -31.98
CA ILE B 340 27.33 1.01 -31.06
C ILE B 340 27.72 0.59 -29.63
N ALA B 341 28.78 -0.20 -29.50
CA ALA B 341 29.16 -0.70 -28.18
C ALA B 341 29.59 0.50 -27.33
N GLY B 342 30.26 1.47 -27.95
CA GLY B 342 30.67 2.67 -27.27
C GLY B 342 29.48 3.53 -26.95
N ILE B 343 28.36 3.25 -27.58
CA ILE B 343 27.13 3.99 -27.30
C ILE B 343 26.33 3.33 -26.20
N ALA B 344 26.21 2.01 -26.22
CA ALA B 344 25.26 1.29 -25.36
C ALA B 344 25.98 0.38 -24.38
N GLY B 345 27.29 0.32 -24.49
CA GLY B 345 28.04 -0.63 -23.69
C GLY B 345 27.85 -2.06 -24.17
N ASN B 346 28.68 -2.97 -23.66
CA ASN B 346 28.55 -4.32 -24.08
C ASN B 346 29.40 -5.22 -23.20
N ARG B 347 28.85 -6.36 -22.79
CA ARG B 347 29.54 -7.32 -21.94
C ARG B 347 30.94 -7.66 -22.50
N GLY B 348 31.94 -7.73 -21.64
CA GLY B 348 33.28 -8.12 -22.06
C GLY B 348 34.00 -7.02 -22.80
N GLN B 349 33.40 -5.84 -22.83
CA GLN B 349 33.94 -4.74 -23.61
C GLN B 349 34.04 -3.40 -22.87
N THR B 350 34.33 -3.44 -21.59
CA THR B 350 34.67 -2.23 -20.88
C THR B 350 35.85 -1.57 -21.55
N ASN B 351 36.92 -2.31 -21.80
CA ASN B 351 38.01 -1.70 -22.58
C ASN B 351 37.56 -1.18 -23.97
N TYR B 352 36.93 -2.03 -24.77
CA TYR B 352 36.57 -1.68 -26.17
C TYR B 352 35.63 -0.48 -26.29
N ALA B 353 34.50 -0.54 -25.58
CA ALA B 353 33.54 0.52 -25.60
C ALA B 353 34.08 1.77 -24.91
N THR B 354 34.91 1.64 -23.87
CA THR B 354 35.55 2.83 -23.32
C THR B 354 36.15 3.59 -24.47
N THR B 355 36.83 2.89 -25.36
CA THR B 355 37.54 3.53 -26.47
C THR B 355 36.61 4.10 -27.54
N LYS B 356 35.51 3.43 -27.84
CA LYS B 356 34.60 3.91 -28.90
C LYS B 356 33.63 4.99 -28.42
N ALA B 357 33.43 5.09 -27.09
CA ALA B 357 32.81 6.31 -26.52
C ALA B 357 33.88 7.38 -26.57
N GLY B 358 35.12 6.93 -26.38
CA GLY B 358 36.28 7.78 -26.55
C GLY B 358 36.27 8.45 -27.91
N MET B 359 35.95 7.69 -28.95
CA MET B 359 35.95 8.21 -30.30
C MET B 359 34.95 9.34 -30.49
N ILE B 360 33.75 9.18 -29.92
CA ILE B 360 32.73 10.21 -29.83
C ILE B 360 33.33 11.39 -29.07
N GLY B 361 33.98 11.07 -27.94
CA GLY B 361 34.74 12.06 -27.19
C GLY B 361 35.69 12.86 -28.07
N ILE B 362 36.54 12.18 -28.85
CA ILE B 362 37.40 12.88 -29.79
C ILE B 362 36.55 13.80 -30.69
N THR B 363 35.48 13.24 -31.24
CA THR B 363 34.65 13.96 -32.20
C THR B 363 34.05 15.27 -31.66
N GLN B 364 33.52 15.20 -30.44
CA GLN B 364 32.75 16.31 -29.90
C GLN B 364 33.71 17.35 -29.39
N ALA B 365 34.90 16.89 -29.02
CA ALA B 365 35.88 17.75 -28.35
C ALA B 365 36.78 18.49 -29.31
N LEU B 366 37.21 17.83 -30.38
CA LEU B 366 38.06 18.52 -31.33
C LEU B 366 37.28 19.38 -32.34
N ALA B 367 35.95 19.36 -32.29
CA ALA B 367 35.11 19.97 -33.33
C ALA B 367 35.15 21.50 -33.37
N PRO B 368 34.97 22.17 -32.19
CA PRO B 368 35.05 23.64 -32.24
C PRO B 368 36.40 24.09 -32.78
N GLY B 369 37.48 23.53 -32.23
CA GLY B 369 38.83 23.92 -32.61
C GLY B 369 39.13 23.65 -34.07
N LEU B 370 38.70 22.47 -34.54
CA LEU B 370 38.92 22.11 -35.93
C LEU B 370 38.04 22.97 -36.84
N ALA B 371 36.85 23.31 -36.40
CA ALA B 371 36.02 24.19 -37.22
C ALA B 371 36.75 25.52 -37.50
N ALA B 372 37.29 26.15 -36.44
CA ALA B 372 37.95 27.48 -36.55
C ALA B 372 39.05 27.41 -37.59
N LYS B 373 39.49 26.18 -37.88
CA LYS B 373 40.59 25.91 -38.79
C LYS B 373 40.18 25.50 -40.21
N GLY B 374 38.88 25.36 -40.46
CA GLY B 374 38.37 24.89 -41.74
C GLY B 374 38.26 23.36 -41.91
N ILE B 375 38.32 22.61 -40.81
CA ILE B 375 38.25 21.13 -40.83
C ILE B 375 37.01 20.59 -40.08
N THR B 376 36.28 19.64 -40.69
CA THR B 376 35.15 19.00 -40.01
C THR B 376 35.62 17.67 -39.45
N ILE B 377 35.08 17.30 -38.30
CA ILE B 377 35.39 15.99 -37.71
C ILE B 377 34.10 15.32 -37.29
N ASN B 378 33.94 14.07 -37.67
CA ASN B 378 32.69 13.36 -37.43
C ASN B 378 33.00 11.89 -37.13
N ALA B 379 32.00 11.19 -36.61
CA ALA B 379 32.18 9.74 -36.41
C ALA B 379 31.06 8.88 -36.94
N VAL B 380 31.38 7.61 -37.15
CA VAL B 380 30.41 6.65 -37.59
C VAL B 380 30.40 5.48 -36.62
N ALA B 381 29.23 5.12 -36.10
CA ALA B 381 29.13 3.97 -35.21
C ALA B 381 28.46 2.82 -35.92
N PRO B 382 29.23 1.93 -36.53
CA PRO B 382 28.56 0.79 -37.12
C PRO B 382 27.72 -0.05 -36.13
N GLY B 383 26.69 -0.69 -36.69
CA GLY B 383 25.89 -1.69 -35.97
C GLY B 383 26.51 -3.05 -36.16
N PHE B 384 25.69 -4.00 -36.56
CA PHE B 384 26.17 -5.31 -36.94
C PHE B 384 26.39 -5.41 -38.46
N ILE B 385 27.61 -5.75 -38.83
CA ILE B 385 28.08 -5.67 -40.19
C ILE B 385 28.72 -6.97 -40.54
N GLU B 386 28.18 -7.64 -41.56
CA GLU B 386 28.80 -8.83 -42.13
C GLU B 386 30.26 -8.59 -42.47
N THR B 387 31.13 -9.22 -41.68
CA THR B 387 32.57 -9.01 -41.70
C THR B 387 33.22 -10.25 -41.13
N GLN B 388 34.55 -10.27 -41.11
CA GLN B 388 35.29 -11.43 -40.56
C GLN B 388 35.28 -11.53 -39.02
N MET B 389 35.30 -10.39 -38.33
CA MET B 389 35.08 -10.37 -36.88
C MET B 389 33.74 -11.02 -36.51
N THR B 390 32.67 -10.58 -37.19
CA THR B 390 31.29 -10.98 -36.85
C THR B 390 30.83 -12.38 -37.35
N ALA B 392 32.91 -15.45 -37.03
CA ALA B 392 33.74 -15.73 -35.85
C ALA B 392 33.00 -15.50 -34.53
N ILE B 393 31.79 -14.94 -34.61
CA ILE B 393 30.83 -14.93 -33.50
C ILE B 393 29.92 -16.15 -33.71
N PRO B 394 29.63 -16.89 -32.62
CA PRO B 394 28.89 -18.14 -32.80
C PRO B 394 27.46 -17.91 -33.27
N LEU B 395 26.92 -18.86 -34.02
CA LEU B 395 25.60 -18.73 -34.64
C LEU B 395 24.55 -18.12 -33.70
N ALA B 396 24.47 -18.69 -32.49
CA ALA B 396 23.52 -18.27 -31.45
C ALA B 396 23.40 -16.74 -31.34
N THR B 397 24.54 -16.09 -31.09
CA THR B 397 24.63 -14.64 -30.93
C THR B 397 24.54 -13.92 -32.27
N ARG B 398 25.27 -14.44 -33.27
CA ARG B 398 25.33 -13.87 -34.62
C ARG B 398 23.91 -13.62 -35.18
N GLU B 399 23.04 -14.63 -35.04
CA GLU B 399 21.69 -14.62 -35.60
C GLU B 399 20.77 -13.53 -35.07
N VAL B 400 20.95 -13.17 -33.80
CA VAL B 400 20.07 -12.19 -33.15
C VAL B 400 20.52 -10.72 -33.31
N GLY B 401 21.83 -10.46 -33.26
CA GLY B 401 22.38 -9.13 -33.55
C GLY B 401 22.13 -8.77 -35.01
N ARG B 402 22.20 -9.77 -35.88
CA ARG B 402 21.93 -9.63 -37.30
C ARG B 402 20.50 -9.11 -37.48
N ARG B 403 19.54 -9.70 -36.75
CA ARG B 403 18.11 -9.43 -36.95
C ARG B 403 17.43 -8.37 -36.06
N LEU B 404 18.11 -7.91 -35.01
CA LEU B 404 17.53 -6.96 -34.04
C LEU B 404 17.55 -5.44 -34.39
N ASN B 405 17.13 -5.12 -35.62
CA ASN B 405 17.04 -3.76 -36.13
C ASN B 405 15.79 -3.62 -37.02
N SER B 406 15.50 -2.42 -37.50
CA SER B 406 14.25 -2.26 -38.24
C SER B 406 14.32 -2.91 -39.60
N LEU B 407 15.54 -3.09 -40.11
CA LEU B 407 15.73 -3.57 -41.49
C LEU B 407 15.89 -5.05 -41.59
N LEU B 408 16.03 -5.68 -40.43
CA LEU B 408 15.84 -7.11 -40.18
C LEU B 408 16.98 -7.93 -40.71
N GLN B 409 18.13 -7.30 -40.82
CA GLN B 409 19.29 -7.95 -41.41
C GLN B 409 20.55 -7.22 -40.95
N GLY B 410 21.70 -7.89 -41.07
CA GLY B 410 23.01 -7.25 -40.89
C GLY B 410 23.40 -6.31 -42.02
N GLY B 411 24.49 -5.56 -41.83
CA GLY B 411 24.88 -4.55 -42.80
C GLY B 411 26.17 -4.90 -43.52
N GLN B 412 26.37 -4.31 -44.69
CA GLN B 412 27.60 -4.59 -45.46
C GLN B 412 28.61 -3.48 -45.27
N PRO B 413 29.92 -3.80 -45.42
CA PRO B 413 30.96 -2.79 -45.25
C PRO B 413 30.70 -1.54 -46.07
N VAL B 414 30.27 -1.73 -47.31
CA VAL B 414 29.90 -0.60 -48.19
C VAL B 414 28.94 0.37 -47.50
N ASP B 415 27.88 -0.16 -46.86
CA ASP B 415 26.94 0.70 -46.15
C ASP B 415 27.66 1.67 -45.20
N VAL B 416 28.68 1.17 -44.46
CA VAL B 416 29.48 2.04 -43.56
C VAL B 416 30.38 3.03 -44.31
N ALA B 417 31.09 2.54 -45.31
CA ALA B 417 32.01 3.39 -46.07
C ALA B 417 31.28 4.53 -46.79
N GLU B 418 30.00 4.28 -47.12
CA GLU B 418 29.17 5.28 -47.78
C GLU B 418 28.92 6.40 -46.83
N ALA B 419 28.59 6.06 -45.60
CA ALA B 419 28.31 7.05 -44.59
C ALA B 419 29.57 7.93 -44.43
N ILE B 420 30.71 7.27 -44.23
CA ILE B 420 32.01 7.94 -44.15
C ILE B 420 32.27 8.86 -45.34
N ALA B 421 31.98 8.39 -46.55
CA ALA B 421 32.16 9.20 -47.77
C ALA B 421 31.30 10.47 -47.78
N TYR B 422 30.11 10.35 -47.22
CA TYR B 422 29.24 11.48 -47.09
C TYR B 422 29.93 12.57 -46.25
N PHE B 423 30.48 12.18 -45.11
CA PHE B 423 31.12 13.16 -44.23
C PHE B 423 32.26 13.81 -44.96
N ALA B 424 32.95 12.98 -45.73
CA ALA B 424 34.20 13.33 -46.37
C ALA B 424 34.00 14.27 -47.54
N SER B 425 32.74 14.45 -47.99
CA SER B 425 32.50 15.33 -49.17
C SER B 425 33.02 16.74 -48.93
N PRO B 426 33.51 17.40 -50.01
CA PRO B 426 33.88 18.80 -49.87
C PRO B 426 32.66 19.63 -49.55
N ALA B 427 31.49 19.11 -49.93
CA ALA B 427 30.21 19.76 -49.77
C ALA B 427 29.59 19.53 -48.39
N SER B 428 30.25 18.74 -47.53
CA SER B 428 29.80 18.46 -46.16
C SER B 428 30.49 19.36 -45.09
N ASN B 429 30.93 20.54 -45.50
CA ASN B 429 31.62 21.46 -44.58
C ASN B 429 30.79 21.95 -43.40
N ALA B 430 29.49 22.13 -43.60
CA ALA B 430 28.58 22.53 -42.52
C ALA B 430 28.22 21.36 -41.62
N VAL B 431 28.74 20.16 -41.92
CA VAL B 431 28.50 18.98 -41.10
C VAL B 431 29.71 18.62 -40.24
N THR B 432 29.67 18.95 -38.96
CA THR B 432 30.70 18.54 -38.04
C THR B 432 30.08 18.26 -36.70
N GLY B 433 30.77 17.49 -35.89
CA GLY B 433 30.30 17.21 -34.55
C GLY B 433 29.47 15.96 -34.52
N ASN B 434 29.25 15.38 -35.71
CA ASN B 434 28.26 14.31 -35.87
C ASN B 434 28.75 12.91 -35.57
N VAL B 435 27.87 12.16 -34.93
CA VAL B 435 28.04 10.74 -34.68
C VAL B 435 26.79 10.11 -35.27
N ILE B 436 26.99 9.22 -36.25
CA ILE B 436 25.88 8.65 -37.00
C ILE B 436 26.01 7.16 -36.93
N ARG B 437 24.99 6.47 -36.43
CA ARG B 437 25.06 5.00 -36.39
C ARG B 437 24.71 4.38 -37.75
N VAL B 438 25.40 3.29 -38.11
CA VAL B 438 25.02 2.62 -39.33
C VAL B 438 24.49 1.27 -38.96
N CYS B 439 23.24 1.23 -38.56
CA CYS B 439 22.82 0.07 -37.82
C CYS B 439 21.52 -0.52 -38.33
N GLY B 440 21.03 0.05 -39.44
CA GLY B 440 19.68 -0.20 -39.92
C GLY B 440 18.71 -0.03 -38.77
N GLN B 441 18.97 0.96 -37.92
CA GLN B 441 18.25 1.17 -36.64
C GLN B 441 18.23 -0.06 -35.76
N ALA B 442 19.42 -0.52 -35.38
CA ALA B 442 19.52 -1.53 -34.33
C ALA B 442 18.77 -1.09 -33.06
N MET B 443 18.11 -2.06 -32.44
CA MET B 443 17.26 -1.86 -31.30
C MET B 443 18.08 -1.37 -30.11
N ILE B 444 19.32 -1.82 -30.04
CA ILE B 444 20.18 -1.55 -28.90
C ILE B 444 20.64 -0.07 -28.93
N GLY B 445 20.62 0.61 -27.78
CA GLY B 445 21.18 1.94 -27.66
C GLY B 445 21.11 2.43 -26.22
N ALA B 446 21.25 3.74 -26.04
CA ALA B 446 21.28 4.33 -24.70
C ALA B 446 19.94 4.91 -24.32
N PRO C 21 -4.02 -30.87 34.80
CA PRO C 21 -4.17 -29.73 33.86
C PRO C 21 -3.12 -28.64 34.17
N GLN C 22 -2.02 -28.63 33.40
CA GLN C 22 -0.88 -27.72 33.66
C GLN C 22 -0.72 -26.58 32.64
N PRO C 23 -0.36 -25.37 33.09
CA PRO C 23 -0.13 -24.20 32.23
C PRO C 23 0.91 -24.37 31.11
N GLU C 24 0.65 -23.77 29.96
CA GLU C 24 1.52 -23.81 28.78
C GLU C 24 2.40 -22.57 28.72
N THR C 25 3.64 -22.72 28.26
CA THR C 25 4.44 -21.56 27.90
C THR C 25 3.90 -21.13 26.56
N LEU C 26 3.40 -19.90 26.49
CA LEU C 26 2.69 -19.44 25.29
C LEU C 26 3.64 -18.85 24.29
N ARG C 27 3.31 -19.12 23.03
CA ARG C 27 4.07 -18.64 21.90
C ARG C 27 3.73 -17.16 21.62
N ARG C 28 4.74 -16.32 21.46
CA ARG C 28 4.52 -14.91 21.13
C ARG C 28 5.37 -14.51 19.92
N TYR C 29 5.05 -13.37 19.31
CA TYR C 29 5.77 -12.89 18.13
C TYR C 29 7.28 -12.89 18.27
N ARG C 30 7.99 -13.15 17.17
CA ARG C 30 9.45 -13.18 17.15
C ARG C 30 9.96 -12.75 15.76
N ALA C 31 11.25 -12.90 15.49
CA ALA C 31 11.80 -12.64 14.14
C ALA C 31 10.92 -13.24 13.03
N GLY C 32 11.20 -12.91 11.78
CA GLY C 32 10.42 -13.36 10.63
C GLY C 32 10.22 -14.86 10.38
N GLU C 33 9.51 -15.50 11.32
CA GLU C 33 9.19 -16.94 11.27
C GLU C 33 7.65 -17.22 11.13
N PRO C 34 7.24 -18.47 10.79
CA PRO C 34 5.82 -18.80 10.59
C PRO C 34 4.91 -18.24 11.68
N PRO C 35 3.77 -17.64 11.27
CA PRO C 35 2.81 -17.11 12.25
C PRO C 35 2.21 -18.25 13.06
N LEU C 36 2.05 -19.40 12.43
CA LEU C 36 1.46 -20.54 13.11
C LEU C 36 2.41 -21.73 13.16
N THR C 37 2.40 -22.42 14.31
CA THR C 37 3.06 -23.72 14.56
C THR C 37 2.69 -24.87 13.58
N GLY C 38 1.90 -24.60 12.54
CA GLY C 38 1.44 -25.65 11.65
C GLY C 38 0.46 -25.27 10.56
N SER C 39 -0.35 -26.25 10.18
CA SER C 39 -1.15 -26.15 8.99
C SER C 39 -2.43 -25.38 9.29
N LEU C 40 -2.72 -24.42 8.43
CA LEU C 40 -3.99 -23.72 8.50
C LEU C 40 -5.06 -24.49 7.74
N LEU C 41 -6.04 -25.00 8.46
CA LEU C 41 -7.16 -25.65 7.81
C LEU C 41 -8.41 -24.77 7.91
N ILE C 42 -8.93 -24.39 6.73
CA ILE C 42 -10.18 -23.64 6.61
C ILE C 42 -11.28 -24.50 5.96
N GLY C 43 -12.42 -24.62 6.66
CA GLY C 43 -13.60 -25.32 6.15
C GLY C 43 -14.93 -24.60 6.40
N GLY C 44 -16.03 -25.33 6.20
CA GLY C 44 -17.37 -24.77 6.27
C GLY C 44 -17.98 -24.43 4.91
N ALA C 45 -19.13 -23.77 4.94
CA ALA C 45 -19.76 -23.21 3.73
C ALA C 45 -20.13 -21.75 4.01
N GLY C 46 -19.95 -20.90 3.00
CA GLY C 46 -20.28 -19.47 3.10
C GLY C 46 -19.45 -18.60 2.19
N ARG C 47 -19.65 -17.30 2.33
CA ARG C 47 -19.07 -16.30 1.45
C ARG C 47 -17.63 -15.93 1.87
N VAL C 48 -17.05 -16.72 2.77
CA VAL C 48 -15.77 -16.39 3.39
C VAL C 48 -14.73 -17.43 3.09
N VAL C 49 -15.05 -18.69 3.40
CA VAL C 49 -14.12 -19.82 3.25
C VAL C 49 -13.25 -19.71 2.00
N GLU C 50 -13.89 -19.63 0.84
CA GLU C 50 -13.18 -19.48 -0.44
C GLU C 50 -12.29 -18.22 -0.60
N PRO C 51 -12.90 -17.01 -0.49
CA PRO C 51 -12.11 -15.78 -0.41
C PRO C 51 -10.89 -15.87 0.51
N LEU C 52 -11.09 -16.45 1.68
CA LEU C 52 -10.08 -16.43 2.72
C LEU C 52 -8.92 -17.40 2.47
N ARG C 53 -9.21 -18.52 1.80
CA ARG C 53 -8.18 -19.48 1.42
C ARG C 53 -7.17 -18.76 0.54
N ALA C 54 -7.67 -18.06 -0.48
CA ALA C 54 -6.87 -17.24 -1.40
C ALA C 54 -6.04 -16.22 -0.66
N ALA C 55 -6.71 -15.47 0.21
CA ALA C 55 -6.06 -14.36 0.88
C ALA C 55 -4.79 -14.78 1.67
N LEU C 56 -4.82 -16.00 2.25
CA LEU C 56 -3.76 -16.50 3.15
C LEU C 56 -2.97 -17.67 2.57
N GLU C 57 -3.25 -17.99 1.31
CA GLU C 57 -2.60 -19.06 0.59
C GLU C 57 -1.08 -19.01 0.66
N LYS C 58 -0.52 -17.83 0.44
CA LYS C 58 0.92 -17.64 0.35
C LYS C 58 1.60 -17.81 1.70
N ASP C 59 1.17 -17.01 2.68
CA ASP C 59 1.82 -16.88 3.98
C ASP C 59 1.58 -18.01 4.97
N TYR C 60 0.58 -18.86 4.70
CA TYR C 60 0.21 -20.00 5.55
C TYR C 60 0.30 -21.37 4.88
N ASP C 61 0.17 -22.41 5.70
CA ASP C 61 0.20 -23.81 5.26
C ASP C 61 -1.20 -24.33 4.99
N LEU C 62 -1.72 -24.10 3.80
CA LEU C 62 -3.09 -24.51 3.49
C LEU C 62 -3.22 -26.01 3.39
N VAL C 63 -4.39 -26.54 3.69
CA VAL C 63 -4.62 -27.96 3.57
C VAL C 63 -5.88 -28.26 2.72
N GLY C 64 -5.88 -29.38 1.96
CA GLY C 64 -6.91 -29.68 0.95
C GLY C 64 -8.34 -30.04 1.38
N ASN C 65 -8.62 -31.34 1.50
CA ASN C 65 -9.80 -31.85 2.23
C ASN C 65 -9.42 -33.05 3.15
N ASN C 66 -8.75 -32.76 4.29
CA ASN C 66 -8.25 -33.81 5.19
C ASN C 66 -8.38 -33.43 6.68
N ARG C 70 -4.31 -38.74 5.88
CA ARG C 70 -5.18 -37.67 6.38
C ARG C 70 -4.33 -36.53 6.96
N TRP C 71 -3.24 -36.22 6.28
CA TRP C 71 -2.43 -35.03 6.61
C TRP C 71 -1.38 -35.34 7.67
N ALA C 72 -0.12 -35.05 7.33
CA ALA C 72 1.06 -35.53 8.04
C ALA C 72 1.51 -34.59 9.14
N ASP C 73 0.76 -33.54 9.35
CA ASP C 73 1.28 -32.49 10.19
C ASP C 73 0.22 -32.08 11.22
N SER C 74 0.64 -31.34 12.24
CA SER C 74 -0.28 -30.74 13.18
C SER C 74 -1.14 -29.73 12.46
N PHE C 75 -2.18 -29.26 13.15
CA PHE C 75 -2.92 -28.09 12.70
C PHE C 75 -2.54 -26.91 13.54
N GLY C 76 -1.99 -25.89 12.88
CA GLY C 76 -1.73 -24.63 13.55
C GLY C 76 -3.00 -23.83 13.74
N GLY C 77 -4.03 -24.13 12.93
CA GLY C 77 -5.22 -23.32 12.89
C GLY C 77 -6.33 -24.01 12.16
N LEU C 78 -7.54 -23.78 12.65
CA LEU C 78 -8.77 -24.34 12.12
C LEU C 78 -9.69 -23.13 12.00
N VAL C 79 -10.17 -22.84 10.80
CA VAL C 79 -11.04 -21.70 10.62
C VAL C 79 -12.35 -22.15 10.01
N PHE C 80 -13.44 -21.95 10.75
CA PHE C 80 -14.75 -22.42 10.34
C PHE C 80 -15.66 -21.33 9.88
N ASP C 81 -15.98 -21.36 8.59
CA ASP C 81 -16.90 -20.40 7.99
C ASP C 81 -18.37 -20.77 8.22
N ALA C 82 -19.02 -20.04 9.13
CA ALA C 82 -20.42 -20.28 9.46
C ALA C 82 -21.42 -19.38 8.69
N THR C 83 -20.88 -18.46 7.89
CA THR C 83 -21.72 -17.51 7.17
C THR C 83 -22.84 -18.23 6.43
N GLY C 84 -22.52 -19.36 5.80
CA GLY C 84 -23.53 -20.12 5.08
C GLY C 84 -24.52 -20.86 5.96
N ILE C 85 -24.39 -20.77 7.28
CA ILE C 85 -25.42 -21.35 8.17
C ILE C 85 -26.55 -20.34 8.19
N THR C 86 -27.77 -20.79 7.90
CA THR C 86 -28.87 -19.86 7.67
C THR C 86 -30.14 -20.15 8.48
N GLU C 87 -30.15 -21.27 9.22
CA GLU C 87 -31.09 -21.50 10.33
C GLU C 87 -30.49 -22.43 11.38
N PRO C 88 -31.08 -22.50 12.57
CA PRO C 88 -30.55 -23.33 13.64
C PRO C 88 -30.26 -24.79 13.29
N ALA C 89 -30.93 -25.31 12.25
CA ALA C 89 -30.67 -26.67 11.77
C ALA C 89 -29.23 -26.76 11.26
N GLY C 90 -28.79 -25.71 10.56
CA GLY C 90 -27.44 -25.61 10.02
C GLY C 90 -26.31 -25.70 11.04
N LEU C 91 -26.63 -25.51 12.31
CA LEU C 91 -25.61 -25.50 13.35
C LEU C 91 -24.86 -26.83 13.53
N LYS C 92 -25.35 -27.89 12.89
CA LYS C 92 -24.68 -29.21 12.93
C LYS C 92 -23.32 -29.19 12.23
N GLY C 93 -23.06 -28.14 11.44
CA GLY C 93 -21.83 -27.98 10.68
C GLY C 93 -20.68 -27.82 11.65
N LEU C 94 -20.97 -27.16 12.74
CA LEU C 94 -20.01 -26.99 13.82
C LEU C 94 -19.49 -28.35 14.19
N HIS C 95 -20.42 -29.20 14.62
CA HIS C 95 -20.12 -30.53 15.13
C HIS C 95 -19.39 -31.32 14.05
N GLU C 96 -19.86 -31.19 12.82
CA GLU C 96 -19.32 -31.98 11.72
C GLU C 96 -17.90 -31.61 11.31
N PHE C 97 -17.59 -30.33 11.32
CA PHE C 97 -16.23 -29.88 11.05
C PHE C 97 -15.26 -30.17 12.20
N PHE C 98 -15.57 -29.69 13.40
CA PHE C 98 -14.56 -29.62 14.45
C PHE C 98 -14.20 -30.96 15.03
N THR C 99 -15.20 -31.65 15.55
CA THR C 99 -14.98 -32.94 16.17
C THR C 99 -13.86 -33.75 15.48
N PRO C 100 -14.00 -34.13 14.20
CA PRO C 100 -12.94 -34.86 13.50
C PRO C 100 -11.52 -34.32 13.66
N VAL C 101 -11.36 -33.00 13.85
CA VAL C 101 -10.03 -32.38 13.74
C VAL C 101 -9.36 -31.91 15.04
N LEU C 102 -10.14 -31.68 16.09
CA LEU C 102 -9.60 -31.08 17.31
C LEU C 102 -8.44 -31.87 17.95
N ARG C 103 -8.48 -33.21 17.84
CA ARG C 103 -7.46 -34.07 18.41
C ARG C 103 -6.10 -33.66 17.86
N ASN C 104 -6.12 -33.14 16.64
CA ASN C 104 -4.87 -32.83 15.94
C ASN C 104 -4.52 -31.33 15.91
N LEU C 105 -5.05 -30.58 16.87
CA LEU C 105 -4.64 -29.20 17.11
C LEU C 105 -3.27 -29.05 17.79
N GLY C 106 -2.48 -28.13 17.28
CA GLY C 106 -1.14 -27.88 17.83
C GLY C 106 -1.11 -27.18 19.18
N ARG C 107 0.11 -27.03 19.69
CA ARG C 107 0.40 -26.29 20.88
C ARG C 107 0.08 -24.88 20.49
N CYS C 108 -0.52 -24.09 21.40
CA CYS C 108 -0.91 -22.68 21.10
C CYS C 108 -1.59 -22.46 19.71
N GLY C 109 -2.40 -23.44 19.30
CA GLY C 109 -3.09 -23.37 18.03
C GLY C 109 -4.32 -22.50 18.14
N ARG C 110 -4.83 -22.03 17.01
CA ARG C 110 -5.93 -21.07 17.02
C ARG C 110 -7.18 -21.65 16.40
N VAL C 111 -8.34 -21.35 16.97
CA VAL C 111 -9.60 -21.81 16.43
C VAL C 111 -10.43 -20.55 16.27
N VAL C 112 -10.84 -20.26 15.02
CA VAL C 112 -11.67 -19.09 14.73
C VAL C 112 -12.87 -19.51 13.91
N VAL C 113 -14.05 -19.15 14.40
CA VAL C 113 -15.30 -19.31 13.69
C VAL C 113 -15.60 -17.96 13.08
N VAL C 114 -15.91 -17.93 11.79
CA VAL C 114 -16.36 -16.69 11.15
C VAL C 114 -17.85 -16.80 10.76
N GLY C 115 -18.65 -15.89 11.31
CA GLY C 115 -20.09 -15.82 11.03
C GLY C 115 -20.45 -14.46 10.46
N GLY C 116 -21.72 -14.25 10.14
CA GLY C 116 -22.20 -12.97 9.65
C GLY C 116 -22.93 -12.25 10.78
N THR C 117 -22.64 -10.95 10.94
CA THR C 117 -23.32 -10.09 11.92
C THR C 117 -24.77 -10.45 12.09
N PRO C 118 -25.16 -10.88 13.29
CA PRO C 118 -26.54 -11.26 13.50
C PRO C 118 -27.54 -10.17 13.14
N GLU C 119 -27.33 -8.96 13.64
CA GLU C 119 -28.29 -7.86 13.54
C GLU C 119 -28.57 -7.48 12.08
N ALA C 120 -27.83 -8.11 11.17
CA ALA C 120 -27.85 -7.76 9.76
C ALA C 120 -28.16 -8.98 8.85
N ALA C 121 -28.54 -10.09 9.48
CA ALA C 121 -28.88 -11.33 8.77
C ALA C 121 -30.10 -11.09 7.90
N ALA C 122 -30.30 -11.93 6.89
CA ALA C 122 -31.42 -11.79 5.93
C ALA C 122 -32.74 -12.42 6.42
N SER C 123 -32.69 -13.04 7.59
CA SER C 123 -33.86 -13.66 8.19
C SER C 123 -33.70 -13.76 9.71
N THR C 124 -34.80 -13.84 10.42
CA THR C 124 -34.77 -14.16 11.83
C THR C 124 -34.06 -15.51 12.11
N ASN C 125 -34.28 -16.49 11.24
CA ASN C 125 -33.60 -17.79 11.30
C ASN C 125 -32.07 -17.65 11.24
N GLU C 126 -31.60 -16.78 10.35
CA GLU C 126 -30.18 -16.63 10.16
C GLU C 126 -29.60 -16.05 11.41
N ARG C 127 -30.20 -14.94 11.84
CA ARG C 127 -29.78 -14.14 13.00
C ARG C 127 -29.69 -14.96 14.30
N ILE C 128 -30.56 -15.97 14.44
CA ILE C 128 -30.58 -16.81 15.61
C ILE C 128 -29.42 -17.77 15.53
N ALA C 129 -29.21 -18.36 14.37
CA ALA C 129 -28.08 -19.27 14.20
C ALA C 129 -26.72 -18.58 14.46
N GLN C 130 -26.64 -17.31 14.05
CA GLN C 130 -25.39 -16.56 14.11
C GLN C 130 -25.15 -16.11 15.52
N ARG C 131 -26.22 -15.70 16.18
CA ARG C 131 -26.10 -15.31 17.59
C ARG C 131 -25.65 -16.50 18.41
N ALA C 132 -26.11 -17.69 18.03
CA ALA C 132 -25.75 -18.95 18.70
C ALA C 132 -24.23 -19.24 18.71
N LEU C 133 -23.55 -18.82 17.65
CA LEU C 133 -22.12 -19.05 17.54
C LEU C 133 -21.32 -18.77 18.83
N GLU C 134 -21.74 -17.77 19.59
CA GLU C 134 -20.91 -17.29 20.70
C GLU C 134 -20.92 -18.27 21.87
N GLY C 135 -22.05 -18.93 22.07
CA GLY C 135 -22.15 -20.02 23.03
C GLY C 135 -21.20 -21.15 22.64
N PHE C 136 -21.22 -21.51 21.35
CA PHE C 136 -20.27 -22.47 20.81
C PHE C 136 -18.81 -22.12 21.11
N THR C 137 -18.38 -20.94 20.60
CA THR C 137 -16.98 -20.51 20.67
C THR C 137 -16.41 -20.37 22.09
N ARG C 138 -17.19 -19.79 23.00
CA ARG C 138 -16.75 -19.57 24.38
C ARG C 138 -16.65 -20.88 25.17
N SER C 139 -17.59 -21.78 24.88
CA SER C 139 -17.56 -23.14 25.41
C SER C 139 -16.36 -23.90 24.85
N LEU C 140 -16.08 -23.73 23.56
CA LEU C 140 -14.98 -24.46 22.96
C LEU C 140 -13.67 -23.96 23.54
N GLY C 141 -13.57 -22.65 23.74
CA GLY C 141 -12.38 -22.07 24.33
C GLY C 141 -12.09 -22.67 25.70
N LYS C 142 -13.14 -23.08 26.40
CA LYS C 142 -12.96 -23.68 27.70
C LYS C 142 -12.59 -25.16 27.60
N GLU C 143 -12.44 -25.65 26.38
CA GLU C 143 -12.15 -27.09 26.09
C GLU C 143 -10.76 -27.32 25.55
N LEU C 144 -10.17 -26.28 24.97
CA LEU C 144 -8.99 -26.48 24.14
C LEU C 144 -7.79 -26.69 25.03
N ARG C 145 -6.80 -27.41 24.52
CA ARG C 145 -5.65 -27.75 25.37
C ARG C 145 -4.32 -27.17 24.87
N ARG C 146 -3.44 -26.89 25.83
CA ARG C 146 -2.03 -26.51 25.61
C ARG C 146 -1.86 -25.18 24.88
N GLY C 147 -2.39 -24.14 25.52
CA GLY C 147 -2.29 -22.79 25.04
C GLY C 147 -3.18 -22.37 23.88
N ALA C 148 -3.99 -23.30 23.35
CA ALA C 148 -4.75 -23.09 22.12
C ALA C 148 -5.93 -22.18 22.38
N THR C 149 -6.24 -21.29 21.43
CA THR C 149 -7.33 -20.33 21.68
C THR C 149 -8.52 -20.44 20.72
N THR C 150 -9.65 -19.83 21.10
CA THR C 150 -10.81 -19.67 20.22
C THR C 150 -11.16 -18.20 20.04
N ALA C 151 -11.80 -17.89 18.92
CA ALA C 151 -12.24 -16.54 18.68
C ALA C 151 -13.49 -16.55 17.83
N LEU C 152 -14.40 -15.60 18.03
CA LEU C 152 -15.47 -15.42 17.02
C LEU C 152 -15.39 -14.07 16.28
N VAL C 153 -15.31 -14.13 14.95
CA VAL C 153 -15.32 -12.94 14.15
C VAL C 153 -16.63 -12.90 13.41
N TYR C 154 -17.31 -11.76 13.45
CA TYR C 154 -18.48 -11.49 12.60
C TYR C 154 -18.11 -10.60 11.44
N LEU C 155 -18.50 -11.00 10.25
CA LEU C 155 -18.37 -10.16 9.07
C LEU C 155 -19.75 -9.63 8.64
N SER C 156 -19.84 -8.31 8.42
CA SER C 156 -21.00 -7.70 7.80
C SER C 156 -21.37 -8.37 6.46
N PRO C 157 -22.68 -8.62 6.23
CA PRO C 157 -23.10 -9.15 4.92
C PRO C 157 -22.77 -8.20 3.77
N ASP C 158 -22.78 -6.89 4.06
CA ASP C 158 -22.51 -5.86 3.07
C ASP C 158 -21.03 -5.86 2.67
N ALA C 159 -20.27 -6.83 3.17
CA ALA C 159 -18.85 -6.95 2.80
C ALA C 159 -18.67 -7.62 1.45
N LYS C 160 -17.90 -6.99 0.57
CA LYS C 160 -17.60 -7.53 -0.75
C LYS C 160 -17.09 -9.01 -0.68
N PRO C 161 -17.28 -9.77 -1.78
CA PRO C 161 -16.72 -11.12 -1.91
C PRO C 161 -15.24 -11.23 -1.50
N ALA C 162 -14.38 -10.36 -2.05
CA ALA C 162 -12.94 -10.42 -1.76
C ALA C 162 -12.67 -10.50 -0.25
N ALA C 163 -13.56 -9.89 0.52
CA ALA C 163 -13.48 -9.84 1.99
C ALA C 163 -12.15 -9.26 2.48
N THR C 164 -11.60 -8.30 1.72
CA THR C 164 -10.28 -7.74 2.07
C THR C 164 -10.26 -7.11 3.48
N GLY C 165 -11.46 -6.80 3.99
CA GLY C 165 -11.62 -6.05 5.23
C GLY C 165 -11.40 -6.86 6.47
N LEU C 166 -11.37 -8.18 6.30
CA LEU C 166 -11.31 -9.22 7.35
C LEU C 166 -9.89 -9.66 7.67
N GLU C 167 -8.96 -9.25 6.83
CA GLU C 167 -7.63 -9.82 6.74
C GLU C 167 -6.73 -9.51 7.96
N SER C 168 -6.74 -8.24 8.37
CA SER C 168 -6.00 -7.80 9.53
C SER C 168 -6.46 -8.54 10.82
N THR C 169 -7.76 -8.85 10.91
CA THR C 169 -8.30 -9.55 12.06
C THR C 169 -7.87 -11.01 12.07
N MET C 170 -7.92 -11.65 10.90
CA MET C 170 -7.51 -13.05 10.81
C MET C 170 -5.99 -13.18 10.94
N ARG C 171 -5.23 -12.22 10.43
CA ARG C 171 -3.80 -12.33 10.57
C ARG C 171 -3.41 -12.13 12.03
N PHE C 172 -4.17 -11.30 12.74
CA PHE C 172 -3.92 -11.12 14.14
C PHE C 172 -4.24 -12.41 14.91
N LEU C 173 -5.40 -12.98 14.63
CA LEU C 173 -5.91 -14.13 15.38
C LEU C 173 -5.07 -15.34 15.07
N LEU C 174 -4.76 -15.53 13.78
CA LEU C 174 -3.92 -16.63 13.34
C LEU C 174 -2.43 -16.25 13.40
N SER C 175 -1.96 -15.91 14.60
CA SER C 175 -0.54 -15.62 14.85
C SER C 175 -0.20 -15.78 16.32
N ALA C 176 1.06 -15.51 16.66
CA ALA C 176 1.46 -15.52 18.07
C ALA C 176 1.07 -14.23 18.81
N LYS C 177 0.73 -13.19 18.06
CA LYS C 177 0.28 -11.95 18.63
C LYS C 177 -0.98 -12.09 19.50
N SER C 178 -1.98 -12.84 19.05
CA SER C 178 -3.23 -12.98 19.79
C SER C 178 -3.13 -14.00 20.93
N ALA C 179 -1.90 -14.25 21.38
CA ALA C 179 -1.63 -15.24 22.41
C ALA C 179 -2.56 -15.20 23.61
N TYR C 180 -2.80 -14.02 24.16
CA TYR C 180 -3.62 -13.92 25.36
C TYR C 180 -5.03 -13.40 25.07
N VAL C 181 -5.46 -13.45 23.82
CA VAL C 181 -6.84 -13.10 23.48
C VAL C 181 -7.67 -14.38 23.22
N ASP C 182 -8.66 -14.63 24.07
CA ASP C 182 -9.30 -15.93 24.07
C ASP C 182 -10.77 -15.84 24.44
N GLY C 183 -11.62 -16.40 23.57
CA GLY C 183 -13.07 -16.35 23.73
C GLY C 183 -13.77 -15.06 23.31
N GLN C 184 -13.13 -14.25 22.50
CA GLN C 184 -13.67 -12.93 22.24
C GLN C 184 -14.54 -12.89 21.01
N VAL C 185 -15.25 -11.77 20.82
CA VAL C 185 -16.11 -11.56 19.65
C VAL C 185 -15.65 -10.34 18.89
N PHE C 186 -15.17 -10.53 17.67
CA PHE C 186 -14.73 -9.42 16.85
C PHE C 186 -15.86 -9.08 15.89
N SER C 187 -16.06 -7.79 15.66
CA SER C 187 -17.05 -7.34 14.69
C SER C 187 -16.40 -6.59 13.52
N VAL C 188 -16.37 -7.18 12.33
CA VAL C 188 -15.85 -6.49 11.12
C VAL C 188 -16.94 -5.93 10.20
N GLY C 189 -16.76 -4.69 9.77
CA GLY C 189 -17.78 -3.98 9.03
C GLY C 189 -17.77 -4.24 7.54
N ALA C 190 -18.48 -3.40 6.80
CA ALA C 190 -18.67 -3.62 5.36
C ALA C 190 -17.54 -3.18 4.40
N ASP C 191 -16.61 -2.34 4.86
CA ASP C 191 -15.58 -1.78 3.96
C ASP C 191 -14.47 -2.72 3.51
N ASP C 192 -13.85 -2.37 2.38
CA ASP C 192 -12.60 -2.99 1.91
C ASP C 192 -11.38 -2.44 2.64
N SER C 193 -10.31 -3.24 2.67
CA SER C 193 -9.02 -2.78 3.21
C SER C 193 -7.92 -2.94 2.18
N THR C 194 -6.89 -2.10 2.33
CA THR C 194 -5.60 -2.33 1.67
C THR C 194 -4.52 -2.81 2.66
N PRO C 195 -3.93 -3.98 2.37
CA PRO C 195 -2.87 -4.58 3.17
C PRO C 195 -1.70 -3.63 3.35
N PRO C 196 -1.09 -3.61 4.56
CA PRO C 196 0.05 -2.72 4.77
C PRO C 196 1.12 -3.04 3.75
N ALA C 197 1.88 -2.03 3.32
CA ALA C 197 3.03 -2.28 2.44
C ALA C 197 3.90 -3.44 2.96
N ASP C 198 3.79 -3.74 4.26
CA ASP C 198 4.48 -4.86 4.92
C ASP C 198 3.79 -5.38 6.23
N TRP C 199 3.16 -6.56 6.17
CA TRP C 199 2.43 -7.15 7.32
C TRP C 199 3.25 -7.34 8.59
N GLU C 200 4.57 -7.34 8.47
CA GLU C 200 5.38 -7.54 9.66
C GLU C 200 5.94 -6.26 10.24
N LYS C 201 5.77 -5.15 9.51
CA LYS C 201 6.01 -3.80 10.01
C LYS C 201 4.78 -2.97 9.65
N PRO C 202 3.60 -3.36 10.18
CA PRO C 202 2.30 -2.78 9.76
C PRO C 202 2.14 -1.29 10.09
N LEU C 203 2.88 -0.79 11.07
CA LEU C 203 2.82 0.63 11.43
C LEU C 203 4.00 1.45 10.84
N ASP C 204 4.66 0.86 9.85
CA ASP C 204 5.73 1.55 9.14
C ASP C 204 5.21 2.92 8.69
N GLY C 205 5.89 3.98 9.12
CA GLY C 205 5.54 5.34 8.75
C GLY C 205 4.63 6.09 9.73
N LYS C 206 3.91 5.34 10.55
CA LYS C 206 2.84 5.91 11.34
C LYS C 206 3.31 6.62 12.61
N VAL C 207 2.59 7.68 12.98
CA VAL C 207 2.86 8.43 14.19
C VAL C 207 1.75 8.12 15.19
N ALA C 208 2.13 7.63 16.37
CA ALA C 208 1.16 7.22 17.38
C ALA C 208 1.46 7.89 18.70
N ILE C 209 0.40 8.25 19.38
CA ILE C 209 0.52 8.87 20.68
C ILE C 209 0.11 7.83 21.71
N VAL C 210 0.95 7.64 22.71
CA VAL C 210 0.63 6.66 23.72
C VAL C 210 0.69 7.34 25.08
N THR C 211 -0.44 7.38 25.79
CA THR C 211 -0.46 8.03 27.10
C THR C 211 -0.08 7.06 28.21
N GLY C 212 0.64 7.57 29.21
CA GLY C 212 1.08 6.74 30.34
C GLY C 212 2.14 5.74 29.92
N ALA C 213 3.03 6.20 29.06
CA ALA C 213 4.00 5.34 28.41
C ALA C 213 5.25 5.14 29.24
N ALA C 214 5.38 5.87 30.34
CA ALA C 214 6.58 5.77 31.20
C ALA C 214 6.93 4.37 31.70
N ARG C 215 5.94 3.64 32.23
CA ARG C 215 6.12 2.24 32.63
C ARG C 215 4.95 1.38 32.22
N GLY C 216 5.00 0.11 32.62
CA GLY C 216 3.83 -0.79 32.62
C GLY C 216 3.29 -0.95 31.23
N ILE C 217 1.99 -1.12 31.11
CA ILE C 217 1.42 -1.44 29.81
C ILE C 217 1.78 -0.36 28.81
N GLY C 218 1.63 0.91 29.20
CA GLY C 218 1.95 2.03 28.32
C GLY C 218 3.30 1.86 27.62
N ALA C 219 4.31 1.47 28.39
CA ALA C 219 5.66 1.36 27.89
C ALA C 219 5.80 0.26 26.86
N THR C 220 5.08 -0.85 27.04
CA THR C 220 5.23 -1.98 26.13
C THR C 220 4.44 -1.68 24.92
N ILE C 221 3.47 -0.79 25.08
CA ILE C 221 2.70 -0.39 23.92
C ILE C 221 3.59 0.43 22.98
N ALA C 222 4.51 1.18 23.57
CA ALA C 222 5.47 1.98 22.82
C ALA C 222 6.45 1.05 22.13
N GLU C 223 6.91 0.04 22.84
CA GLU C 223 7.84 -0.95 22.30
C GLU C 223 7.25 -1.66 21.11
N VAL C 224 6.04 -2.20 21.27
CA VAL C 224 5.36 -2.86 20.16
C VAL C 224 5.04 -1.89 19.01
N PHE C 225 4.73 -0.64 19.33
CA PHE C 225 4.40 0.27 18.25
C PHE C 225 5.61 0.53 17.42
N ALA C 226 6.74 0.75 18.07
CA ALA C 226 7.98 1.01 17.36
C ALA C 226 8.32 -0.19 16.53
N ARG C 227 8.21 -1.38 17.10
CA ARG C 227 8.61 -2.60 16.41
C ARG C 227 7.88 -2.73 15.06
N ASP C 228 6.62 -2.31 15.04
CA ASP C 228 5.76 -2.42 13.88
C ASP C 228 5.96 -1.22 12.93
N GLY C 229 6.82 -0.29 13.37
CA GLY C 229 7.28 0.79 12.53
C GLY C 229 6.86 2.18 12.94
N ALA C 230 6.18 2.29 14.06
CA ALA C 230 5.68 3.61 14.44
C ALA C 230 6.78 4.48 15.04
N HIS C 231 6.54 5.79 14.95
CA HIS C 231 7.31 6.79 15.64
C HIS C 231 6.39 7.16 16.77
N VAL C 232 6.87 7.02 18.00
CA VAL C 232 5.99 7.16 19.16
C VAL C 232 6.10 8.49 19.82
N VAL C 233 4.97 9.07 20.16
CA VAL C 233 4.97 10.16 21.11
C VAL C 233 4.54 9.62 22.46
N ALA C 234 5.52 9.54 23.36
CA ALA C 234 5.33 8.96 24.70
C ALA C 234 5.02 10.04 25.73
N ILE C 235 3.81 9.98 26.26
CA ILE C 235 3.34 10.91 27.28
C ILE C 235 3.27 10.27 28.67
N ASP C 236 3.55 11.08 29.68
CA ASP C 236 3.31 10.73 31.06
C ASP C 236 3.48 11.99 31.91
N VAL C 237 3.27 11.88 33.23
CA VAL C 237 3.45 12.99 34.17
C VAL C 237 4.92 13.40 34.29
N GLU C 238 5.19 14.64 34.71
CA GLU C 238 6.57 15.10 34.87
C GLU C 238 7.32 14.29 35.91
N SER C 239 6.60 13.89 36.96
CA SER C 239 7.19 13.10 38.07
C SER C 239 7.74 11.76 37.58
N ALA C 240 7.19 11.31 36.45
CA ALA C 240 7.71 10.15 35.73
C ALA C 240 9.19 10.32 35.47
N ALA C 241 9.58 11.54 35.03
CA ALA C 241 10.99 11.93 34.87
C ALA C 241 11.77 10.95 33.99
N GLU C 242 12.86 10.38 34.50
CA GLU C 242 13.75 9.56 33.67
C GLU C 242 13.06 8.35 33.01
N ASN C 243 11.95 7.88 33.55
CA ASN C 243 11.36 6.68 33.01
C ASN C 243 10.65 6.96 31.68
N LEU C 244 10.22 8.20 31.47
CA LEU C 244 9.57 8.51 30.20
C LEU C 244 10.65 8.69 29.18
N ALA C 245 11.74 9.31 29.63
CA ALA C 245 12.94 9.48 28.84
C ALA C 245 13.49 8.14 28.37
N GLU C 246 13.32 7.10 29.20
CA GLU C 246 13.83 5.79 28.82
C GLU C 246 12.95 5.07 27.82
N THR C 247 11.65 5.20 28.00
CA THR C 247 10.69 4.71 27.03
C THR C 247 10.95 5.37 25.67
N ALA C 248 10.99 6.71 25.65
CA ALA C 248 11.20 7.45 24.40
C ALA C 248 12.46 6.98 23.70
N SER C 249 13.50 6.82 24.48
CA SER C 249 14.80 6.42 23.98
C SER C 249 14.79 5.03 23.39
N LYS C 250 14.12 4.09 24.06
CA LYS C 250 14.12 2.71 23.64
C LYS C 250 13.37 2.61 22.30
N VAL C 251 12.23 3.30 22.20
CA VAL C 251 11.39 3.25 20.99
C VAL C 251 11.86 4.21 19.86
N GLY C 252 12.98 4.89 20.06
CA GLY C 252 13.40 5.96 19.14
C GLY C 252 12.30 6.99 18.85
N GLY C 253 11.57 7.34 19.91
CA GLY C 253 10.49 8.30 19.83
C GLY C 253 10.83 9.56 20.59
N THR C 254 9.79 10.29 20.96
CA THR C 254 9.94 11.51 21.73
C THR C 254 9.07 11.41 22.98
N ALA C 255 9.37 12.24 23.97
CA ALA C 255 8.69 12.22 25.26
C ALA C 255 7.93 13.50 25.42
N LEU C 256 6.74 13.42 26.01
CA LEU C 256 6.01 14.63 26.26
C LEU C 256 5.51 14.60 27.67
N TRP C 257 6.15 15.40 28.53
CA TRP C 257 5.87 15.39 29.99
C TRP C 257 4.75 16.29 30.32
N LEU C 258 3.62 15.67 30.60
CA LEU C 258 2.37 16.39 30.63
C LEU C 258 1.29 15.68 31.45
N ASP C 259 0.52 16.43 32.23
CA ASP C 259 -0.65 15.85 32.85
C ASP C 259 -1.86 15.87 31.90
N VAL C 260 -2.35 14.68 31.50
CA VAL C 260 -3.49 14.56 30.55
C VAL C 260 -4.79 15.21 31.07
N THR C 261 -4.83 15.56 32.36
CA THR C 261 -6.04 16.20 32.89
C THR C 261 -5.99 17.75 32.92
N ALA C 262 -4.87 18.33 32.48
CA ALA C 262 -4.71 19.76 32.36
C ALA C 262 -5.51 20.35 31.19
N ASP C 263 -6.02 21.58 31.37
CA ASP C 263 -6.68 22.32 30.29
C ASP C 263 -5.79 22.40 29.05
N ASP C 264 -4.49 22.60 29.24
CA ASP C 264 -3.59 22.90 28.12
C ASP C 264 -3.17 21.66 27.32
N ALA C 265 -3.51 20.50 27.86
CA ALA C 265 -3.16 19.21 27.28
C ALA C 265 -3.30 19.13 25.76
N VAL C 266 -4.52 19.29 25.25
CA VAL C 266 -4.78 19.12 23.82
C VAL C 266 -3.84 20.02 23.06
N ASP C 267 -3.79 21.30 23.42
CA ASP C 267 -2.80 22.23 22.87
C ASP C 267 -1.37 21.74 22.99
N LYS C 268 -0.99 21.23 24.16
CA LYS C 268 0.40 20.80 24.37
C LYS C 268 0.82 19.74 23.35
N ILE C 269 -0.05 18.75 23.19
CA ILE C 269 0.16 17.69 22.24
C ILE C 269 0.36 18.24 20.82
N SER C 270 -0.59 19.04 20.32
CA SER C 270 -0.51 19.62 18.97
C SER C 270 0.77 20.42 18.68
N GLU C 271 1.22 21.15 19.69
CA GLU C 271 2.47 21.90 19.64
C GLU C 271 3.64 20.91 19.45
N HIS C 272 3.58 19.77 20.16
CA HIS C 272 4.61 18.72 20.08
C HIS C 272 4.58 18.11 18.66
N LEU C 273 3.38 17.94 18.10
CA LEU C 273 3.23 17.26 16.80
C LEU C 273 3.63 18.12 15.64
N ARG C 274 3.40 19.43 15.79
CA ARG C 274 3.85 20.37 14.80
C ARG C 274 5.36 20.30 14.76
N ASP C 275 5.97 20.17 15.94
CA ASP C 275 7.43 20.14 16.08
C ASP C 275 8.07 18.93 15.39
N HIS C 276 7.52 17.75 15.61
CA HIS C 276 8.18 16.55 15.17
C HIS C 276 7.51 15.80 14.05
N HIS C 277 6.19 15.99 13.89
CA HIS C 277 5.48 15.10 12.99
C HIS C 277 4.62 15.81 11.97
N GLY C 278 5.00 17.05 11.65
CA GLY C 278 4.33 17.88 10.64
C GLY C 278 2.85 18.15 10.88
N GLY C 279 2.42 18.13 12.15
CA GLY C 279 1.04 18.47 12.53
C GLY C 279 0.08 17.31 12.74
N LYS C 280 0.37 16.18 12.09
CA LYS C 280 -0.54 15.04 12.06
C LYS C 280 -0.10 13.94 13.02
N ALA C 281 -1.08 13.19 13.55
CA ALA C 281 -0.87 11.93 14.31
C ALA C 281 -1.80 10.86 13.71
N ASP C 282 -1.40 9.59 13.74
CA ASP C 282 -2.22 8.54 13.14
C ASP C 282 -2.96 7.71 14.20
N ILE C 283 -2.40 7.57 15.40
CA ILE C 283 -3.01 6.70 16.37
C ILE C 283 -2.96 7.35 17.73
N LEU C 284 -4.06 7.31 18.45
CA LEU C 284 -4.09 7.80 19.84
C LEU C 284 -4.44 6.66 20.72
N VAL C 285 -3.57 6.41 21.69
CA VAL C 285 -3.83 5.34 22.66
C VAL C 285 -4.06 5.94 24.05
N ASN C 286 -5.34 6.02 24.44
CA ASN C 286 -5.67 6.46 25.81
C ASN C 286 -5.39 5.33 26.73
N ASN C 287 -4.15 5.26 27.21
CA ASN C 287 -3.75 4.20 28.13
C ASN C 287 -3.54 4.75 29.52
N ALA C 288 -3.31 6.05 29.65
CA ALA C 288 -3.09 6.61 31.00
C ALA C 288 -4.31 6.35 31.90
N GLY C 289 -4.03 5.91 33.12
CA GLY C 289 -5.08 5.61 34.07
C GLY C 289 -4.56 5.44 35.47
N ILE C 290 -5.38 5.80 36.45
CA ILE C 290 -5.07 5.60 37.86
C ILE C 290 -6.22 4.85 38.55
N THR C 291 -5.96 4.36 39.76
CA THR C 291 -6.98 3.67 40.57
C THR C 291 -6.91 4.28 41.94
N ARG C 292 -8.00 4.16 42.69
CA ARG C 292 -8.09 4.72 44.03
C ARG C 292 -9.09 3.87 44.73
N ASP C 293 -8.70 2.64 45.05
CA ASP C 293 -9.62 1.66 45.59
C ASP C 293 -10.17 2.00 46.97
N LYS C 294 -11.48 2.20 47.01
CA LYS C 294 -12.19 2.49 48.26
C LYS C 294 -13.68 2.08 48.13
N LEU C 295 -14.21 1.35 49.10
CA LEU C 295 -15.64 1.02 49.08
C LEU C 295 -16.45 2.31 48.91
N LEU C 296 -17.48 2.26 48.08
CA LEU C 296 -18.33 3.44 47.88
C LEU C 296 -18.74 4.12 49.19
N ALA C 297 -19.06 3.32 50.21
CA ALA C 297 -19.46 3.87 51.53
C ALA C 297 -18.40 4.74 52.23
N ASN C 298 -17.11 4.54 51.93
CA ASN C 298 -16.04 5.26 52.62
C ASN C 298 -15.25 6.07 51.59
N MET C 299 -15.97 6.39 50.51
CA MET C 299 -15.43 7.06 49.34
C MET C 299 -15.53 8.58 49.49
N ASP C 300 -14.41 9.26 49.28
CA ASP C 300 -14.35 10.73 49.32
C ASP C 300 -14.37 11.32 47.90
N ASP C 301 -14.73 12.61 47.81
CA ASP C 301 -14.69 13.37 46.57
C ASP C 301 -13.38 13.20 45.81
N ALA C 302 -12.27 13.37 46.53
CA ALA C 302 -10.90 13.29 45.97
C ALA C 302 -10.55 11.97 45.27
N ARG C 303 -10.87 10.84 45.90
CA ARG C 303 -10.70 9.53 45.24
C ARG C 303 -11.66 9.39 44.05
N TRP C 304 -12.87 9.96 44.15
CA TRP C 304 -13.84 9.86 43.06
C TRP C 304 -13.42 10.72 41.87
N ASP C 305 -13.14 11.98 42.12
CA ASP C 305 -12.97 12.91 41.01
C ASP C 305 -11.69 12.67 40.26
N ALA C 306 -10.67 12.20 40.97
CA ALA C 306 -9.37 11.94 40.38
C ALA C 306 -9.49 10.84 39.34
N VAL C 307 -9.97 9.69 39.78
CA VAL C 307 -10.15 8.56 38.88
C VAL C 307 -10.91 9.04 37.66
N LEU C 308 -12.09 9.61 37.89
CA LEU C 308 -12.88 10.16 36.81
C LEU C 308 -12.10 11.08 35.90
N ALA C 309 -11.37 12.03 36.45
CA ALA C 309 -10.77 13.06 35.61
C ALA C 309 -9.80 12.46 34.66
N VAL C 310 -9.04 11.46 35.14
CA VAL C 310 -7.92 10.82 34.42
C VAL C 310 -8.42 9.71 33.49
N ASN C 311 -9.28 8.85 34.02
CA ASN C 311 -9.73 7.65 33.29
C ASN C 311 -10.82 7.85 32.29
N LEU C 312 -11.70 8.82 32.50
CA LEU C 312 -12.81 9.06 31.60
C LEU C 312 -12.83 10.47 31.00
N LEU C 313 -12.64 11.48 31.85
CA LEU C 313 -12.78 12.84 31.36
C LEU C 313 -11.70 13.17 30.32
N ALA C 314 -10.47 12.75 30.60
CA ALA C 314 -9.29 13.09 29.79
C ALA C 314 -9.26 12.39 28.40
N PRO C 315 -9.53 11.07 28.37
CA PRO C 315 -9.47 10.43 27.07
C PRO C 315 -10.56 10.98 26.16
N LEU C 316 -11.69 11.35 26.75
CA LEU C 316 -12.78 11.92 25.97
C LEU C 316 -12.35 13.29 25.42
N ARG C 317 -11.78 14.11 26.28
CA ARG C 317 -11.31 15.41 25.87
C ARG C 317 -10.18 15.32 24.84
N LEU C 318 -9.21 14.40 25.04
CA LEU C 318 -8.12 14.21 24.07
C LEU C 318 -8.68 13.74 22.73
N THR C 319 -9.69 12.87 22.76
CA THR C 319 -10.19 12.30 21.53
C THR C 319 -10.84 13.38 20.65
N GLU C 320 -11.77 14.12 21.26
CA GLU C 320 -12.51 15.15 20.58
C GLU C 320 -11.60 16.28 20.17
N GLY C 321 -10.75 16.73 21.09
CA GLY C 321 -9.90 17.89 20.86
C GLY C 321 -8.89 17.67 19.74
N LEU C 322 -8.21 16.53 19.80
CA LEU C 322 -7.27 16.10 18.78
C LEU C 322 -7.90 15.87 17.39
N VAL C 323 -9.11 15.30 17.33
CA VAL C 323 -9.86 15.23 16.06
C VAL C 323 -10.37 16.63 15.71
N GLY C 324 -11.17 17.22 16.59
CA GLY C 324 -11.75 18.53 16.32
C GLY C 324 -10.85 19.50 15.55
N ASN C 325 -9.57 19.56 15.91
CA ASN C 325 -8.62 20.48 15.29
C ASN C 325 -7.77 19.85 14.21
N GLY C 326 -8.16 18.65 13.76
CA GLY C 326 -7.50 17.96 12.66
C GLY C 326 -6.07 17.46 12.85
N SER C 327 -5.66 17.14 14.07
CA SER C 327 -4.40 16.43 14.30
C SER C 327 -4.55 14.97 13.90
N ILE C 328 -5.74 14.41 14.13
CA ILE C 328 -6.09 13.06 13.67
C ILE C 328 -7.18 13.16 12.59
N GLY C 329 -6.85 12.74 11.38
CA GLY C 329 -7.79 12.82 10.28
C GLY C 329 -7.94 11.48 9.60
N GLU C 330 -8.39 11.50 8.35
CA GLU C 330 -8.55 10.27 7.56
C GLU C 330 -7.51 9.18 7.85
N GLY C 331 -7.98 7.97 8.18
CA GLY C 331 -7.08 6.85 8.44
C GLY C 331 -6.63 6.77 9.91
N GLY C 332 -7.13 7.70 10.71
CA GLY C 332 -6.84 7.74 12.11
C GLY C 332 -7.48 6.63 12.91
N ARG C 333 -6.94 6.43 14.11
CA ARG C 333 -7.21 5.25 14.92
C ARG C 333 -7.23 5.70 16.37
N VAL C 334 -8.28 5.34 17.11
CA VAL C 334 -8.28 5.61 18.52
C VAL C 334 -8.41 4.28 19.24
N ILE C 335 -7.63 4.11 20.31
CA ILE C 335 -7.74 2.91 21.12
C ILE C 335 -7.72 3.28 22.62
N GLY C 336 -8.76 2.81 23.33
CA GLY C 336 -8.89 3.03 24.78
C GLY C 336 -8.55 1.78 25.55
N LEU C 337 -8.19 1.96 26.81
CA LEU C 337 -7.97 0.83 27.70
C LEU C 337 -9.13 0.80 28.67
N SER C 338 -9.62 -0.42 28.94
CA SER C 338 -10.86 -0.60 29.68
C SER C 338 -10.96 -1.88 30.50
N SER C 339 -10.23 -2.05 31.57
CA SER C 339 -10.41 -3.27 32.42
C SER C 339 -11.69 -4.14 32.39
N ILE C 340 -11.55 -5.35 32.92
CA ILE C 340 -12.66 -6.22 33.27
C ILE C 340 -13.51 -5.57 34.34
N ALA C 341 -12.93 -4.73 35.19
CA ALA C 341 -13.78 -4.07 36.18
C ALA C 341 -14.88 -3.31 35.46
N GLY C 342 -14.53 -2.74 34.30
CA GLY C 342 -15.46 -2.00 33.53
C GLY C 342 -16.65 -2.83 33.13
N ILE C 343 -16.41 -4.10 32.82
CA ILE C 343 -17.44 -4.96 32.30
C ILE C 343 -18.15 -5.73 33.42
N ALA C 344 -17.40 -6.35 34.33
CA ALA C 344 -17.99 -7.21 35.41
C ALA C 344 -18.20 -6.47 36.73
N GLY C 345 -17.53 -5.32 36.87
CA GLY C 345 -17.50 -4.56 38.10
C GLY C 345 -16.52 -5.20 39.07
N ASN C 346 -16.03 -4.41 40.01
CA ASN C 346 -15.23 -4.99 41.06
C ASN C 346 -15.54 -4.36 42.38
N ARG C 347 -15.31 -5.13 43.45
CA ARG C 347 -15.42 -4.63 44.81
C ARG C 347 -14.34 -3.59 45.06
N GLY C 348 -14.76 -2.36 45.40
CA GLY C 348 -13.88 -1.28 45.84
C GLY C 348 -13.49 -0.40 44.67
N GLN C 349 -14.26 -0.52 43.60
CA GLN C 349 -13.92 0.17 42.36
C GLN C 349 -15.14 0.77 41.70
N THR C 350 -16.12 1.23 42.47
CA THR C 350 -17.24 1.92 41.84
C THR C 350 -16.79 3.18 41.08
N ASN C 351 -15.61 3.67 41.38
CA ASN C 351 -15.10 4.81 40.64
C ASN C 351 -14.38 4.37 39.37
N TYR C 352 -13.65 3.28 39.47
CA TYR C 352 -12.82 2.78 38.38
C TYR C 352 -13.69 2.05 37.39
N ALA C 353 -14.55 1.19 37.92
CA ALA C 353 -15.53 0.48 37.16
C ALA C 353 -16.17 1.43 36.21
N THR C 354 -16.70 2.53 36.76
CA THR C 354 -17.48 3.53 36.04
C THR C 354 -16.67 4.14 34.91
N THR C 355 -15.45 4.54 35.24
CA THR C 355 -14.58 5.10 34.22
C THR C 355 -14.37 4.10 33.08
N LYS C 356 -14.27 2.81 33.40
CA LYS C 356 -13.92 1.80 32.38
C LYS C 356 -15.11 1.27 31.55
N ALA C 357 -16.30 1.28 32.15
CA ALA C 357 -17.51 1.10 31.39
C ALA C 357 -17.64 2.40 30.59
N GLY C 358 -17.29 3.52 31.19
CA GLY C 358 -17.23 4.75 30.44
C GLY C 358 -16.38 4.70 29.19
N MET C 359 -15.14 4.23 29.29
CA MET C 359 -14.31 4.05 28.09
C MET C 359 -15.05 3.28 26.98
N ILE C 360 -15.66 2.16 27.39
CA ILE C 360 -16.54 1.42 26.48
C ILE C 360 -17.55 2.41 25.86
N GLY C 361 -18.20 3.20 26.72
CA GLY C 361 -19.12 4.23 26.27
C GLY C 361 -18.55 5.18 25.23
N ILE C 362 -17.30 5.62 25.43
CA ILE C 362 -16.65 6.52 24.46
C ILE C 362 -16.59 5.78 23.13
N THR C 363 -15.98 4.59 23.15
CA THR C 363 -15.80 3.70 22.01
C THR C 363 -17.12 3.50 21.25
N GLN C 364 -18.21 3.29 21.98
CA GLN C 364 -19.49 3.02 21.33
C GLN C 364 -20.12 4.29 20.82
N ALA C 365 -19.91 5.39 21.54
CA ALA C 365 -20.63 6.63 21.23
C ALA C 365 -19.96 7.43 20.13
N LEU C 366 -18.64 7.46 20.13
CA LEU C 366 -17.95 8.20 19.10
C LEU C 366 -17.77 7.43 17.79
N ALA C 367 -18.04 6.13 17.79
CA ALA C 367 -17.73 5.31 16.62
C ALA C 367 -18.39 5.76 15.30
N PRO C 368 -19.74 6.01 15.26
CA PRO C 368 -20.35 6.50 14.01
C PRO C 368 -19.92 7.89 13.55
N GLY C 369 -19.85 8.84 14.50
CA GLY C 369 -19.28 10.16 14.24
C GLY C 369 -17.90 10.09 13.61
N LEU C 370 -16.99 9.34 14.23
CA LEU C 370 -15.64 9.15 13.69
C LEU C 370 -15.58 8.35 12.37
N ALA C 371 -16.54 7.44 12.15
CA ALA C 371 -16.55 6.63 10.93
C ALA C 371 -16.68 7.57 9.76
N ALA C 372 -17.64 8.50 9.90
CA ALA C 372 -17.88 9.60 8.99
C ALA C 372 -16.62 10.45 8.70
N LYS C 373 -15.64 10.43 9.62
CA LYS C 373 -14.39 11.18 9.44
C LYS C 373 -13.17 10.30 9.10
N GLY C 374 -13.39 9.00 8.81
CA GLY C 374 -12.32 8.10 8.35
C GLY C 374 -11.51 7.49 9.50
N ILE C 375 -12.08 7.59 10.69
CA ILE C 375 -11.42 7.26 11.92
C ILE C 375 -12.15 6.10 12.61
N THR C 376 -11.40 5.08 13.03
CA THR C 376 -11.97 3.99 13.85
C THR C 376 -11.60 4.19 15.29
N ILE C 377 -12.45 3.69 16.17
CA ILE C 377 -12.19 3.73 17.61
C ILE C 377 -12.52 2.35 18.24
N ASN C 378 -11.61 1.84 19.05
CA ASN C 378 -11.77 0.54 19.63
C ASN C 378 -11.20 0.58 21.03
N ALA C 379 -11.48 -0.45 21.84
CA ALA C 379 -11.00 -0.50 23.25
C ALA C 379 -10.48 -1.86 23.60
N VAL C 380 -9.51 -1.93 24.50
CA VAL C 380 -8.92 -3.21 24.88
C VAL C 380 -9.22 -3.33 26.33
N ALA C 381 -9.60 -4.52 26.76
CA ALA C 381 -9.96 -4.70 28.18
C ALA C 381 -9.06 -5.75 28.84
N PRO C 382 -7.92 -5.30 29.36
CA PRO C 382 -7.05 -6.29 29.99
C PRO C 382 -7.73 -7.06 31.13
N GLY C 383 -7.44 -8.36 31.23
CA GLY C 383 -7.80 -9.18 32.38
C GLY C 383 -6.70 -9.01 33.40
N PHE C 384 -6.31 -10.08 34.07
CA PHE C 384 -5.18 -10.01 35.00
C PHE C 384 -3.89 -10.00 34.21
N ILE C 385 -3.15 -8.90 34.35
CA ILE C 385 -1.90 -8.70 33.64
C ILE C 385 -0.78 -8.39 34.63
N GLU C 386 0.28 -9.20 34.60
CA GLU C 386 1.43 -9.06 35.50
C GLU C 386 1.88 -7.61 35.87
N ALA C 392 1.31 -4.91 44.59
CA ALA C 392 0.89 -5.10 45.98
C ALA C 392 -0.58 -5.55 46.08
N ILE C 393 -1.02 -6.30 45.07
CA ILE C 393 -2.19 -7.18 45.23
C ILE C 393 -1.72 -8.41 46.01
N PRO C 394 -2.43 -8.75 47.11
CA PRO C 394 -2.20 -9.96 47.91
C PRO C 394 -2.11 -11.29 47.13
N LEU C 395 -1.28 -12.22 47.61
CA LEU C 395 -1.02 -13.52 46.97
C LEU C 395 -2.25 -14.37 46.65
N ALA C 396 -3.30 -14.23 47.45
CA ALA C 396 -4.55 -14.92 47.18
C ALA C 396 -5.21 -14.33 45.91
N THR C 397 -5.71 -13.09 46.04
CA THR C 397 -6.18 -12.26 44.93
C THR C 397 -5.01 -11.86 44.01
N ARG C 398 -4.31 -12.88 43.53
CA ARG C 398 -3.20 -12.74 42.60
C ARG C 398 -3.11 -14.08 41.92
N GLU C 399 -2.96 -15.14 42.72
CA GLU C 399 -3.03 -16.52 42.23
C GLU C 399 -4.45 -16.83 41.75
N VAL C 400 -5.40 -15.93 42.07
CA VAL C 400 -6.79 -16.02 41.59
C VAL C 400 -6.95 -15.40 40.20
N GLY C 401 -6.31 -14.26 39.97
CA GLY C 401 -6.32 -13.66 38.64
C GLY C 401 -5.41 -14.42 37.70
N ARG C 402 -4.48 -15.19 38.26
CA ARG C 402 -3.56 -15.99 37.45
C ARG C 402 -4.25 -17.26 36.97
N ARG C 403 -4.74 -18.08 37.91
CA ARG C 403 -5.32 -19.38 37.55
C ARG C 403 -6.78 -19.33 37.03
N LEU C 404 -7.48 -18.21 37.20
CA LEU C 404 -8.91 -18.21 36.85
C LEU C 404 -9.25 -17.84 35.40
N ASN C 405 -8.58 -18.53 34.46
CA ASN C 405 -8.82 -18.32 33.04
C ASN C 405 -8.52 -19.58 32.21
N SER C 406 -8.95 -19.60 30.96
CA SER C 406 -8.75 -20.80 30.15
C SER C 406 -7.29 -21.09 29.86
N LEU C 407 -6.45 -20.05 29.85
CA LEU C 407 -5.03 -20.26 29.57
C LEU C 407 -4.19 -20.58 30.84
N LEU C 408 -4.87 -20.67 31.98
CA LEU C 408 -4.26 -21.08 33.27
C LEU C 408 -3.12 -20.20 33.81
N GLN C 409 -3.00 -18.97 33.28
CA GLN C 409 -1.97 -18.01 33.70
C GLN C 409 -2.36 -16.56 33.49
N GLY C 410 -1.60 -15.64 34.09
CA GLY C 410 -1.81 -14.22 33.86
C GLY C 410 -1.10 -13.83 32.59
N GLY C 411 -1.49 -12.72 31.97
CA GLY C 411 -0.93 -12.29 30.70
C GLY C 411 0.20 -11.30 30.86
N GLN C 412 0.83 -10.98 29.73
CA GLN C 412 2.01 -10.12 29.70
C GLN C 412 1.62 -8.80 29.09
N PRO C 413 2.28 -7.70 29.50
CA PRO C 413 2.07 -6.44 28.80
C PRO C 413 2.07 -6.53 27.27
N VAL C 414 2.90 -7.39 26.68
CA VAL C 414 2.98 -7.49 25.21
C VAL C 414 1.66 -7.98 24.56
N ASP C 415 0.93 -8.82 25.30
CA ASP C 415 -0.28 -9.43 24.77
C ASP C 415 -1.37 -8.39 24.65
N VAL C 416 -1.26 -7.33 25.47
CA VAL C 416 -2.21 -6.21 25.45
C VAL C 416 -1.86 -5.30 24.28
N ALA C 417 -0.57 -4.99 24.18
CA ALA C 417 -0.07 -4.11 23.17
C ALA C 417 -0.37 -4.69 21.76
N GLU C 418 -0.17 -5.99 21.59
CA GLU C 418 -0.49 -6.67 20.33
C GLU C 418 -1.91 -6.36 19.89
N ALA C 419 -2.89 -6.62 20.76
CA ALA C 419 -4.29 -6.34 20.43
C ALA C 419 -4.46 -4.86 20.07
N ILE C 420 -3.85 -3.99 20.87
CA ILE C 420 -3.95 -2.57 20.59
C ILE C 420 -3.41 -2.26 19.21
N ALA C 421 -2.27 -2.85 18.87
CA ALA C 421 -1.66 -2.60 17.59
C ALA C 421 -2.53 -3.18 16.47
N TYR C 422 -3.34 -4.19 16.79
CA TYR C 422 -4.13 -4.82 15.75
C TYR C 422 -5.13 -3.81 15.29
N PHE C 423 -5.69 -3.05 16.24
CA PHE C 423 -6.64 -1.98 15.90
C PHE C 423 -5.91 -0.87 15.18
N ALA C 424 -4.68 -0.63 15.62
CA ALA C 424 -3.87 0.42 15.10
C ALA C 424 -3.61 0.20 13.63
N SER C 425 -3.41 -1.06 13.23
CA SER C 425 -3.10 -1.42 11.81
C SER C 425 -3.93 -0.60 10.78
N PRO C 426 -3.26 -0.10 9.74
CA PRO C 426 -4.04 0.69 8.80
C PRO C 426 -4.87 -0.20 7.88
N ALA C 427 -4.86 -1.50 8.15
CA ALA C 427 -5.64 -2.46 7.39
C ALA C 427 -6.84 -2.91 8.20
N SER C 428 -7.06 -2.25 9.32
CA SER C 428 -8.13 -2.60 10.24
C SER C 428 -9.18 -1.50 10.23
N ASN C 429 -9.35 -0.88 9.07
CA ASN C 429 -10.30 0.21 8.91
C ASN C 429 -11.75 -0.23 8.98
N ALA C 430 -12.03 -1.50 8.67
CA ALA C 430 -13.37 -2.07 8.83
C ALA C 430 -13.69 -2.50 10.28
N VAL C 431 -12.88 -2.09 11.23
CA VAL C 431 -13.07 -2.57 12.59
C VAL C 431 -13.21 -1.39 13.55
N THR C 432 -14.43 -1.13 14.01
CA THR C 432 -14.70 0.07 14.78
C THR C 432 -15.76 -0.18 15.86
N GLY C 433 -15.76 0.63 16.92
CA GLY C 433 -16.61 0.34 18.08
C GLY C 433 -16.43 -1.04 18.75
N ASN C 434 -15.37 -1.79 18.43
CA ASN C 434 -15.17 -3.09 19.07
C ASN C 434 -14.61 -2.93 20.49
N VAL C 435 -14.92 -3.89 21.36
CA VAL C 435 -14.29 -3.99 22.70
C VAL C 435 -13.74 -5.39 22.85
N ILE C 436 -12.44 -5.54 22.99
CA ILE C 436 -11.85 -6.87 22.98
C ILE C 436 -11.13 -7.01 24.29
N ARG C 437 -11.42 -8.09 25.02
CA ARG C 437 -10.77 -8.32 26.33
C ARG C 437 -9.44 -9.01 26.10
N VAL C 438 -8.39 -8.63 26.82
CA VAL C 438 -7.17 -9.42 26.81
C VAL C 438 -6.95 -10.07 28.16
N CYS C 439 -7.46 -11.28 28.29
CA CYS C 439 -7.70 -11.83 29.61
C CYS C 439 -7.40 -13.32 29.68
N GLY C 440 -7.26 -13.94 28.51
CA GLY C 440 -6.95 -15.37 28.36
C GLY C 440 -8.16 -16.25 28.66
N GLN C 441 -9.33 -15.70 28.32
CA GLN C 441 -10.64 -16.19 28.71
C GLN C 441 -10.84 -16.35 30.18
N ALA C 442 -10.65 -15.24 30.88
CA ALA C 442 -10.90 -15.13 32.30
C ALA C 442 -12.31 -15.55 32.50
N MET C 443 -12.58 -16.28 33.56
CA MET C 443 -13.95 -16.74 33.79
C MET C 443 -14.91 -15.59 34.20
N ILE C 444 -14.39 -14.58 34.89
CA ILE C 444 -15.19 -13.44 35.36
C ILE C 444 -15.75 -12.57 34.21
N GLY C 445 -16.97 -12.07 34.38
CA GLY C 445 -17.55 -11.17 33.39
C GLY C 445 -19.01 -10.83 33.64
N ALA C 446 -19.67 -10.36 32.60
CA ALA C 446 -21.01 -9.83 32.73
C ALA C 446 -21.98 -10.89 32.32
N PRO D 21 -16.66 -12.97 55.95
CA PRO D 21 -17.89 -12.96 55.14
C PRO D 21 -18.83 -14.11 55.54
N GLN D 22 -20.06 -14.11 55.03
CA GLN D 22 -21.07 -15.17 55.28
C GLN D 22 -22.41 -14.93 54.56
N PRO D 23 -23.02 -16.01 53.98
CA PRO D 23 -24.30 -15.85 53.26
C PRO D 23 -25.46 -15.46 54.17
N GLU D 24 -26.41 -14.71 53.63
CA GLU D 24 -27.60 -14.27 54.36
C GLU D 24 -28.77 -15.13 53.95
N THR D 25 -29.58 -15.53 54.94
CA THR D 25 -30.87 -16.15 54.67
C THR D 25 -31.66 -15.07 53.92
N LEU D 26 -31.94 -15.35 52.65
CA LEU D 26 -32.50 -14.32 51.75
C LEU D 26 -34.03 -14.23 51.84
N ARG D 27 -34.54 -13.01 51.97
CA ARG D 27 -35.97 -12.75 52.04
C ARG D 27 -36.67 -12.95 50.69
N ARG D 28 -37.60 -13.90 50.64
CA ARG D 28 -38.33 -14.22 49.42
C ARG D 28 -39.78 -13.88 49.62
N TYR D 29 -40.55 -13.79 48.54
CA TYR D 29 -41.92 -13.28 48.63
C TYR D 29 -42.76 -14.00 49.70
N ARG D 30 -43.66 -13.26 50.35
CA ARG D 30 -44.63 -13.80 51.32
C ARG D 30 -45.85 -12.87 51.33
N ALA D 31 -47.00 -13.36 50.88
CA ALA D 31 -48.19 -12.50 50.64
C ALA D 31 -48.70 -11.82 51.90
N GLY D 32 -49.01 -10.54 51.78
CA GLY D 32 -49.39 -9.71 52.94
C GLY D 32 -48.20 -8.89 53.41
N GLU D 33 -47.09 -9.58 53.68
CA GLU D 33 -45.85 -8.94 54.16
C GLU D 33 -45.37 -7.88 53.16
N PRO D 34 -44.88 -6.72 53.67
CA PRO D 34 -44.52 -5.56 52.84
C PRO D 34 -43.57 -5.85 51.65
N PRO D 35 -43.50 -4.93 50.67
CA PRO D 35 -42.62 -5.19 49.56
C PRO D 35 -41.14 -5.01 49.93
N LEU D 36 -40.84 -4.07 50.82
CA LEU D 36 -39.49 -3.92 51.38
C LEU D 36 -39.60 -3.96 52.89
N THR D 37 -38.47 -3.96 53.59
CA THR D 37 -38.46 -3.98 55.07
C THR D 37 -38.48 -2.57 55.64
N GLY D 38 -37.56 -1.74 55.14
CA GLY D 38 -37.45 -0.34 55.54
C GLY D 38 -38.01 0.60 54.50
N SER D 39 -37.84 1.90 54.76
CA SER D 39 -38.35 2.94 53.89
C SER D 39 -37.66 2.91 52.54
N LEU D 40 -38.41 3.24 51.49
CA LEU D 40 -37.86 3.47 50.16
C LEU D 40 -37.37 4.92 50.07
N LEU D 41 -36.14 5.13 49.56
CA LEU D 41 -35.62 6.47 49.27
C LEU D 41 -35.35 6.68 47.77
N ILE D 42 -36.13 7.54 47.13
CA ILE D 42 -35.92 7.81 45.71
C ILE D 42 -35.21 9.15 45.59
N GLY D 43 -34.09 9.18 44.84
CA GLY D 43 -33.16 10.30 44.86
C GLY D 43 -32.61 10.63 43.49
N GLY D 44 -31.61 11.52 43.46
CA GLY D 44 -31.05 12.05 42.19
C GLY D 44 -31.99 12.96 41.42
N ALA D 45 -31.60 13.33 40.22
CA ALA D 45 -32.40 14.25 39.40
C ALA D 45 -32.45 13.79 37.97
N GLY D 46 -33.51 14.20 37.29
CA GLY D 46 -33.76 13.88 35.92
C GLY D 46 -35.24 13.61 35.81
N ARG D 47 -35.64 12.89 34.76
CA ARG D 47 -37.05 12.84 34.37
C ARG D 47 -37.89 11.74 35.03
N VAL D 48 -37.33 11.03 36.00
CA VAL D 48 -37.99 9.83 36.51
C VAL D 48 -38.27 9.91 38.02
N VAL D 49 -37.34 10.52 38.77
CA VAL D 49 -37.52 10.78 40.22
C VAL D 49 -38.97 11.13 40.69
N GLU D 50 -39.64 12.07 40.02
CA GLU D 50 -40.92 12.50 40.58
C GLU D 50 -42.08 11.60 40.16
N PRO D 51 -42.15 11.18 38.89
CA PRO D 51 -43.17 10.17 38.63
C PRO D 51 -43.03 8.98 39.57
N LEU D 52 -41.83 8.43 39.67
CA LEU D 52 -41.57 7.25 40.51
C LEU D 52 -42.09 7.42 41.94
N ARG D 53 -41.70 8.53 42.56
CA ARG D 53 -42.19 8.92 43.88
C ARG D 53 -43.71 8.90 43.90
N ALA D 54 -44.32 9.45 42.85
CA ALA D 54 -45.78 9.56 42.78
C ALA D 54 -46.45 8.20 42.64
N ALA D 55 -45.73 7.29 41.97
CA ALA D 55 -46.24 5.96 41.57
C ALA D 55 -46.24 4.96 42.73
N LEU D 56 -45.22 5.08 43.58
CA LEU D 56 -44.98 4.10 44.58
C LEU D 56 -45.38 4.56 45.99
N GLU D 57 -46.05 5.72 46.10
CA GLU D 57 -46.32 6.36 47.40
C GLU D 57 -47.37 5.58 48.21
N LYS D 58 -48.40 5.12 47.52
CA LYS D 58 -49.45 4.28 48.12
C LYS D 58 -48.89 3.01 48.83
N ASP D 59 -48.12 2.20 48.08
CA ASP D 59 -47.72 0.86 48.51
C ASP D 59 -46.36 0.80 49.22
N TYR D 60 -45.50 1.80 48.96
CA TYR D 60 -44.23 1.90 49.69
C TYR D 60 -44.23 3.05 50.70
N ASP D 61 -43.05 3.27 51.25
CA ASP D 61 -42.82 4.04 52.45
C ASP D 61 -41.76 5.10 52.14
N LEU D 62 -42.13 6.09 51.35
CA LEU D 62 -41.16 7.05 50.82
C LEU D 62 -40.57 8.01 51.85
N VAL D 63 -39.34 8.44 51.60
CA VAL D 63 -38.61 9.36 52.49
C VAL D 63 -37.80 10.42 51.69
N GLY D 64 -37.64 11.60 52.28
CA GLY D 64 -36.89 12.68 51.64
C GLY D 64 -36.66 13.86 52.56
N ASP D 73 -35.09 4.15 61.59
CA ASP D 73 -35.50 3.23 60.52
C ASP D 73 -34.49 3.13 59.35
N SER D 74 -34.18 1.90 58.96
CA SER D 74 -33.34 1.59 57.78
C SER D 74 -33.95 2.03 56.43
N PHE D 75 -33.17 1.84 55.36
CA PHE D 75 -33.71 1.94 54.01
C PHE D 75 -33.94 0.53 53.48
N GLY D 76 -35.14 0.27 52.97
CA GLY D 76 -35.44 -0.99 52.31
C GLY D 76 -35.15 -0.84 50.84
N GLY D 77 -35.13 0.42 50.40
CA GLY D 77 -34.94 0.74 49.00
C GLY D 77 -34.19 2.03 48.76
N LEU D 78 -33.09 1.92 48.03
CA LEU D 78 -32.39 3.09 47.49
C LEU D 78 -32.53 3.09 45.97
N VAL D 79 -33.17 4.13 45.46
CA VAL D 79 -33.35 4.32 44.02
C VAL D 79 -32.69 5.63 43.58
N PHE D 80 -31.77 5.56 42.62
CA PHE D 80 -31.18 6.77 42.02
C PHE D 80 -31.65 7.01 40.59
N ASP D 81 -32.13 8.22 40.32
CA ASP D 81 -32.49 8.69 38.97
C ASP D 81 -31.29 9.39 38.28
N ALA D 82 -30.58 8.65 37.43
CA ALA D 82 -29.38 9.20 36.76
C ALA D 82 -29.67 9.79 35.41
N THR D 83 -30.93 9.79 35.02
CA THR D 83 -31.31 10.20 33.68
C THR D 83 -30.80 11.62 33.39
N GLY D 84 -30.87 12.49 34.39
CA GLY D 84 -30.32 13.85 34.28
C GLY D 84 -28.82 14.04 34.08
N ILE D 85 -28.06 12.95 34.00
CA ILE D 85 -26.60 13.06 33.85
C ILE D 85 -26.19 13.18 32.38
N THR D 86 -26.05 14.42 31.90
CA THR D 86 -25.90 14.64 30.44
C THR D 86 -24.43 14.59 30.00
N GLU D 87 -23.56 14.26 30.95
CA GLU D 87 -22.11 14.34 30.73
C GLU D 87 -21.28 13.59 31.78
N PRO D 88 -20.19 12.96 31.34
CA PRO D 88 -19.33 12.20 32.24
C PRO D 88 -19.06 12.93 33.55
N ALA D 89 -18.52 14.14 33.50
CA ALA D 89 -18.34 14.98 34.69
C ALA D 89 -19.46 14.87 35.73
N GLY D 90 -20.69 14.64 35.27
CA GLY D 90 -21.86 14.60 36.10
C GLY D 90 -22.12 13.31 36.87
N LEU D 91 -21.42 12.22 36.51
CA LEU D 91 -21.55 10.94 37.22
C LEU D 91 -21.28 11.06 38.74
N LYS D 92 -20.50 12.07 39.10
CA LYS D 92 -20.43 12.60 40.46
C LYS D 92 -21.70 12.26 41.30
N GLY D 93 -22.87 12.72 40.85
CA GLY D 93 -24.16 12.48 41.52
C GLY D 93 -24.33 11.11 42.17
N LEU D 94 -23.83 10.09 41.48
CA LEU D 94 -23.86 8.72 41.99
C LEU D 94 -23.23 8.60 43.38
N HIS D 95 -22.02 9.13 43.49
CA HIS D 95 -21.27 9.13 44.74
C HIS D 95 -21.99 9.96 45.81
N GLU D 96 -22.30 11.20 45.48
CA GLU D 96 -22.90 12.16 46.38
C GLU D 96 -24.19 11.63 46.97
N PHE D 97 -24.89 10.77 46.23
CA PHE D 97 -26.13 10.23 46.74
C PHE D 97 -26.02 8.92 47.53
N PHE D 98 -25.23 7.97 47.05
CA PHE D 98 -25.14 6.69 47.73
C PHE D 98 -24.27 6.76 48.96
N THR D 99 -23.11 7.40 48.87
CA THR D 99 -22.14 7.42 49.95
C THR D 99 -22.76 7.72 51.33
N PRO D 100 -23.53 8.83 51.45
CA PRO D 100 -24.02 9.11 52.82
C PRO D 100 -24.99 8.03 53.33
N VAL D 101 -25.76 7.44 52.40
CA VAL D 101 -26.89 6.58 52.75
C VAL D 101 -26.67 5.06 52.79
N LEU D 102 -25.54 4.57 52.23
CA LEU D 102 -25.30 3.11 52.19
C LEU D 102 -25.14 2.47 53.58
N ARG D 103 -24.46 3.17 54.49
CA ARG D 103 -24.29 2.68 55.86
C ARG D 103 -25.61 2.28 56.50
N ASN D 104 -26.74 2.83 56.01
CA ASN D 104 -28.08 2.52 56.55
C ASN D 104 -28.96 1.65 55.64
N LEU D 105 -28.34 0.96 54.67
CA LEU D 105 -29.09 0.04 53.85
C LEU D 105 -29.39 -1.21 54.65
N GLY D 106 -30.64 -1.68 54.57
CA GLY D 106 -31.10 -2.82 55.35
C GLY D 106 -30.63 -4.18 54.88
N ARG D 107 -31.08 -5.20 55.59
CA ARG D 107 -31.00 -6.59 55.15
C ARG D 107 -31.77 -6.75 53.83
N CYS D 108 -31.24 -7.59 52.94
CA CYS D 108 -31.79 -7.75 51.58
C CYS D 108 -32.34 -6.44 51.04
N GLY D 109 -31.65 -5.36 51.37
CA GLY D 109 -31.89 -4.05 50.77
C GLY D 109 -31.83 -4.10 49.26
N ARG D 110 -32.39 -3.06 48.63
CA ARG D 110 -32.49 -3.03 47.18
C ARG D 110 -32.04 -1.72 46.60
N VAL D 111 -30.88 -1.75 45.94
CA VAL D 111 -30.38 -0.59 45.19
C VAL D 111 -30.79 -0.70 43.73
N VAL D 112 -31.40 0.37 43.19
CA VAL D 112 -31.68 0.45 41.74
C VAL D 112 -31.28 1.79 41.14
N VAL D 113 -30.46 1.76 40.09
CA VAL D 113 -30.17 2.98 39.35
C VAL D 113 -30.97 2.94 38.07
N VAL D 114 -31.62 4.04 37.75
CA VAL D 114 -32.36 4.18 36.50
C VAL D 114 -31.65 5.16 35.59
N GLY D 115 -31.58 4.87 34.29
CA GLY D 115 -30.91 5.77 33.33
C GLY D 115 -31.67 5.88 32.03
N GLY D 116 -31.07 6.54 31.04
CA GLY D 116 -31.62 6.65 29.67
C GLY D 116 -30.95 5.70 28.71
N THR D 117 -31.71 5.03 27.85
CA THR D 117 -31.15 4.10 26.88
C THR D 117 -29.98 4.77 26.19
N PRO D 118 -28.77 4.24 26.42
CA PRO D 118 -27.56 4.87 25.87
C PRO D 118 -27.60 5.18 24.36
N GLU D 119 -27.90 4.17 23.54
CA GLU D 119 -27.85 4.31 22.09
C GLU D 119 -28.80 5.40 21.64
N ALA D 120 -29.58 5.89 22.60
CA ALA D 120 -30.70 6.77 22.33
C ALA D 120 -30.58 8.15 22.99
N ALA D 121 -29.39 8.52 23.47
CA ALA D 121 -29.22 9.77 24.20
C ALA D 121 -29.20 10.91 23.21
N ALA D 122 -29.38 12.14 23.71
CA ALA D 122 -29.49 13.30 22.83
C ALA D 122 -28.11 13.90 22.44
N SER D 123 -27.06 13.45 23.10
CA SER D 123 -25.69 13.96 22.92
C SER D 123 -24.76 12.83 23.27
N THR D 124 -23.56 12.83 22.67
CA THR D 124 -22.61 11.72 22.91
C THR D 124 -22.04 11.77 24.32
N ASN D 125 -21.88 12.98 24.87
CA ASN D 125 -21.51 13.14 26.28
C ASN D 125 -22.48 12.30 27.11
N GLU D 126 -23.77 12.46 26.82
CA GLU D 126 -24.85 11.78 27.56
C GLU D 126 -24.90 10.27 27.36
N ARG D 127 -24.45 9.77 26.21
CA ARG D 127 -24.48 8.34 25.98
C ARG D 127 -23.32 7.69 26.71
N ILE D 128 -22.20 8.42 26.81
CA ILE D 128 -21.01 7.93 27.47
C ILE D 128 -21.33 7.91 28.91
N ALA D 129 -22.06 8.91 29.36
CA ALA D 129 -22.40 9.02 30.76
C ALA D 129 -23.37 7.93 31.15
N GLN D 130 -24.39 7.68 30.32
CA GLN D 130 -25.40 6.65 30.64
C GLN D 130 -24.95 5.18 30.50
N ARG D 131 -24.12 4.91 29.48
CA ARG D 131 -23.35 3.66 29.42
C ARG D 131 -22.49 3.38 30.65
N ALA D 132 -21.73 4.37 31.09
CA ALA D 132 -20.80 4.19 32.22
C ALA D 132 -21.49 3.64 33.47
N LEU D 133 -22.80 3.87 33.56
CA LEU D 133 -23.57 3.57 34.75
C LEU D 133 -23.44 2.13 35.18
N GLU D 134 -23.28 1.22 34.23
CA GLU D 134 -23.34 -0.20 34.50
C GLU D 134 -22.03 -0.68 35.12
N GLY D 135 -20.96 0.09 34.92
CA GLY D 135 -19.72 -0.17 35.64
C GLY D 135 -20.05 0.01 37.12
N PHE D 136 -20.76 1.10 37.38
CA PHE D 136 -21.08 1.47 38.74
C PHE D 136 -21.99 0.47 39.42
N THR D 137 -23.07 0.05 38.76
CA THR D 137 -24.07 -0.80 39.44
C THR D 137 -23.49 -2.20 39.73
N ARG D 138 -22.82 -2.77 38.73
CA ARG D 138 -22.13 -4.04 38.90
C ARG D 138 -21.14 -3.99 40.05
N SER D 139 -20.25 -3.00 40.10
CA SER D 139 -19.25 -2.96 41.18
C SER D 139 -19.93 -2.86 42.53
N LEU D 140 -21.03 -2.10 42.61
CA LEU D 140 -21.72 -1.90 43.88
C LEU D 140 -22.35 -3.20 44.37
N GLY D 141 -22.91 -3.98 43.46
CA GLY D 141 -23.45 -5.28 43.84
C GLY D 141 -22.42 -6.16 44.56
N LYS D 142 -21.16 -5.95 44.22
CA LYS D 142 -20.05 -6.70 44.81
C LYS D 142 -19.53 -6.04 46.09
N GLU D 143 -20.24 -5.01 46.55
CA GLU D 143 -19.93 -4.31 47.81
C GLU D 143 -21.02 -4.47 48.90
N LEU D 144 -22.29 -4.38 48.48
CA LEU D 144 -23.43 -4.51 49.39
C LEU D 144 -23.44 -5.77 50.28
N ARG D 145 -23.56 -5.50 51.56
CA ARG D 145 -23.52 -6.50 52.60
C ARG D 145 -24.92 -7.09 52.82
N ARG D 146 -24.97 -8.17 53.60
CA ARG D 146 -26.19 -8.61 54.29
C ARG D 146 -27.36 -8.96 53.36
N GLY D 147 -27.02 -9.43 52.16
CA GLY D 147 -28.01 -9.95 51.22
C GLY D 147 -28.73 -8.96 50.31
N ALA D 148 -28.16 -7.75 50.18
CA ALA D 148 -28.80 -6.60 49.54
C ALA D 148 -28.31 -6.52 48.12
N THR D 149 -29.18 -6.22 47.17
CA THR D 149 -28.80 -6.30 45.73
C THR D 149 -28.79 -4.94 44.97
N THR D 150 -28.17 -4.94 43.78
CA THR D 150 -28.14 -3.79 42.85
C THR D 150 -28.81 -4.09 41.50
N ALA D 151 -29.20 -3.02 40.79
CA ALA D 151 -29.77 -3.15 39.43
C ALA D 151 -29.71 -1.87 38.60
N LEU D 152 -29.40 -2.01 37.33
CA LEU D 152 -29.48 -0.90 36.41
C LEU D 152 -30.73 -1.07 35.54
N VAL D 153 -31.51 0.01 35.40
CA VAL D 153 -32.66 0.05 34.49
C VAL D 153 -32.51 1.23 33.52
N TYR D 154 -32.63 0.93 32.25
CA TYR D 154 -32.68 1.96 31.22
C TYR D 154 -34.10 2.21 30.75
N LEU D 155 -34.55 3.46 30.85
CA LEU D 155 -35.88 3.81 30.38
C LEU D 155 -35.71 4.53 29.06
N SER D 156 -36.48 4.13 28.05
CA SER D 156 -36.46 4.89 26.80
C SER D 156 -36.84 6.39 27.03
N PRO D 157 -36.07 7.32 26.44
CA PRO D 157 -36.39 8.76 26.49
C PRO D 157 -37.61 9.13 25.63
N ASP D 158 -38.09 8.17 24.85
CA ASP D 158 -39.39 8.36 24.21
C ASP D 158 -40.56 8.00 25.18
N ALA D 159 -40.25 7.47 26.37
CA ALA D 159 -41.29 7.24 27.37
C ALA D 159 -41.80 8.55 27.97
N LYS D 160 -43.12 8.58 28.09
CA LYS D 160 -43.90 9.68 28.65
C LYS D 160 -43.55 9.94 30.11
N PRO D 161 -43.59 11.23 30.55
CA PRO D 161 -43.31 11.66 31.92
C PRO D 161 -43.88 10.72 33.01
N ALA D 162 -45.11 10.26 32.83
CA ALA D 162 -45.75 9.35 33.81
C ALA D 162 -44.94 8.07 34.01
N ALA D 163 -44.30 7.63 32.93
CA ALA D 163 -43.38 6.48 32.95
C ALA D 163 -44.09 5.18 33.36
N THR D 164 -45.07 4.78 32.57
CA THR D 164 -45.99 3.75 32.98
C THR D 164 -45.48 2.39 32.53
N GLY D 165 -44.62 2.42 31.53
CA GLY D 165 -43.99 1.19 31.04
C GLY D 165 -42.95 0.71 32.03
N LEU D 166 -42.46 1.66 32.84
CA LEU D 166 -41.41 1.38 33.82
C LEU D 166 -41.95 0.66 35.05
N GLU D 167 -43.22 0.84 35.35
CA GLU D 167 -43.71 0.46 36.65
C GLU D 167 -43.44 -0.99 37.09
N SER D 168 -43.68 -1.96 36.20
CA SER D 168 -43.59 -3.39 36.56
C SER D 168 -42.18 -3.82 36.99
N THR D 169 -41.18 -3.33 36.25
CA THR D 169 -39.76 -3.61 36.54
C THR D 169 -39.35 -3.06 37.88
N MET D 170 -39.78 -1.85 38.16
CA MET D 170 -39.42 -1.21 39.37
C MET D 170 -40.07 -1.92 40.52
N ARG D 171 -41.23 -2.52 40.27
CA ARG D 171 -42.05 -3.17 41.30
C ARG D 171 -41.58 -4.59 41.64
N PHE D 172 -41.11 -5.29 40.61
CA PHE D 172 -40.32 -6.51 40.78
C PHE D 172 -38.99 -6.29 41.53
N LEU D 173 -38.19 -5.32 41.10
CA LEU D 173 -36.89 -5.11 41.75
C LEU D 173 -37.04 -4.64 43.19
N LEU D 174 -38.04 -3.77 43.41
CA LEU D 174 -38.30 -3.24 44.74
C LEU D 174 -39.22 -4.13 45.55
N SER D 175 -39.03 -5.43 45.36
CA SER D 175 -39.77 -6.41 46.10
C SER D 175 -38.77 -7.44 46.57
N ALA D 176 -39.28 -8.45 47.26
CA ALA D 176 -38.50 -9.60 47.71
C ALA D 176 -38.51 -10.75 46.66
N LYS D 177 -39.36 -10.65 45.64
CA LYS D 177 -39.42 -11.60 44.51
C LYS D 177 -38.11 -11.63 43.73
N SER D 178 -37.34 -10.54 43.86
CA SER D 178 -36.14 -10.29 43.08
C SER D 178 -34.89 -10.76 43.80
N ALA D 179 -35.08 -11.66 44.76
CA ALA D 179 -34.09 -11.91 45.77
C ALA D 179 -32.78 -12.44 45.20
N TYR D 180 -32.84 -13.12 44.07
CA TYR D 180 -31.65 -13.73 43.48
C TYR D 180 -31.18 -13.04 42.21
N VAL D 181 -31.89 -12.00 41.78
CA VAL D 181 -31.44 -11.16 40.66
C VAL D 181 -30.56 -10.08 41.23
N ASP D 182 -29.25 -10.26 41.09
CA ASP D 182 -28.27 -9.26 41.49
C ASP D 182 -27.45 -8.76 40.28
N GLY D 183 -27.28 -7.46 40.16
CA GLY D 183 -26.31 -6.87 39.22
C GLY D 183 -26.77 -6.70 37.79
N GLN D 184 -28.03 -7.02 37.52
CA GLN D 184 -28.58 -7.05 36.16
C GLN D 184 -28.85 -5.71 35.47
N VAL D 185 -29.07 -5.78 34.17
CA VAL D 185 -29.46 -4.61 33.39
C VAL D 185 -30.79 -4.89 32.66
N PHE D 186 -31.74 -3.98 32.88
CA PHE D 186 -33.07 -4.08 32.35
C PHE D 186 -33.30 -2.94 31.39
N SER D 187 -33.92 -3.23 30.26
CA SER D 187 -34.15 -2.21 29.24
C SER D 187 -35.66 -1.99 28.99
N VAL D 188 -36.21 -0.84 29.40
CA VAL D 188 -37.66 -0.58 29.19
C VAL D 188 -37.90 0.37 28.04
N GLY D 189 -38.85 0.01 27.17
CA GLY D 189 -39.19 0.83 25.99
C GLY D 189 -40.14 1.98 26.27
N ALA D 190 -40.67 2.58 25.21
CA ALA D 190 -41.48 3.79 25.37
C ALA D 190 -42.98 3.58 25.60
N ASP D 191 -43.50 2.37 25.38
CA ASP D 191 -44.94 2.13 25.48
C ASP D 191 -45.46 2.30 26.91
N ASP D 192 -46.62 2.93 27.06
CA ASP D 192 -47.32 3.12 28.36
C ASP D 192 -47.92 1.82 28.83
N SER D 193 -48.19 1.70 30.12
CA SER D 193 -48.78 0.49 30.64
C SER D 193 -49.84 0.73 31.68
N THR D 194 -50.81 -0.18 31.72
CA THR D 194 -51.88 -0.17 32.71
C THR D 194 -51.55 -1.20 33.80
N PRO D 195 -51.54 -0.78 35.08
CA PRO D 195 -51.39 -1.75 36.20
C PRO D 195 -52.42 -2.89 36.10
N PRO D 196 -52.09 -4.08 36.65
CA PRO D 196 -53.16 -5.06 36.75
C PRO D 196 -54.11 -4.58 37.84
N ALA D 197 -55.31 -5.16 37.90
CA ALA D 197 -56.25 -4.80 38.97
C ALA D 197 -55.57 -4.98 40.34
N ASP D 198 -54.97 -6.15 40.55
CA ASP D 198 -54.22 -6.41 41.78
C ASP D 198 -52.77 -6.66 41.40
N TRP D 199 -51.85 -5.93 42.04
CA TRP D 199 -50.41 -6.16 41.85
C TRP D 199 -49.97 -7.42 42.58
N GLU D 200 -50.85 -7.86 43.50
CA GLU D 200 -50.61 -9.02 44.35
C GLU D 200 -51.11 -10.30 43.69
N LYS D 201 -51.88 -10.16 42.60
CA LYS D 201 -52.41 -11.28 41.80
C LYS D 201 -52.36 -10.92 40.30
N PRO D 202 -51.17 -10.59 39.77
CA PRO D 202 -51.04 -9.90 38.48
C PRO D 202 -51.41 -10.70 37.23
N LEU D 203 -51.79 -11.96 37.39
CA LEU D 203 -52.13 -12.81 36.24
C LEU D 203 -53.49 -13.50 36.35
N ASP D 204 -54.43 -12.87 37.07
CA ASP D 204 -55.78 -13.43 37.13
C ASP D 204 -56.41 -13.44 35.75
N GLY D 205 -56.81 -14.64 35.33
CA GLY D 205 -57.42 -14.86 34.03
C GLY D 205 -56.48 -14.94 32.84
N LYS D 206 -55.19 -15.16 33.08
CA LYS D 206 -54.24 -15.38 31.98
C LYS D 206 -54.13 -16.88 31.61
N VAL D 207 -53.63 -17.16 30.40
CA VAL D 207 -53.47 -18.56 29.91
C VAL D 207 -52.01 -18.91 29.56
N ALA D 208 -51.34 -19.57 30.51
CA ALA D 208 -49.89 -19.80 30.48
C ALA D 208 -49.49 -21.25 30.24
N ILE D 209 -48.62 -21.45 29.24
CA ILE D 209 -48.07 -22.76 28.88
C ILE D 209 -46.61 -22.91 29.31
N VAL D 210 -46.36 -23.94 30.11
CA VAL D 210 -45.02 -24.22 30.68
C VAL D 210 -44.49 -25.55 30.19
N THR D 211 -43.53 -25.52 29.27
CA THR D 211 -42.80 -26.73 28.88
C THR D 211 -41.87 -27.15 30.02
N GLY D 212 -41.97 -28.42 30.40
CA GLY D 212 -41.14 -29.03 31.46
C GLY D 212 -41.59 -28.82 32.90
N ALA D 213 -42.88 -28.99 33.14
CA ALA D 213 -43.49 -28.62 34.42
C ALA D 213 -43.43 -29.67 35.52
N ALA D 214 -43.06 -30.91 35.18
CA ALA D 214 -43.16 -32.02 36.13
C ALA D 214 -42.31 -31.82 37.38
N ARG D 215 -41.10 -31.28 37.21
CA ARG D 215 -40.18 -31.07 38.34
C ARG D 215 -39.30 -29.85 38.18
N GLY D 216 -38.75 -29.41 39.32
CA GLY D 216 -37.74 -28.37 39.36
C GLY D 216 -38.27 -26.98 39.15
N ILE D 217 -37.62 -26.25 38.23
CA ILE D 217 -37.97 -24.88 37.83
C ILE D 217 -39.32 -24.85 37.11
N GLY D 218 -39.53 -25.74 36.15
CA GLY D 218 -40.85 -25.90 35.53
C GLY D 218 -42.00 -26.08 36.52
N ALA D 219 -41.78 -26.89 37.56
CA ALA D 219 -42.76 -27.05 38.65
C ALA D 219 -42.96 -25.74 39.39
N THR D 220 -41.87 -25.21 39.96
CA THR D 220 -41.95 -24.00 40.76
C THR D 220 -42.35 -22.80 39.88
N ILE D 221 -42.18 -22.91 38.56
CA ILE D 221 -42.67 -21.84 37.67
C ILE D 221 -44.19 -21.82 37.75
N ALA D 222 -44.76 -23.01 37.64
CA ALA D 222 -46.20 -23.17 37.71
C ALA D 222 -46.72 -22.79 39.09
N GLU D 223 -45.96 -23.11 40.15
CA GLU D 223 -46.35 -22.69 41.50
C GLU D 223 -46.55 -21.18 41.51
N VAL D 224 -45.51 -20.48 41.10
CA VAL D 224 -45.51 -19.04 41.07
C VAL D 224 -46.61 -18.48 40.13
N PHE D 225 -46.73 -19.04 38.93
CA PHE D 225 -47.72 -18.54 37.98
C PHE D 225 -49.14 -18.51 38.57
N ALA D 226 -49.61 -19.67 39.04
CA ALA D 226 -50.97 -19.80 39.60
C ALA D 226 -51.21 -18.92 40.82
N ARG D 227 -50.14 -18.68 41.59
CA ARG D 227 -50.21 -17.80 42.75
C ARG D 227 -50.63 -16.43 42.25
N ASP D 228 -49.90 -15.94 41.25
CA ASP D 228 -50.19 -14.64 40.60
C ASP D 228 -51.52 -14.63 39.81
N GLY D 229 -52.32 -15.69 39.94
CA GLY D 229 -53.64 -15.78 39.32
C GLY D 229 -53.78 -16.64 38.08
N ALA D 230 -52.68 -17.06 37.48
CA ALA D 230 -52.74 -17.78 36.21
C ALA D 230 -53.34 -19.16 36.38
N HIS D 231 -54.10 -19.60 35.38
CA HIS D 231 -54.46 -21.00 35.24
C HIS D 231 -53.34 -21.61 34.36
N VAL D 232 -52.83 -22.80 34.71
CA VAL D 232 -51.64 -23.35 34.04
C VAL D 232 -51.89 -24.57 33.12
N VAL D 233 -51.29 -24.53 31.92
CA VAL D 233 -51.11 -25.70 31.05
C VAL D 233 -49.68 -26.26 31.27
N ALA D 234 -49.61 -27.36 32.00
CA ALA D 234 -48.34 -27.93 32.47
C ALA D 234 -47.87 -29.06 31.57
N ILE D 235 -46.98 -28.71 30.63
CA ILE D 235 -46.47 -29.66 29.65
C ILE D 235 -45.25 -30.39 30.20
N ASP D 236 -45.20 -31.70 29.98
CA ASP D 236 -43.97 -32.48 30.20
C ASP D 236 -44.06 -33.77 29.41
N VAL D 237 -43.12 -34.68 29.62
CA VAL D 237 -43.17 -36.04 29.05
C VAL D 237 -43.68 -37.08 30.05
N GLU D 238 -44.23 -38.14 29.45
CA GLU D 238 -45.09 -39.14 30.11
C GLU D 238 -44.20 -39.86 31.04
N SER D 239 -43.04 -40.18 30.53
CA SER D 239 -41.96 -40.60 31.36
C SER D 239 -42.27 -39.99 32.70
N ASN D 243 -46.61 -37.40 38.79
CA ASN D 243 -45.61 -36.40 39.17
C ASN D 243 -45.72 -35.07 38.40
N LEU D 244 -46.05 -35.14 37.11
CA LEU D 244 -46.53 -33.97 36.35
C LEU D 244 -47.98 -33.63 36.71
N ALA D 245 -48.79 -34.65 36.99
CA ALA D 245 -50.20 -34.47 37.36
C ALA D 245 -50.36 -34.03 38.82
N GLU D 246 -49.39 -34.40 39.66
CA GLU D 246 -49.25 -33.84 41.01
C GLU D 246 -49.07 -32.32 40.89
N THR D 247 -48.10 -31.92 40.07
CA THR D 247 -47.89 -30.52 39.71
C THR D 247 -49.23 -29.83 39.36
N ALA D 248 -49.91 -30.32 38.32
CA ALA D 248 -51.19 -29.74 37.87
C ALA D 248 -52.31 -29.78 38.92
N SER D 249 -52.15 -30.62 39.93
CA SER D 249 -53.06 -30.63 41.08
C SER D 249 -52.60 -29.60 42.12
N LYS D 250 -51.32 -29.71 42.51
CA LYS D 250 -50.67 -28.76 43.41
C LYS D 250 -51.04 -27.34 43.02
N VAL D 251 -51.17 -27.11 41.72
CA VAL D 251 -51.38 -25.78 41.19
C VAL D 251 -52.83 -25.48 40.83
N GLY D 252 -53.52 -26.51 40.35
CA GLY D 252 -54.86 -26.31 39.79
C GLY D 252 -54.77 -25.76 38.38
N GLY D 253 -53.80 -26.28 37.60
CA GLY D 253 -53.71 -26.02 36.18
C GLY D 253 -54.35 -27.15 35.40
N THR D 254 -53.66 -27.60 34.35
CA THR D 254 -54.06 -28.79 33.58
C THR D 254 -52.83 -29.50 33.00
N ALA D 255 -52.78 -30.82 33.12
CA ALA D 255 -51.63 -31.59 32.64
C ALA D 255 -51.69 -31.93 31.15
N LEU D 256 -50.54 -32.00 30.50
CA LEU D 256 -50.46 -32.40 29.08
C LEU D 256 -49.13 -33.11 28.76
N TRP D 257 -49.26 -34.38 28.43
CA TRP D 257 -48.12 -35.23 28.13
C TRP D 257 -47.73 -35.07 26.66
N LEU D 258 -46.58 -34.43 26.45
CA LEU D 258 -46.06 -34.18 25.12
C LEU D 258 -44.53 -34.01 25.10
N ASP D 259 -43.92 -34.56 24.05
CA ASP D 259 -42.56 -34.30 23.70
C ASP D 259 -42.54 -33.06 22.78
N VAL D 260 -41.81 -32.02 23.19
CA VAL D 260 -41.85 -30.73 22.48
C VAL D 260 -41.23 -30.73 21.08
N THR D 261 -40.43 -31.75 20.77
CA THR D 261 -39.78 -31.82 19.46
C THR D 261 -40.64 -32.49 18.42
N ALA D 262 -41.73 -33.12 18.87
CA ALA D 262 -42.62 -33.87 17.98
C ALA D 262 -43.16 -32.95 16.88
N ASP D 263 -43.34 -33.54 15.69
CA ASP D 263 -43.86 -32.84 14.52
C ASP D 263 -45.18 -32.13 14.78
N ASP D 264 -46.08 -32.81 15.47
CA ASP D 264 -47.43 -32.29 15.70
C ASP D 264 -47.55 -31.51 17.02
N ALA D 265 -46.43 -31.39 17.74
CA ALA D 265 -46.40 -30.77 19.07
C ALA D 265 -47.27 -29.52 19.16
N VAL D 266 -47.10 -28.63 18.18
CA VAL D 266 -47.84 -27.36 18.11
C VAL D 266 -49.35 -27.60 17.99
N ASP D 267 -49.75 -28.47 17.07
CA ASP D 267 -51.15 -28.91 16.88
C ASP D 267 -51.71 -29.60 18.13
N LYS D 268 -50.90 -30.53 18.66
CA LYS D 268 -51.17 -31.26 19.90
C LYS D 268 -51.40 -30.35 21.12
N ILE D 269 -50.78 -29.16 21.10
CA ILE D 269 -50.94 -28.17 22.17
C ILE D 269 -52.21 -27.35 21.93
N SER D 270 -52.31 -26.79 20.72
CA SER D 270 -53.43 -25.95 20.28
C SER D 270 -54.77 -26.59 20.60
N GLU D 271 -54.83 -27.91 20.46
CA GLU D 271 -55.98 -28.72 20.82
C GLU D 271 -56.33 -28.50 22.29
N HIS D 272 -55.38 -28.82 23.18
CA HIS D 272 -55.58 -28.67 24.63
C HIS D 272 -56.24 -27.35 25.00
N LEU D 273 -55.79 -26.26 24.38
CA LEU D 273 -56.41 -24.94 24.55
C LEU D 273 -57.86 -24.94 24.03
N ARG D 274 -58.05 -25.41 22.79
CA ARG D 274 -59.38 -25.49 22.18
C ARG D 274 -60.37 -26.16 23.14
N ASP D 275 -59.89 -27.23 23.78
CA ASP D 275 -60.67 -28.03 24.73
C ASP D 275 -60.86 -27.35 26.09
N HIS D 276 -59.76 -26.96 26.73
CA HIS D 276 -59.78 -26.51 28.14
C HIS D 276 -59.81 -25.00 28.34
N HIS D 277 -59.15 -24.25 27.45
CA HIS D 277 -59.00 -22.81 27.65
C HIS D 277 -59.44 -21.95 26.47
N GLY D 278 -60.46 -22.44 25.75
CA GLY D 278 -61.11 -21.70 24.65
C GLY D 278 -60.27 -21.32 23.43
N GLY D 279 -59.11 -21.97 23.27
CA GLY D 279 -58.28 -21.80 22.07
C GLY D 279 -57.17 -20.78 22.11
N LYS D 280 -57.25 -19.86 23.08
CA LYS D 280 -56.27 -18.80 23.27
C LYS D 280 -55.27 -19.19 24.35
N ALA D 281 -54.05 -18.66 24.20
CA ALA D 281 -52.99 -18.69 25.23
C ALA D 281 -52.41 -17.29 25.38
N ASP D 282 -52.14 -16.90 26.62
CA ASP D 282 -51.43 -15.64 26.86
C ASP D 282 -49.90 -15.81 26.95
N ILE D 283 -49.44 -16.85 27.64
CA ILE D 283 -48.01 -16.96 27.99
C ILE D 283 -47.38 -18.28 27.58
N LEU D 284 -46.27 -18.22 26.85
CA LEU D 284 -45.47 -19.42 26.61
C LEU D 284 -44.17 -19.32 27.36
N VAL D 285 -43.82 -20.37 28.09
CA VAL D 285 -42.57 -20.41 28.80
C VAL D 285 -41.79 -21.65 28.37
N ASN D 286 -40.82 -21.43 27.49
CA ASN D 286 -39.92 -22.47 27.02
C ASN D 286 -38.84 -22.82 28.06
N ASN D 287 -39.22 -23.74 28.95
CA ASN D 287 -38.44 -24.12 30.12
C ASN D 287 -37.92 -25.55 30.03
N ALA D 288 -38.56 -26.39 29.23
CA ALA D 288 -38.00 -27.71 29.03
C ALA D 288 -36.62 -27.53 28.40
N GLY D 289 -35.67 -28.35 28.85
CA GLY D 289 -34.32 -28.46 28.29
C GLY D 289 -33.66 -29.72 28.80
N ILE D 290 -32.47 -30.04 28.26
CA ILE D 290 -31.67 -31.20 28.68
C ILE D 290 -30.19 -30.94 28.52
N THR D 291 -29.40 -31.63 29.33
CA THR D 291 -27.94 -31.53 29.26
C THR D 291 -27.41 -32.86 28.76
N ARG D 292 -26.48 -32.81 27.81
CA ARG D 292 -25.81 -34.01 27.32
C ARG D 292 -24.32 -33.73 27.21
N ASP D 293 -23.72 -33.55 28.38
CA ASP D 293 -22.37 -33.02 28.48
C ASP D 293 -21.31 -33.92 27.87
N LYS D 294 -20.58 -33.35 26.93
CA LYS D 294 -19.43 -33.99 26.32
C LYS D 294 -18.52 -32.94 25.67
N LEU D 295 -17.23 -33.28 25.56
CA LEU D 295 -16.23 -32.47 24.87
C LEU D 295 -16.38 -32.65 23.37
N LEU D 296 -16.15 -31.57 22.63
CA LEU D 296 -16.46 -31.56 21.22
C LEU D 296 -15.62 -32.59 20.45
N ALA D 297 -14.33 -32.65 20.75
CA ALA D 297 -13.47 -33.73 20.27
C ALA D 297 -14.07 -35.13 20.41
N ASN D 298 -15.13 -35.26 21.22
CA ASN D 298 -15.74 -36.57 21.47
C ASN D 298 -17.27 -36.57 21.34
N MET D 299 -17.80 -35.59 20.64
CA MET D 299 -19.24 -35.42 20.52
C MET D 299 -19.81 -36.30 19.39
N ASP D 300 -20.98 -36.88 19.66
CA ASP D 300 -21.70 -37.75 18.72
C ASP D 300 -23.05 -37.12 18.40
N ASP D 301 -23.55 -37.32 17.18
CA ASP D 301 -24.83 -36.74 16.74
C ASP D 301 -25.98 -36.88 17.78
N ALA D 302 -25.96 -37.97 18.55
CA ALA D 302 -27.06 -38.30 19.48
C ALA D 302 -27.15 -37.32 20.66
N ARG D 303 -26.01 -36.80 21.06
CA ARG D 303 -25.94 -35.81 22.10
C ARG D 303 -26.05 -34.41 21.51
N TRP D 304 -25.46 -34.21 20.32
CA TRP D 304 -25.57 -32.91 19.66
C TRP D 304 -27.03 -32.60 19.27
N ASP D 305 -27.65 -33.53 18.53
CA ASP D 305 -28.97 -33.31 17.93
C ASP D 305 -30.10 -33.27 18.96
N ALA D 306 -30.00 -34.16 19.96
CA ALA D 306 -30.93 -34.15 21.11
C ALA D 306 -30.89 -32.85 21.92
N VAL D 307 -29.77 -32.16 21.89
CA VAL D 307 -29.71 -30.94 22.64
C VAL D 307 -30.23 -29.84 21.72
N LEU D 308 -29.81 -29.89 20.47
CA LEU D 308 -30.26 -28.91 19.48
C LEU D 308 -31.77 -28.91 19.30
N ALA D 309 -32.37 -30.09 19.25
CA ALA D 309 -33.80 -30.20 19.09
C ALA D 309 -34.60 -29.70 20.31
N VAL D 310 -34.43 -30.35 21.46
CA VAL D 310 -35.17 -29.96 22.69
C VAL D 310 -34.95 -28.49 23.07
N ASN D 311 -33.67 -28.11 23.17
CA ASN D 311 -33.26 -26.83 23.76
C ASN D 311 -33.37 -25.60 22.90
N LEU D 312 -33.33 -25.79 21.57
CA LEU D 312 -33.35 -24.66 20.63
C LEU D 312 -34.32 -24.79 19.48
N LEU D 313 -34.36 -25.94 18.82
CA LEU D 313 -35.27 -26.10 17.70
C LEU D 313 -36.71 -26.06 18.17
N ALA D 314 -37.04 -26.85 19.19
CA ALA D 314 -38.41 -26.89 19.70
C ALA D 314 -38.87 -25.53 20.25
N PRO D 315 -38.01 -24.85 21.03
CA PRO D 315 -38.59 -23.61 21.55
C PRO D 315 -38.96 -22.60 20.44
N LEU D 316 -38.17 -22.53 19.37
CA LEU D 316 -38.53 -21.67 18.21
C LEU D 316 -39.81 -22.15 17.48
N ARG D 317 -39.82 -23.44 17.13
CA ARG D 317 -40.94 -24.09 16.45
C ARG D 317 -42.28 -23.91 17.20
N LEU D 318 -42.21 -23.72 18.50
CA LEU D 318 -43.42 -23.60 19.30
C LEU D 318 -43.83 -22.13 19.38
N THR D 319 -42.87 -21.23 19.58
CA THR D 319 -43.17 -19.82 19.61
C THR D 319 -43.83 -19.47 18.29
N GLU D 320 -43.13 -19.67 17.18
CA GLU D 320 -43.60 -19.30 15.85
C GLU D 320 -44.92 -20.00 15.53
N GLY D 321 -45.02 -21.27 15.94
CA GLY D 321 -46.21 -22.07 15.73
C GLY D 321 -47.45 -21.57 16.44
N LEU D 322 -47.35 -21.30 17.74
CA LEU D 322 -48.53 -20.88 18.49
C LEU D 322 -48.98 -19.48 18.09
N VAL D 323 -48.01 -18.59 17.92
CA VAL D 323 -48.24 -17.26 17.36
C VAL D 323 -48.91 -17.32 15.97
N GLY D 324 -48.32 -18.10 15.07
CA GLY D 324 -48.74 -18.18 13.67
C GLY D 324 -50.20 -18.54 13.43
N ASN D 325 -50.65 -19.61 14.07
CA ASN D 325 -52.05 -20.06 13.93
C ASN D 325 -53.03 -19.23 14.75
N GLY D 326 -52.48 -18.31 15.55
CA GLY D 326 -53.26 -17.31 16.26
C GLY D 326 -53.63 -17.65 17.70
N SER D 327 -52.91 -18.59 18.30
CA SER D 327 -53.18 -19.00 19.69
C SER D 327 -52.71 -17.98 20.73
N ILE D 328 -51.87 -17.02 20.34
CA ILE D 328 -51.29 -16.02 21.26
C ILE D 328 -51.72 -14.56 20.96
N GLY D 329 -51.75 -13.72 22.02
CA GLY D 329 -52.28 -12.32 22.05
C GLY D 329 -52.05 -11.31 20.92
N GLU D 330 -52.72 -10.14 20.92
CA GLU D 330 -53.34 -9.51 22.09
C GLU D 330 -52.15 -9.10 22.95
N GLY D 331 -52.12 -9.50 24.22
CA GLY D 331 -51.00 -9.10 25.09
C GLY D 331 -50.03 -10.24 25.39
N GLY D 332 -49.53 -10.89 24.34
CA GLY D 332 -48.77 -12.13 24.50
C GLY D 332 -47.41 -11.98 25.15
N ARG D 333 -47.03 -12.98 25.94
CA ARG D 333 -45.70 -13.02 26.61
C ARG D 333 -44.96 -14.32 26.32
N VAL D 334 -43.71 -14.20 25.88
CA VAL D 334 -42.88 -15.39 25.63
C VAL D 334 -41.56 -15.31 26.43
N ILE D 335 -41.24 -16.38 27.15
CA ILE D 335 -40.08 -16.39 28.01
C ILE D 335 -39.40 -17.74 27.85
N GLY D 336 -38.25 -17.71 27.18
CA GLY D 336 -37.39 -18.89 26.99
C GLY D 336 -36.44 -18.99 28.16
N LEU D 337 -35.92 -20.18 28.42
CA LEU D 337 -34.82 -20.30 29.39
C LEU D 337 -33.48 -20.39 28.73
N SER D 338 -32.70 -19.34 28.94
CA SER D 338 -31.30 -19.36 28.61
C SER D 338 -30.52 -19.89 29.82
N SER D 339 -29.22 -19.66 29.84
CA SER D 339 -28.45 -19.91 31.02
C SER D 339 -27.16 -19.13 30.92
N ILE D 340 -26.47 -19.04 32.06
CA ILE D 340 -25.13 -18.49 32.12
C ILE D 340 -24.24 -19.22 31.14
N ALA D 341 -24.34 -20.55 31.10
CA ALA D 341 -23.58 -21.35 30.14
C ALA D 341 -23.58 -20.72 28.73
N GLY D 342 -24.73 -20.15 28.34
CA GLY D 342 -24.94 -19.55 27.00
C GLY D 342 -24.36 -18.16 26.84
N ILE D 343 -24.20 -17.44 27.95
CA ILE D 343 -23.56 -16.13 27.91
C ILE D 343 -22.03 -16.27 27.95
N ALA D 344 -21.52 -17.31 28.61
CA ALA D 344 -20.12 -17.34 29.00
C ALA D 344 -19.36 -18.53 28.47
N GLY D 345 -20.08 -19.57 28.06
CA GLY D 345 -19.43 -20.81 27.74
C GLY D 345 -19.16 -21.63 28.98
N ASN D 346 -19.29 -22.94 28.82
CA ASN D 346 -18.95 -23.90 29.84
C ASN D 346 -18.37 -25.16 29.17
N ARG D 347 -17.32 -25.71 29.77
CA ARG D 347 -16.61 -26.85 29.24
C ARG D 347 -17.56 -28.03 29.04
N GLY D 348 -17.44 -28.70 27.89
CA GLY D 348 -18.30 -29.81 27.55
C GLY D 348 -19.75 -29.46 27.21
N GLN D 349 -20.00 -28.18 26.90
CA GLN D 349 -21.36 -27.65 26.75
C GLN D 349 -21.52 -26.93 25.43
N THR D 350 -20.58 -27.15 24.52
CA THR D 350 -20.64 -26.57 23.18
C THR D 350 -22.06 -26.76 22.59
N ASN D 351 -22.63 -27.96 22.76
CA ASN D 351 -24.03 -28.20 22.37
C ASN D 351 -24.97 -27.32 23.18
N TYR D 352 -25.01 -27.54 24.48
CA TYR D 352 -25.90 -26.84 25.38
C TYR D 352 -25.74 -25.32 25.40
N ALA D 353 -24.51 -24.85 25.62
CA ALA D 353 -24.25 -23.42 25.48
C ALA D 353 -24.81 -22.90 24.13
N THR D 354 -24.44 -23.54 23.01
CA THR D 354 -24.97 -23.12 21.70
C THR D 354 -26.49 -22.97 21.73
N THR D 355 -27.21 -23.91 22.34
CA THR D 355 -28.66 -23.75 22.40
C THR D 355 -29.05 -22.56 23.30
N LYS D 356 -28.24 -22.25 24.30
CA LYS D 356 -28.59 -21.17 25.23
C LYS D 356 -28.20 -19.75 24.77
N ALA D 357 -27.15 -19.67 23.96
CA ALA D 357 -26.87 -18.49 23.15
C ALA D 357 -27.91 -18.43 22.07
N GLY D 358 -28.32 -19.60 21.55
CA GLY D 358 -29.45 -19.68 20.63
C GLY D 358 -30.77 -19.10 21.19
N MET D 359 -31.16 -19.57 22.37
CA MET D 359 -32.29 -19.02 23.11
C MET D 359 -32.25 -17.48 23.17
N ILE D 360 -31.09 -16.89 23.44
CA ILE D 360 -30.94 -15.43 23.40
C ILE D 360 -31.25 -14.93 21.98
N GLY D 361 -30.73 -15.66 20.98
CA GLY D 361 -30.90 -15.30 19.58
C GLY D 361 -32.36 -15.19 19.22
N ILE D 362 -33.16 -16.13 19.72
CA ILE D 362 -34.57 -16.13 19.48
C ILE D 362 -35.13 -14.81 20.00
N THR D 363 -34.85 -14.54 21.27
CA THR D 363 -35.33 -13.34 21.94
C THR D 363 -35.10 -12.05 21.13
N GLN D 364 -33.86 -11.79 20.75
CA GLN D 364 -33.54 -10.53 20.10
C GLN D 364 -33.99 -10.51 18.63
N ALA D 365 -34.06 -11.66 17.97
CA ALA D 365 -34.30 -11.68 16.53
C ALA D 365 -35.75 -11.49 16.16
N LEU D 366 -36.65 -11.92 17.05
CA LEU D 366 -38.08 -11.89 16.75
C LEU D 366 -38.81 -10.73 17.47
N ALA D 367 -38.20 -10.23 18.55
CA ALA D 367 -38.78 -9.13 19.37
C ALA D 367 -39.47 -8.02 18.57
N PRO D 368 -38.86 -7.56 17.46
CA PRO D 368 -39.50 -6.55 16.60
C PRO D 368 -40.64 -7.13 15.80
N GLY D 369 -40.42 -8.27 15.16
CA GLY D 369 -41.52 -8.96 14.50
C GLY D 369 -42.69 -9.04 15.45
N LEU D 370 -42.43 -9.58 16.64
CA LEU D 370 -43.46 -9.81 17.64
C LEU D 370 -44.00 -8.51 18.21
N ALA D 371 -43.19 -7.46 18.15
CA ALA D 371 -43.62 -6.12 18.58
C ALA D 371 -44.82 -5.67 17.78
N ALA D 372 -44.70 -5.73 16.46
CA ALA D 372 -45.78 -5.44 15.54
C ALA D 372 -47.09 -6.16 15.89
N LYS D 373 -47.01 -7.41 16.37
CA LYS D 373 -48.19 -8.22 16.70
C LYS D 373 -48.67 -8.03 18.15
N GLY D 374 -48.10 -7.06 18.87
CA GLY D 374 -48.43 -6.78 20.28
C GLY D 374 -47.94 -7.85 21.25
N ILE D 375 -46.81 -8.49 20.92
CA ILE D 375 -46.27 -9.57 21.75
C ILE D 375 -44.82 -9.28 22.17
N THR D 376 -44.57 -9.45 23.47
CA THR D 376 -43.23 -9.33 24.04
C THR D 376 -42.57 -10.70 24.14
N ILE D 377 -41.25 -10.70 24.08
CA ILE D 377 -40.45 -11.89 24.24
C ILE D 377 -39.19 -11.51 24.97
N ASN D 378 -38.81 -12.38 25.90
CA ASN D 378 -37.75 -12.14 26.83
C ASN D 378 -37.18 -13.48 27.21
N ALA D 379 -36.04 -13.48 27.87
CA ALA D 379 -35.38 -14.72 28.30
C ALA D 379 -34.78 -14.53 29.68
N VAL D 380 -34.81 -15.58 30.50
CA VAL D 380 -34.12 -15.61 31.78
C VAL D 380 -32.90 -16.52 31.68
N ALA D 381 -31.76 -16.08 32.22
CA ALA D 381 -30.56 -16.96 32.39
C ALA D 381 -30.30 -17.30 33.85
N PRO D 382 -30.66 -18.52 34.28
CA PRO D 382 -30.35 -18.92 35.66
C PRO D 382 -28.88 -19.33 35.86
N GLY D 383 -28.37 -19.09 37.06
CA GLY D 383 -27.00 -19.42 37.42
C GLY D 383 -26.91 -20.78 38.06
N PHE D 384 -26.70 -20.82 39.39
CA PHE D 384 -26.63 -22.10 40.13
C PHE D 384 -27.88 -22.33 40.95
N ILE D 385 -28.78 -23.13 40.39
CA ILE D 385 -30.13 -23.31 40.96
C ILE D 385 -30.30 -24.78 41.36
N GLU D 386 -30.55 -25.01 42.65
CA GLU D 386 -30.51 -26.37 43.26
C GLU D 386 -31.37 -27.44 42.52
N THR D 387 -30.74 -28.60 42.25
CA THR D 387 -31.33 -29.83 41.61
C THR D 387 -30.17 -30.75 41.19
N ILE D 393 -24.67 -33.62 40.52
CA ILE D 393 -23.55 -32.70 40.34
C ILE D 393 -22.44 -33.10 41.32
N PRO D 394 -21.15 -33.07 40.89
CA PRO D 394 -20.05 -33.47 41.83
C PRO D 394 -19.84 -32.46 42.95
N LEU D 395 -19.78 -32.95 44.19
CA LEU D 395 -19.80 -32.10 45.43
C LEU D 395 -18.83 -30.93 45.50
N ALA D 396 -17.54 -31.22 45.50
CA ALA D 396 -16.50 -30.19 45.55
C ALA D 396 -16.69 -29.08 44.49
N THR D 397 -17.43 -29.40 43.44
CA THR D 397 -17.86 -28.44 42.42
C THR D 397 -19.04 -27.56 42.87
N ARG D 398 -20.04 -28.17 43.52
CA ARG D 398 -21.13 -27.40 44.13
C ARG D 398 -20.52 -26.36 45.06
N GLU D 399 -19.75 -26.81 46.06
CA GLU D 399 -18.94 -25.92 46.93
C GLU D 399 -17.96 -25.03 46.12
N GLY D 401 -18.12 -22.81 44.26
CA GLY D 401 -18.77 -23.05 42.97
C GLY D 401 -20.16 -22.43 42.93
N ARG D 402 -20.78 -22.38 44.09
CA ARG D 402 -22.10 -21.80 44.29
C ARG D 402 -21.95 -20.69 45.32
N ARG D 403 -20.77 -20.64 45.92
CA ARG D 403 -20.40 -19.51 46.74
C ARG D 403 -19.86 -18.40 45.83
N LEU D 404 -19.62 -18.72 44.55
CA LEU D 404 -18.96 -17.79 43.62
C LEU D 404 -19.90 -16.73 43.05
N ASN D 405 -20.43 -15.91 43.94
CA ASN D 405 -21.37 -14.88 43.55
C ASN D 405 -21.51 -13.88 44.68
N SER D 406 -22.10 -12.71 44.37
CA SER D 406 -22.26 -11.63 45.34
C SER D 406 -22.96 -12.04 46.64
N LEU D 407 -24.07 -12.77 46.48
CA LEU D 407 -24.96 -13.24 47.56
C LEU D 407 -24.45 -14.49 48.27
N LEU D 408 -23.45 -15.14 47.69
CA LEU D 408 -22.72 -16.23 48.37
C LEU D 408 -23.56 -17.46 48.66
N GLN D 409 -24.51 -17.75 47.78
CA GLN D 409 -25.31 -18.96 47.96
C GLN D 409 -25.88 -19.39 46.63
N GLY D 410 -26.32 -20.63 46.54
CA GLY D 410 -27.12 -21.09 45.40
C GLY D 410 -28.44 -20.32 45.41
N GLY D 411 -29.21 -20.40 44.31
CA GLY D 411 -30.57 -19.85 44.23
C GLY D 411 -31.66 -20.90 44.19
N GLN D 412 -32.92 -20.51 44.41
CA GLN D 412 -34.03 -21.47 44.46
C GLN D 412 -34.86 -21.41 43.18
N PRO D 413 -35.58 -22.50 42.83
CA PRO D 413 -36.36 -22.48 41.59
C PRO D 413 -37.37 -21.36 41.54
N VAL D 414 -37.93 -21.00 42.70
CA VAL D 414 -38.80 -19.81 42.86
C VAL D 414 -38.25 -18.53 42.19
N ASP D 415 -36.96 -18.26 42.38
CA ASP D 415 -36.34 -17.02 41.97
C ASP D 415 -36.37 -16.83 40.44
N VAL D 416 -36.14 -17.92 39.71
CA VAL D 416 -36.26 -17.95 38.26
C VAL D 416 -37.73 -17.74 37.84
N ALA D 417 -38.62 -18.53 38.45
CA ALA D 417 -40.05 -18.43 38.23
C ALA D 417 -40.41 -16.97 38.42
N GLU D 418 -40.16 -16.43 39.61
CA GLU D 418 -40.48 -15.04 39.87
C GLU D 418 -40.09 -14.11 38.74
N ALA D 419 -38.84 -14.17 38.30
CA ALA D 419 -38.40 -13.31 37.19
C ALA D 419 -39.27 -13.51 35.94
N ILE D 420 -39.62 -14.76 35.68
CA ILE D 420 -40.36 -15.14 34.48
C ILE D 420 -41.76 -14.58 34.58
N ALA D 421 -42.28 -14.55 35.80
CA ALA D 421 -43.62 -14.00 36.04
C ALA D 421 -43.60 -12.47 35.95
N TYR D 422 -42.43 -11.89 36.13
CA TYR D 422 -42.29 -10.44 35.94
C TYR D 422 -42.50 -10.12 34.46
N PHE D 423 -41.73 -10.75 33.58
CA PHE D 423 -41.92 -10.58 32.14
C PHE D 423 -43.39 -10.88 31.75
N ALA D 424 -43.94 -11.95 32.34
CA ALA D 424 -45.31 -12.35 32.08
C ALA D 424 -46.34 -11.29 32.47
N SER D 425 -46.04 -10.48 33.50
CA SER D 425 -46.96 -9.43 33.95
C SER D 425 -47.50 -8.64 32.75
N PRO D 426 -48.84 -8.49 32.67
CA PRO D 426 -49.40 -7.75 31.53
C PRO D 426 -48.98 -6.29 31.55
N ALA D 427 -48.37 -5.88 32.65
CA ALA D 427 -47.91 -4.51 32.80
C ALA D 427 -46.52 -4.35 32.20
N SER D 428 -45.92 -5.46 31.75
CA SER D 428 -44.54 -5.46 31.29
C SER D 428 -44.42 -5.37 29.77
N ASN D 429 -45.44 -4.76 29.15
CA ASN D 429 -45.50 -4.61 27.69
C ASN D 429 -44.37 -3.79 27.10
N ALA D 430 -43.79 -2.89 27.88
CA ALA D 430 -42.65 -2.10 27.40
C ALA D 430 -41.33 -2.82 27.60
N VAL D 431 -41.37 -3.97 28.27
CA VAL D 431 -40.19 -4.80 28.55
C VAL D 431 -40.08 -5.96 27.53
N THR D 432 -39.15 -5.85 26.60
CA THR D 432 -39.02 -6.85 25.56
C THR D 432 -37.59 -6.87 25.03
N GLY D 433 -37.18 -8.03 24.51
CA GLY D 433 -35.83 -8.20 24.00
C GLY D 433 -34.87 -8.53 25.12
N ASN D 434 -35.36 -8.66 26.35
CA ASN D 434 -34.46 -8.73 27.50
C ASN D 434 -33.95 -10.14 27.81
N VAL D 435 -32.74 -10.21 28.37
CA VAL D 435 -32.20 -11.44 28.92
C VAL D 435 -31.74 -11.03 30.30
N ILE D 436 -32.37 -11.58 31.32
CA ILE D 436 -31.96 -11.27 32.67
C ILE D 436 -31.30 -12.49 33.29
N ARG D 437 -30.11 -12.31 33.84
CA ARG D 437 -29.47 -13.38 34.61
C ARG D 437 -30.05 -13.38 36.03
N VAL D 438 -30.55 -14.54 36.45
CA VAL D 438 -30.83 -14.83 37.86
C VAL D 438 -29.66 -15.67 38.37
N CYS D 439 -28.71 -15.01 39.01
CA CYS D 439 -27.45 -15.67 39.37
C CYS D 439 -26.86 -15.13 40.66
N GLY D 440 -27.55 -14.16 41.26
CA GLY D 440 -27.04 -13.53 42.47
C GLY D 440 -25.76 -12.75 42.19
N GLN D 441 -25.73 -12.11 41.02
CA GLN D 441 -24.52 -11.55 40.47
C GLN D 441 -23.41 -12.58 40.57
N ALA D 442 -23.47 -13.57 39.68
CA ALA D 442 -22.44 -14.60 39.68
C ALA D 442 -21.18 -14.01 39.08
N MET D 443 -20.06 -14.34 39.70
CA MET D 443 -18.77 -13.92 39.25
C MET D 443 -18.53 -14.21 37.76
N ILE D 444 -19.06 -15.32 37.25
CA ILE D 444 -18.75 -15.74 35.87
C ILE D 444 -19.57 -15.00 34.81
N GLY D 445 -18.95 -14.67 33.68
CA GLY D 445 -19.65 -14.16 32.52
C GLY D 445 -18.77 -13.97 31.30
N ALA D 446 -19.25 -13.12 30.37
CA ALA D 446 -18.59 -12.79 29.10
C ALA D 446 -17.76 -11.50 29.19
PA NAD E . -2.04 5.90 -17.48
O1A NAD E . -2.34 5.82 -18.92
O2A NAD E . -2.61 4.74 -16.69
O5B NAD E . -2.57 7.36 -16.98
C5B NAD E . -2.47 7.73 -15.63
C4B NAD E . -3.72 8.40 -15.05
O4B NAD E . -3.88 9.72 -15.56
C3B NAD E . -4.99 7.63 -15.35
O3B NAD E . -5.60 7.31 -14.12
C2B NAD E . -5.86 8.57 -16.17
O2B NAD E . -7.22 8.57 -15.76
C1B NAD E . -5.24 9.92 -15.88
N9A NAD E . -5.52 10.86 -16.97
C8A NAD E . -5.63 10.65 -18.31
N7A NAD E . -5.97 11.82 -18.91
C5A NAD E . -6.10 12.75 -17.95
C6A NAD E . -6.43 14.09 -17.97
N6A NAD E . -7.01 14.63 -19.03
N1A NAD E . -6.48 14.77 -16.76
C2A NAD E . -6.20 14.17 -15.55
N3A NAD E . -5.87 12.85 -15.55
C4A NAD E . -5.83 12.15 -16.72
O3 NAD E . -0.42 5.92 -17.30
PN NAD E . 0.38 4.82 -16.46
O1N NAD E . 0.56 3.63 -17.32
O2N NAD E . -0.17 4.58 -15.11
O5D NAD E . 1.81 5.54 -16.32
C5D NAD E . 1.93 6.85 -15.77
C4D NAD E . 2.71 7.76 -16.70
O4D NAD E . 3.89 7.09 -17.02
C3D NAD E . 1.99 7.97 -18.03
O3D NAD E . 2.26 9.25 -18.55
C2D NAD E . 2.61 6.99 -18.99
O2D NAD E . 2.54 7.56 -20.27
C1D NAD E . 4.01 6.86 -18.41
N1N NAD E . 4.66 5.56 -18.60
C2N NAD E . 4.08 4.36 -18.18
C3N NAD E . 4.75 3.14 -18.38
C7N NAD E . 4.12 1.80 -18.06
O7N NAD E . 2.85 1.71 -17.46
N7N NAD E . 4.79 0.69 -18.36
C4N NAD E . 6.01 3.14 -19.00
C5N NAD E . 6.58 4.36 -19.42
C6N NAD E . 5.89 5.56 -19.19
O29 ZPG F . 7.43 -1.59 -25.44
C27 ZPG F . 8.53 -1.00 -26.15
C28 ZPG F . 9.58 -0.40 -25.20
C24 ZPG F . 9.11 -2.05 -27.10
O23 ZPG F . 9.64 -3.17 -26.39
C22 ZPG F . 9.11 -4.44 -26.80
C26 ZPG F . 8.06 -4.94 -25.80
C21 ZPG F . 10.32 -5.36 -26.95
O20 ZPG F . 10.01 -6.72 -27.31
C20 ZPG F . 9.60 -7.00 -28.66
C25 ZPG F . 9.18 -8.46 -28.68
C18 ZPG F . 10.67 -6.71 -29.73
O17 ZPG F . 11.76 -7.65 -29.76
PA NAD G . 39.35 -5.76 -38.89
O1A NAD G . 40.12 -6.01 -37.62
O2A NAD G . 39.54 -6.78 -39.95
O5B NAD G . 39.83 -4.36 -39.48
C5B NAD G . 40.85 -3.71 -38.74
C4B NAD G . 42.12 -3.51 -39.55
O4B NAD G . 42.97 -2.71 -38.74
C3B NAD G . 42.90 -4.79 -39.86
O3B NAD G . 43.25 -4.78 -41.23
C2B NAD G . 44.14 -4.73 -38.99
O2B NAD G . 45.31 -5.21 -39.65
C1B NAD G . 44.28 -3.23 -38.78
N9A NAD G . 45.02 -2.86 -37.56
C8A NAD G . 44.87 -3.35 -36.29
N7A NAD G . 45.76 -2.71 -35.50
C5A NAD G . 46.47 -1.83 -36.25
C6A NAD G . 47.50 -0.92 -35.95
N6A NAD G . 48.13 -0.97 -34.78
N1A NAD G . 48.02 -0.11 -36.97
C2A NAD G . 47.54 -0.22 -38.27
N3A NAD G . 46.53 -1.12 -38.55
C4A NAD G . 46.01 -1.91 -37.56
O3 NAD G . 37.76 -5.70 -38.48
PN NAD G . 36.63 -4.64 -38.92
O1N NAD G . 35.34 -5.14 -38.36
O2N NAD G . 36.71 -4.43 -40.40
O5D NAD G . 37.10 -3.32 -38.09
C5D NAD G . 36.99 -1.99 -38.60
C4D NAD G . 36.67 -0.89 -37.55
O4D NAD G . 35.26 -0.72 -37.37
C3D NAD G . 37.24 -1.15 -36.16
O3D NAD G . 37.67 0.05 -35.59
C2D NAD G . 36.04 -1.67 -35.40
O2D NAD G . 36.19 -1.46 -34.02
C1D NAD G . 34.86 -0.94 -36.03
N1N NAD G . 33.59 -1.70 -35.91
C2N NAD G . 33.25 -2.73 -36.76
C3N NAD G . 32.05 -3.43 -36.60
C7N NAD G . 31.90 -4.79 -37.22
O7N NAD G . 30.64 -5.46 -37.18
N7N NAD G . 32.99 -5.32 -37.78
C4N NAD G . 31.18 -3.10 -35.56
C5N NAD G . 31.52 -2.06 -34.69
C6N NAD G . 32.73 -1.38 -34.88
PA NAD H . 0.29 2.07 35.38
O1A NAD H . -0.12 2.86 36.57
O2A NAD H . 1.47 1.25 35.74
O5B NAD H . 0.70 3.05 34.17
C5B NAD H . -0.09 4.18 33.91
C4B NAD H . 0.84 5.35 33.62
O4B NAD H . 0.01 6.47 33.44
C3B NAD H . 1.82 5.70 34.75
O3B NAD H . 3.08 5.96 34.18
C2B NAD H . 1.28 6.98 35.37
O2B NAD H . 2.30 7.86 35.77
C1B NAD H . 0.56 7.55 34.17
N9A NAD H . -0.47 8.56 34.50
C8A NAD H . -1.35 8.59 35.55
N7A NAD H . -2.08 9.72 35.40
C5A NAD H . -1.67 10.39 34.30
C6A NAD H . -2.07 11.57 33.70
N6A NAD H . -2.87 12.40 34.36
N1A NAD H . -1.44 12.00 32.54
C2A NAD H . -0.41 11.26 31.99
N3A NAD H . -0.03 10.08 32.59
C4A NAD H . -0.66 9.66 33.72
O3 NAD H . -1.01 1.28 34.79
PN NAD H . -1.00 -0.16 34.01
O1N NAD H . -1.67 -1.14 34.91
O2N NAD H . 0.30 -0.47 33.39
O5D NAD H . -1.98 -0.01 32.72
C5D NAD H . -2.26 1.21 32.08
C4D NAD H . -3.73 1.14 31.64
O4D NAD H . -4.15 -0.21 31.60
C3D NAD H . -4.63 1.88 32.64
O3D NAD H . -5.70 2.56 32.00
C2D NAD H . -5.19 0.76 33.48
O2D NAD H . -6.37 1.21 34.12
C1D NAD H . -5.32 -0.34 32.39
N1N NAD H . -5.53 -1.70 32.91
C2N NAD H . -4.57 -2.37 33.65
C3N NAD H . -4.80 -3.66 34.17
C7N NAD H . -3.82 -4.32 35.10
O7N NAD H . -4.26 -5.25 36.08
N7N NAD H . -2.52 -4.02 34.97
C4N NAD H . -6.03 -4.27 33.90
C5N NAD H . -6.99 -3.58 33.16
C6N NAD H . -6.74 -2.30 32.67
PA NAD I . -34.84 -30.34 34.30
O1A NAD I . -34.10 -31.61 34.12
O2A NAD I . -35.99 -30.56 35.22
O5B NAD I . -35.25 -29.73 32.84
C5B NAD I . -36.02 -30.43 31.89
C4B NAD I . -37.47 -30.64 32.33
O4B NAD I . -38.30 -30.64 31.18
C3B NAD I . -37.61 -32.01 32.96
O3B NAD I . -38.48 -31.98 34.08
C2B NAD I . -38.12 -32.90 31.84
O2B NAD I . -39.02 -33.89 32.32
C1B NAD I . -38.78 -31.93 30.85
N9A NAD I . -38.43 -32.24 29.44
C8A NAD I . -37.17 -32.47 28.94
N7A NAD I . -37.23 -32.70 27.61
C5A NAD I . -38.53 -32.62 27.24
C6A NAD I . -39.13 -32.78 26.00
N6A NAD I . -38.37 -32.93 24.91
N1A NAD I . -40.50 -32.62 25.90
C2A NAD I . -41.24 -32.33 27.03
N3A NAD I . -40.64 -32.19 28.26
C4A NAD I . -39.29 -32.33 28.36
O3 NAD I . -33.88 -29.16 34.87
PN NAD I . -34.29 -27.69 35.42
O1N NAD I . -33.21 -27.29 36.35
O2N NAD I . -35.69 -27.67 35.93
O5D NAD I . -34.21 -26.82 34.06
C5D NAD I . -35.09 -25.75 33.71
C4D NAD I . -34.50 -25.00 32.51
O4D NAD I . -33.53 -24.07 32.96
C3D NAD I . -33.80 -25.90 31.51
O3D NAD I . -34.24 -25.62 30.20
C2D NAD I . -32.32 -25.61 31.63
O2D NAD I . -31.78 -25.48 30.34
C1D NAD I . -32.25 -24.29 32.38
N1N NAD I . -31.13 -24.18 33.37
C2N NAD I . -31.20 -24.63 34.67
C3N NAD I . -30.10 -24.46 35.53
C7N NAD I . -30.19 -24.83 37.00
O7N NAD I . -31.41 -25.25 37.57
N7N NAD I . -29.08 -24.75 37.76
C4N NAD I . -28.93 -23.85 35.08
C5N NAD I . -28.87 -23.40 33.77
C6N NAD I . -29.98 -23.57 32.94
#